data_1FD9
# 
_entry.id   1FD9 
# 
_audit_conform.dict_name       mmcif_pdbx.dic 
_audit_conform.dict_version    5.385 
_audit_conform.dict_location   http://mmcif.pdb.org/dictionaries/ascii/mmcif_pdbx.dic 
# 
loop_
_database_2.database_id 
_database_2.database_code 
_database_2.pdbx_database_accession 
_database_2.pdbx_DOI 
PDB   1FD9         pdb_00001fd9 10.2210/pdb1fd9/pdb 
RCSB  RCSB011497   ?            ?                   
WWPDB D_1000011497 ?            ?                   
# 
loop_
_pdbx_audit_revision_history.ordinal 
_pdbx_audit_revision_history.data_content_type 
_pdbx_audit_revision_history.major_revision 
_pdbx_audit_revision_history.minor_revision 
_pdbx_audit_revision_history.revision_date 
1 'Structure model' 1 0 2001-07-25 
2 'Structure model' 1 1 2008-04-27 
3 'Structure model' 1 2 2011-07-13 
4 'Structure model' 1 3 2018-01-24 
5 'Structure model' 1 4 2024-02-07 
# 
_pdbx_audit_revision_details.ordinal             1 
_pdbx_audit_revision_details.revision_ordinal    1 
_pdbx_audit_revision_details.data_content_type   'Structure model' 
_pdbx_audit_revision_details.provider            repository 
_pdbx_audit_revision_details.type                'Initial release' 
_pdbx_audit_revision_details.description         ? 
_pdbx_audit_revision_details.details             ? 
# 
loop_
_pdbx_audit_revision_group.ordinal 
_pdbx_audit_revision_group.revision_ordinal 
_pdbx_audit_revision_group.data_content_type 
_pdbx_audit_revision_group.group 
1 2 'Structure model' 'Version format compliance' 
2 3 'Structure model' 'Derived calculations'      
3 3 'Structure model' 'Version format compliance' 
4 4 'Structure model' Advisory                    
5 4 'Structure model' 'Structure summary'         
6 5 'Structure model' Advisory                    
7 5 'Structure model' 'Data collection'           
8 5 'Structure model' 'Database references'       
9 5 'Structure model' 'Derived calculations'      
# 
loop_
_pdbx_audit_revision_category.ordinal 
_pdbx_audit_revision_category.revision_ordinal 
_pdbx_audit_revision_category.data_content_type 
_pdbx_audit_revision_category.category 
1  4 'Structure model' audit_author                 
2  4 'Structure model' pdbx_unobs_or_zero_occ_atoms 
3  5 'Structure model' chem_comp_atom               
4  5 'Structure model' chem_comp_bond               
5  5 'Structure model' database_2                   
6  5 'Structure model' pdbx_struct_conn_angle       
7  5 'Structure model' pdbx_unobs_or_zero_occ_atoms 
8  5 'Structure model' struct_conn                  
9  5 'Structure model' struct_ref_seq_dif           
10 5 'Structure model' struct_site                  
# 
loop_
_pdbx_audit_revision_item.ordinal 
_pdbx_audit_revision_item.revision_ordinal 
_pdbx_audit_revision_item.data_content_type 
_pdbx_audit_revision_item.item 
1  4 'Structure model' '_audit_author.name'                          
2  5 'Structure model' '_database_2.pdbx_DOI'                        
3  5 'Structure model' '_database_2.pdbx_database_accession'         
4  5 'Structure model' '_pdbx_struct_conn_angle.ptnr1_auth_comp_id'  
5  5 'Structure model' '_pdbx_struct_conn_angle.ptnr1_auth_seq_id'   
6  5 'Structure model' '_pdbx_struct_conn_angle.ptnr1_label_asym_id' 
7  5 'Structure model' '_pdbx_struct_conn_angle.ptnr1_label_atom_id' 
8  5 'Structure model' '_pdbx_struct_conn_angle.ptnr1_label_comp_id' 
9  5 'Structure model' '_pdbx_struct_conn_angle.ptnr1_label_seq_id'  
10 5 'Structure model' '_pdbx_struct_conn_angle.ptnr1_symmetry'      
11 5 'Structure model' '_pdbx_struct_conn_angle.ptnr3_auth_comp_id'  
12 5 'Structure model' '_pdbx_struct_conn_angle.ptnr3_auth_seq_id'   
13 5 'Structure model' '_pdbx_struct_conn_angle.ptnr3_label_asym_id' 
14 5 'Structure model' '_pdbx_struct_conn_angle.ptnr3_label_atom_id' 
15 5 'Structure model' '_pdbx_struct_conn_angle.ptnr3_label_comp_id' 
16 5 'Structure model' '_pdbx_struct_conn_angle.ptnr3_label_seq_id'  
17 5 'Structure model' '_pdbx_struct_conn_angle.ptnr3_symmetry'      
18 5 'Structure model' '_pdbx_struct_conn_angle.value'               
19 5 'Structure model' '_struct_conn.pdbx_dist_value'                
20 5 'Structure model' '_struct_conn.ptnr1_auth_comp_id'             
21 5 'Structure model' '_struct_conn.ptnr1_auth_seq_id'              
22 5 'Structure model' '_struct_conn.ptnr1_label_asym_id'            
23 5 'Structure model' '_struct_conn.ptnr1_label_atom_id'            
24 5 'Structure model' '_struct_conn.ptnr1_label_comp_id'            
25 5 'Structure model' '_struct_conn.ptnr1_label_seq_id'             
26 5 'Structure model' '_struct_conn.ptnr1_symmetry'                 
27 5 'Structure model' '_struct_conn.ptnr2_auth_comp_id'             
28 5 'Structure model' '_struct_conn.ptnr2_auth_seq_id'              
29 5 'Structure model' '_struct_conn.ptnr2_label_asym_id'            
30 5 'Structure model' '_struct_conn.ptnr2_label_atom_id'            
31 5 'Structure model' '_struct_conn.ptnr2_label_comp_id'            
32 5 'Structure model' '_struct_conn.ptnr2_label_seq_id'             
33 5 'Structure model' '_struct_conn.ptnr2_symmetry'                 
34 5 'Structure model' '_struct_ref_seq_dif.details'                 
35 5 'Structure model' '_struct_site.pdbx_auth_asym_id'              
36 5 'Structure model' '_struct_site.pdbx_auth_comp_id'              
37 5 'Structure model' '_struct_site.pdbx_auth_seq_id'               
# 
_pdbx_database_status.status_code                     REL 
_pdbx_database_status.entry_id                        1FD9 
_pdbx_database_status.recvd_initial_deposition_date   2000-07-20 
_pdbx_database_status.deposit_site                    RCSB 
_pdbx_database_status.process_site                    RCSB 
_pdbx_database_status.SG_entry                        . 
_pdbx_database_status.pdb_format_compatible           Y 
_pdbx_database_status.status_code_mr                  ? 
_pdbx_database_status.status_code_sf                  ? 
_pdbx_database_status.status_code_cs                  ? 
_pdbx_database_status.methods_development_category    ? 
_pdbx_database_status.status_code_nmr_data            ? 
# 
loop_
_audit_author.name 
_audit_author.pdbx_ordinal 
'Riboldi-Tunnicliffe, A.' 1 
'Jessen, S.'              2 
'Konig, B.'               3 
'Rahfeld, J.'             4 
'Hacker, J.'              5 
'Fischer, G.'             6 
'Hilgenfeld, R.'          7 
# 
loop_
_citation.id 
_citation.title 
_citation.journal_abbrev 
_citation.journal_volume 
_citation.page_first 
_citation.page_last 
_citation.year 
_citation.journal_id_ASTM 
_citation.country 
_citation.journal_id_ISSN 
_citation.journal_id_CSD 
_citation.book_publisher 
_citation.pdbx_database_id_PubMed 
_citation.pdbx_database_id_DOI 
primary 'Crystal structure of Mip, a prolylisomerase from Legionella pneumophila'                                      
Nat.Struct.Biol.      8   779  783  2001 NSBIEW US 1072-8368 2024 ? 11524681 10.1038/nsb0901-779            
1       'Mip protein of Legionella pneumophila exhibits peptidyl-prolyl-cis/trans isomerase (PPlase) activity.'        
Mol.Microbiol.        6   1375 1383 1992 MOMIEE UK 0950-382X 2007 ? ?        ?                              
2       'Characterization of Mip proteins of Legionella pneumophila.'                                                  
'FEMS Microbiol.Rev.' 118 23   30   1994 FMREE4 NE 0168-6445 2078 ? ?        '10.1016/0378-1097(94)90591-6' 
3       'Small angle X-ray solution scattering study on the dimerization of the FKBP25mem from Legionella pneumophila' 
'FEBS Lett.'          372 169  172  1995 FEBLAL NE 0014-5793 0165 ? ?        '10.1016/0014-5793(95)00951-5' 
# 
loop_
_citation_author.citation_id 
_citation_author.name 
_citation_author.ordinal 
_citation_author.identifier_ORCID 
primary 'Riboldi-Tunnicliffe, A.' 1  ? 
primary 'Konig, B.'               2  ? 
primary 'Jessen, S.'              3  ? 
primary 'Weiss, M.S.'             4  ? 
primary 'Rahfeld, J.'             5  ? 
primary 'Hacker, J.'              6  ? 
primary 'Fischer, G.'             7  ? 
primary 'Hilgenfeld, R.'          8  ? 
1       'Fischer, G.'             9  ? 
1       'Bang, H.'                10 ? 
1       'Ludwig, B.'              11 ? 
1       'Mann, K.'                12 ? 
1       'Hacker, J.'              13 ? 
2       'Ludwig, B.'              14 ? 
2       'Rahfeld, J.'             15 ? 
2       'Schmidt, B.'             16 ? 
2       'Mann, K.'                17 ? 
2       'Wintermeyer, E.'         18 ? 
2       'Fischer, G.'             19 ? 
2       'Hacker, J.'              20 ? 
3       'Schmidt, B.'             21 ? 
3       'Konig, S.'               22 ? 
3       'Svergun, D.'             23 ? 
3       'Volkov, V.'              24 ? 
3       'Fischer, G.'             25 ? 
3       'Koch, M.H.'              26 ? 
# 
loop_
_entity.id 
_entity.type 
_entity.src_method 
_entity.pdbx_description 
_entity.formula_weight 
_entity.pdbx_number_of_molecules 
_entity.pdbx_ec 
_entity.pdbx_mutation 
_entity.pdbx_fragment 
_entity.details 
1 polymer     man 'PROTEIN (MACROPHAGE INFECTIVITY POTENTIATOR PROTEIN)' 22869.012 1  5.2.1.8 ? ? ? 
2 non-polymer syn 'ZINC ION'                                             65.409    2  ?       ? ? ? 
3 water       nat water                                                  18.015    96 ?       ? ? ? 
# 
_entity_name_com.entity_id   1 
_entity_name_com.name        'MIP, PEPTIDYL-PROLYL CIS-TRANS ISOMERASE, PPIASE, ROTAMASE' 
# 
_entity_poly.entity_id                      1 
_entity_poly.type                           'polypeptide(L)' 
_entity_poly.nstd_linkage                   no 
_entity_poly.nstd_monomer                   no 
_entity_poly.pdbx_seq_one_letter_code       
;ATDATSLATDKDKLSYSIGADLGKNFKNQGIDVNPEAMAKGMQDAMSGAQLALTEQQMKDVLNKFQKDLMAKRTAEFNKK
ADENKVKGEAFLTENKNKPGVVVLPSGLQYKVINSGNGVKPGKSDTVTVEYTGRLIDGTVFDSTEKTGKPATFQVSQVIP
GWTEALQLMPAGSTWEIYVPSGLAYGPRSVGGPIGPNETLIFKIHLISVKKSS
;
_entity_poly.pdbx_seq_one_letter_code_can   
;ATDATSLATDKDKLSYSIGADLGKNFKNQGIDVNPEAMAKGMQDAMSGAQLALTEQQMKDVLNKFQKDLMAKRTAEFNKK
ADENKVKGEAFLTENKNKPGVVVLPSGLQYKVINSGNGVKPGKSDTVTVEYTGRLIDGTVFDSTEKTGKPATFQVSQVIP
GWTEALQLMPAGSTWEIYVPSGLAYGPRSVGGPIGPNETLIFKIHLISVKKSS
;
_entity_poly.pdbx_strand_id                 A 
_entity_poly.pdbx_target_identifier         ? 
# 
loop_
_pdbx_entity_nonpoly.entity_id 
_pdbx_entity_nonpoly.name 
_pdbx_entity_nonpoly.comp_id 
2 'ZINC ION' ZN  
3 water      HOH 
# 
loop_
_entity_poly_seq.entity_id 
_entity_poly_seq.num 
_entity_poly_seq.mon_id 
_entity_poly_seq.hetero 
1 1   ALA n 
1 2   THR n 
1 3   ASP n 
1 4   ALA n 
1 5   THR n 
1 6   SER n 
1 7   LEU n 
1 8   ALA n 
1 9   THR n 
1 10  ASP n 
1 11  LYS n 
1 12  ASP n 
1 13  LYS n 
1 14  LEU n 
1 15  SER n 
1 16  TYR n 
1 17  SER n 
1 18  ILE n 
1 19  GLY n 
1 20  ALA n 
1 21  ASP n 
1 22  LEU n 
1 23  GLY n 
1 24  LYS n 
1 25  ASN n 
1 26  PHE n 
1 27  LYS n 
1 28  ASN n 
1 29  GLN n 
1 30  GLY n 
1 31  ILE n 
1 32  ASP n 
1 33  VAL n 
1 34  ASN n 
1 35  PRO n 
1 36  GLU n 
1 37  ALA n 
1 38  MET n 
1 39  ALA n 
1 40  LYS n 
1 41  GLY n 
1 42  MET n 
1 43  GLN n 
1 44  ASP n 
1 45  ALA n 
1 46  MET n 
1 47  SER n 
1 48  GLY n 
1 49  ALA n 
1 50  GLN n 
1 51  LEU n 
1 52  ALA n 
1 53  LEU n 
1 54  THR n 
1 55  GLU n 
1 56  GLN n 
1 57  GLN n 
1 58  MET n 
1 59  LYS n 
1 60  ASP n 
1 61  VAL n 
1 62  LEU n 
1 63  ASN n 
1 64  LYS n 
1 65  PHE n 
1 66  GLN n 
1 67  LYS n 
1 68  ASP n 
1 69  LEU n 
1 70  MET n 
1 71  ALA n 
1 72  LYS n 
1 73  ARG n 
1 74  THR n 
1 75  ALA n 
1 76  GLU n 
1 77  PHE n 
1 78  ASN n 
1 79  LYS n 
1 80  LYS n 
1 81  ALA n 
1 82  ASP n 
1 83  GLU n 
1 84  ASN n 
1 85  LYS n 
1 86  VAL n 
1 87  LYS n 
1 88  GLY n 
1 89  GLU n 
1 90  ALA n 
1 91  PHE n 
1 92  LEU n 
1 93  THR n 
1 94  GLU n 
1 95  ASN n 
1 96  LYS n 
1 97  ASN n 
1 98  LYS n 
1 99  PRO n 
1 100 GLY n 
1 101 VAL n 
1 102 VAL n 
1 103 VAL n 
1 104 LEU n 
1 105 PRO n 
1 106 SER n 
1 107 GLY n 
1 108 LEU n 
1 109 GLN n 
1 110 TYR n 
1 111 LYS n 
1 112 VAL n 
1 113 ILE n 
1 114 ASN n 
1 115 SER n 
1 116 GLY n 
1 117 ASN n 
1 118 GLY n 
1 119 VAL n 
1 120 LYS n 
1 121 PRO n 
1 122 GLY n 
1 123 LYS n 
1 124 SER n 
1 125 ASP n 
1 126 THR n 
1 127 VAL n 
1 128 THR n 
1 129 VAL n 
1 130 GLU n 
1 131 TYR n 
1 132 THR n 
1 133 GLY n 
1 134 ARG n 
1 135 LEU n 
1 136 ILE n 
1 137 ASP n 
1 138 GLY n 
1 139 THR n 
1 140 VAL n 
1 141 PHE n 
1 142 ASP n 
1 143 SER n 
1 144 THR n 
1 145 GLU n 
1 146 LYS n 
1 147 THR n 
1 148 GLY n 
1 149 LYS n 
1 150 PRO n 
1 151 ALA n 
1 152 THR n 
1 153 PHE n 
1 154 GLN n 
1 155 VAL n 
1 156 SER n 
1 157 GLN n 
1 158 VAL n 
1 159 ILE n 
1 160 PRO n 
1 161 GLY n 
1 162 TRP n 
1 163 THR n 
1 164 GLU n 
1 165 ALA n 
1 166 LEU n 
1 167 GLN n 
1 168 LEU n 
1 169 MET n 
1 170 PRO n 
1 171 ALA n 
1 172 GLY n 
1 173 SER n 
1 174 THR n 
1 175 TRP n 
1 176 GLU n 
1 177 ILE n 
1 178 TYR n 
1 179 VAL n 
1 180 PRO n 
1 181 SER n 
1 182 GLY n 
1 183 LEU n 
1 184 ALA n 
1 185 TYR n 
1 186 GLY n 
1 187 PRO n 
1 188 ARG n 
1 189 SER n 
1 190 VAL n 
1 191 GLY n 
1 192 GLY n 
1 193 PRO n 
1 194 ILE n 
1 195 GLY n 
1 196 PRO n 
1 197 ASN n 
1 198 GLU n 
1 199 THR n 
1 200 LEU n 
1 201 ILE n 
1 202 PHE n 
1 203 LYS n 
1 204 ILE n 
1 205 HIS n 
1 206 LEU n 
1 207 ILE n 
1 208 SER n 
1 209 VAL n 
1 210 LYS n 
1 211 LYS n 
1 212 SER n 
1 213 SER n 
# 
_entity_src_gen.entity_id                          1 
_entity_src_gen.pdbx_src_id                        1 
_entity_src_gen.pdbx_alt_source_flag               sample 
_entity_src_gen.pdbx_seq_type                      ? 
_entity_src_gen.pdbx_beg_seq_num                   ? 
_entity_src_gen.pdbx_end_seq_num                   ? 
_entity_src_gen.gene_src_common_name               ? 
_entity_src_gen.gene_src_genus                     Legionella 
_entity_src_gen.pdbx_gene_src_gene                 ? 
_entity_src_gen.gene_src_species                   ? 
_entity_src_gen.gene_src_strain                    ? 
_entity_src_gen.gene_src_tissue                    ? 
_entity_src_gen.gene_src_tissue_fraction           ? 
_entity_src_gen.gene_src_details                   ? 
_entity_src_gen.pdbx_gene_src_fragment             ? 
_entity_src_gen.pdbx_gene_src_scientific_name      'Legionella pneumophila' 
_entity_src_gen.pdbx_gene_src_ncbi_taxonomy_id     446 
_entity_src_gen.pdbx_gene_src_variant              ? 
_entity_src_gen.pdbx_gene_src_cell_line            ? 
_entity_src_gen.pdbx_gene_src_atcc                 ? 
_entity_src_gen.pdbx_gene_src_organ                ? 
_entity_src_gen.pdbx_gene_src_organelle            ? 
_entity_src_gen.pdbx_gene_src_cell                 ? 
_entity_src_gen.pdbx_gene_src_cellular_location    ? 
_entity_src_gen.host_org_common_name               ? 
_entity_src_gen.pdbx_host_org_scientific_name      'Escherichia coli' 
_entity_src_gen.pdbx_host_org_ncbi_taxonomy_id     562 
_entity_src_gen.host_org_genus                     Escherichia 
_entity_src_gen.pdbx_host_org_gene                 ? 
_entity_src_gen.pdbx_host_org_organ                ? 
_entity_src_gen.host_org_species                   ? 
_entity_src_gen.pdbx_host_org_tissue               ? 
_entity_src_gen.pdbx_host_org_tissue_fraction      ? 
_entity_src_gen.pdbx_host_org_strain               ? 
_entity_src_gen.pdbx_host_org_variant              ? 
_entity_src_gen.pdbx_host_org_cell_line            ? 
_entity_src_gen.pdbx_host_org_atcc                 ? 
_entity_src_gen.pdbx_host_org_culture_collection   ? 
_entity_src_gen.pdbx_host_org_cell                 ? 
_entity_src_gen.pdbx_host_org_organelle            ? 
_entity_src_gen.pdbx_host_org_cellular_location    ? 
_entity_src_gen.pdbx_host_org_vector_type          PLASMID 
_entity_src_gen.pdbx_host_org_vector               ? 
_entity_src_gen.host_org_details                   ? 
_entity_src_gen.expression_system_id               ? 
_entity_src_gen.plasmid_name                       PBLL106 
_entity_src_gen.plasmid_details                    ? 
_entity_src_gen.pdbx_description                   ? 
# 
loop_
_chem_comp.id 
_chem_comp.type 
_chem_comp.mon_nstd_flag 
_chem_comp.name 
_chem_comp.pdbx_synonyms 
_chem_comp.formula 
_chem_comp.formula_weight 
ALA 'L-peptide linking' y ALANINE         ? 'C3 H7 N O2'     89.093  
ARG 'L-peptide linking' y ARGININE        ? 'C6 H15 N4 O2 1' 175.209 
ASN 'L-peptide linking' y ASPARAGINE      ? 'C4 H8 N2 O3'    132.118 
ASP 'L-peptide linking' y 'ASPARTIC ACID' ? 'C4 H7 N O4'     133.103 
GLN 'L-peptide linking' y GLUTAMINE       ? 'C5 H10 N2 O3'   146.144 
GLU 'L-peptide linking' y 'GLUTAMIC ACID' ? 'C5 H9 N O4'     147.129 
GLY 'peptide linking'   y GLYCINE         ? 'C2 H5 N O2'     75.067  
HIS 'L-peptide linking' y HISTIDINE       ? 'C6 H10 N3 O2 1' 156.162 
HOH non-polymer         . WATER           ? 'H2 O'           18.015  
ILE 'L-peptide linking' y ISOLEUCINE      ? 'C6 H13 N O2'    131.173 
LEU 'L-peptide linking' y LEUCINE         ? 'C6 H13 N O2'    131.173 
LYS 'L-peptide linking' y LYSINE          ? 'C6 H15 N2 O2 1' 147.195 
MET 'L-peptide linking' y METHIONINE      ? 'C5 H11 N O2 S'  149.211 
PHE 'L-peptide linking' y PHENYLALANINE   ? 'C9 H11 N O2'    165.189 
PRO 'L-peptide linking' y PROLINE         ? 'C5 H9 N O2'     115.130 
SER 'L-peptide linking' y SERINE          ? 'C3 H7 N O3'     105.093 
THR 'L-peptide linking' y THREONINE       ? 'C4 H9 N O3'     119.119 
TRP 'L-peptide linking' y TRYPTOPHAN      ? 'C11 H12 N2 O2'  204.225 
TYR 'L-peptide linking' y TYROSINE        ? 'C9 H11 N O3'    181.189 
VAL 'L-peptide linking' y VALINE          ? 'C5 H11 N O2'    117.146 
ZN  non-polymer         . 'ZINC ION'      ? 'Zn 2'           65.409  
# 
loop_
_pdbx_poly_seq_scheme.asym_id 
_pdbx_poly_seq_scheme.entity_id 
_pdbx_poly_seq_scheme.seq_id 
_pdbx_poly_seq_scheme.mon_id 
_pdbx_poly_seq_scheme.ndb_seq_num 
_pdbx_poly_seq_scheme.pdb_seq_num 
_pdbx_poly_seq_scheme.auth_seq_num 
_pdbx_poly_seq_scheme.pdb_mon_id 
_pdbx_poly_seq_scheme.auth_mon_id 
_pdbx_poly_seq_scheme.pdb_strand_id 
_pdbx_poly_seq_scheme.pdb_ins_code 
_pdbx_poly_seq_scheme.hetero 
A 1 1   ALA 1   1   ?   ?   ?   A . n 
A 1 2   THR 2   2   ?   ?   ?   A . n 
A 1 3   ASP 3   3   ?   ?   ?   A . n 
A 1 4   ALA 4   4   ?   ?   ?   A . n 
A 1 5   THR 5   5   ?   ?   ?   A . n 
A 1 6   SER 6   6   ?   ?   ?   A . n 
A 1 7   LEU 7   7   ?   ?   ?   A . n 
A 1 8   ALA 8   8   ?   ?   ?   A . n 
A 1 9   THR 9   9   9   THR THR A . n 
A 1 10  ASP 10  10  10  ASP ASP A . n 
A 1 11  LYS 11  11  11  LYS LYS A . n 
A 1 12  ASP 12  12  12  ASP ASP A . n 
A 1 13  LYS 13  13  13  LYS LYS A . n 
A 1 14  LEU 14  14  14  LEU LEU A . n 
A 1 15  SER 15  15  15  SER SER A . n 
A 1 16  TYR 16  16  16  TYR TYR A . n 
A 1 17  SER 17  17  17  SER SER A . n 
A 1 18  ILE 18  18  18  ILE ILE A . n 
A 1 19  GLY 19  19  19  GLY GLY A . n 
A 1 20  ALA 20  20  20  ALA ALA A . n 
A 1 21  ASP 21  21  21  ASP ASP A . n 
A 1 22  LEU 22  22  22  LEU LEU A . n 
A 1 23  GLY 23  23  23  GLY GLY A . n 
A 1 24  LYS 24  24  24  LYS LYS A . n 
A 1 25  ASN 25  25  25  ASN ASN A . n 
A 1 26  PHE 26  26  26  PHE PHE A . n 
A 1 27  LYS 27  27  27  LYS LYS A . n 
A 1 28  ASN 28  28  28  ASN ASN A . n 
A 1 29  GLN 29  29  29  GLN GLN A . n 
A 1 30  GLY 30  30  30  GLY GLY A . n 
A 1 31  ILE 31  31  31  ILE ILE A . n 
A 1 32  ASP 32  32  32  ASP ASP A . n 
A 1 33  VAL 33  33  33  VAL VAL A . n 
A 1 34  ASN 34  34  34  ASN ASN A . n 
A 1 35  PRO 35  35  35  PRO PRO A . n 
A 1 36  GLU 36  36  36  GLU GLU A . n 
A 1 37  ALA 37  37  37  ALA ALA A . n 
A 1 38  MET 38  38  38  MET MET A . n 
A 1 39  ALA 39  39  39  ALA ALA A . n 
A 1 40  LYS 40  40  40  LYS LYS A . n 
A 1 41  GLY 41  41  41  GLY GLY A . n 
A 1 42  MET 42  42  42  MET MET A . n 
A 1 43  GLN 43  43  43  GLN GLN A . n 
A 1 44  ASP 44  44  44  ASP ASP A . n 
A 1 45  ALA 45  45  45  ALA ALA A . n 
A 1 46  MET 46  46  46  MET MET A . n 
A 1 47  SER 47  47  47  SER SER A . n 
A 1 48  GLY 48  48  48  GLY GLY A . n 
A 1 49  ALA 49  49  49  ALA ALA A . n 
A 1 50  GLN 50  50  50  GLN GLN A . n 
A 1 51  LEU 51  51  51  LEU LEU A . n 
A 1 52  ALA 52  52  52  ALA ALA A . n 
A 1 53  LEU 53  53  53  LEU LEU A . n 
A 1 54  THR 54  54  54  THR THR A . n 
A 1 55  GLU 55  55  55  GLU GLU A . n 
A 1 56  GLN 56  56  56  GLN GLN A . n 
A 1 57  GLN 57  57  57  GLN GLN A . n 
A 1 58  MET 58  58  58  MET MET A . n 
A 1 59  LYS 59  59  59  LYS LYS A . n 
A 1 60  ASP 60  60  60  ASP ASP A . n 
A 1 61  VAL 61  61  61  VAL VAL A . n 
A 1 62  LEU 62  62  62  LEU LEU A . n 
A 1 63  ASN 63  63  63  ASN ASN A . n 
A 1 64  LYS 64  64  64  LYS LYS A . n 
A 1 65  PHE 65  65  65  PHE PHE A . n 
A 1 66  GLN 66  66  66  GLN GLN A . n 
A 1 67  LYS 67  67  67  LYS LYS A . n 
A 1 68  ASP 68  68  68  ASP ASP A . n 
A 1 69  LEU 69  69  69  LEU LEU A . n 
A 1 70  MET 70  70  70  MET MET A . n 
A 1 71  ALA 71  71  71  ALA ALA A . n 
A 1 72  LYS 72  72  72  LYS LYS A . n 
A 1 73  ARG 73  73  73  ARG ARG A . n 
A 1 74  THR 74  74  74  THR THR A . n 
A 1 75  ALA 75  75  75  ALA ALA A . n 
A 1 76  GLU 76  76  76  GLU GLU A . n 
A 1 77  PHE 77  77  77  PHE PHE A . n 
A 1 78  ASN 78  78  78  ASN ASN A . n 
A 1 79  LYS 79  79  79  LYS LYS A . n 
A 1 80  LYS 80  80  80  LYS LYS A . n 
A 1 81  ALA 81  81  81  ALA ALA A . n 
A 1 82  ASP 82  82  82  ASP ASP A . n 
A 1 83  GLU 83  83  83  GLU GLU A . n 
A 1 84  ASN 84  84  84  ASN ASN A . n 
A 1 85  LYS 85  85  85  LYS LYS A . n 
A 1 86  VAL 86  86  86  VAL VAL A . n 
A 1 87  LYS 87  87  87  LYS LYS A . n 
A 1 88  GLY 88  88  88  GLY GLY A . n 
A 1 89  GLU 89  89  89  GLU GLU A . n 
A 1 90  ALA 90  90  90  ALA ALA A . n 
A 1 91  PHE 91  91  91  PHE PHE A . n 
A 1 92  LEU 92  92  92  LEU LEU A . n 
A 1 93  THR 93  93  93  THR THR A . n 
A 1 94  GLU 94  94  94  GLU GLU A . n 
A 1 95  ASN 95  95  95  ASN ASN A . n 
A 1 96  LYS 96  96  96  LYS LYS A . n 
A 1 97  ASN 97  97  97  ASN ASN A . n 
A 1 98  LYS 98  98  98  LYS LYS A . n 
A 1 99  PRO 99  99  99  PRO PRO A . n 
A 1 100 GLY 100 100 100 GLY GLY A . n 
A 1 101 VAL 101 101 101 VAL VAL A . n 
A 1 102 VAL 102 102 102 VAL VAL A . n 
A 1 103 VAL 103 103 103 VAL VAL A . n 
A 1 104 LEU 104 104 104 LEU LEU A . n 
A 1 105 PRO 105 105 105 PRO PRO A . n 
A 1 106 SER 106 106 106 SER SER A . n 
A 1 107 GLY 107 107 107 GLY GLY A . n 
A 1 108 LEU 108 108 108 LEU LEU A . n 
A 1 109 GLN 109 109 109 GLN GLN A . n 
A 1 110 TYR 110 110 110 TYR TYR A . n 
A 1 111 LYS 111 111 111 LYS LYS A . n 
A 1 112 VAL 112 112 112 VAL VAL A . n 
A 1 113 ILE 113 113 113 ILE ILE A . n 
A 1 114 ASN 114 114 114 ASN ASN A . n 
A 1 115 SER 115 115 115 SER SER A . n 
A 1 116 GLY 116 116 116 GLY GLY A . n 
A 1 117 ASN 117 117 117 ASN ASN A . n 
A 1 118 GLY 118 118 118 GLY GLY A . n 
A 1 119 VAL 119 119 119 VAL VAL A . n 
A 1 120 LYS 120 120 120 LYS LYS A . n 
A 1 121 PRO 121 121 121 PRO PRO A . n 
A 1 122 GLY 122 122 122 GLY GLY A . n 
A 1 123 LYS 123 123 123 LYS LYS A . n 
A 1 124 SER 124 124 124 SER SER A . n 
A 1 125 ASP 125 125 125 ASP ASP A . n 
A 1 126 THR 126 126 126 THR THR A . n 
A 1 127 VAL 127 127 127 VAL VAL A . n 
A 1 128 THR 128 128 128 THR THR A . n 
A 1 129 VAL 129 129 129 VAL VAL A . n 
A 1 130 GLU 130 130 130 GLU GLU A . n 
A 1 131 TYR 131 131 131 TYR TYR A . n 
A 1 132 THR 132 132 132 THR THR A . n 
A 1 133 GLY 133 133 133 GLY GLY A . n 
A 1 134 ARG 134 134 134 ARG ARG A . n 
A 1 135 LEU 135 135 135 LEU LEU A . n 
A 1 136 ILE 136 136 136 ILE ILE A . n 
A 1 137 ASP 137 137 137 ASP ASP A . n 
A 1 138 GLY 138 138 138 GLY GLY A . n 
A 1 139 THR 139 139 139 THR THR A . n 
A 1 140 VAL 140 140 140 VAL VAL A . n 
A 1 141 PHE 141 141 141 PHE PHE A . n 
A 1 142 ASP 142 142 142 ASP ASP A . n 
A 1 143 SER 143 143 143 SER SER A . n 
A 1 144 THR 144 144 144 THR THR A . n 
A 1 145 GLU 145 145 145 GLU GLU A . n 
A 1 146 LYS 146 146 146 LYS LYS A . n 
A 1 147 THR 147 147 147 THR THR A . n 
A 1 148 GLY 148 148 148 GLY GLY A . n 
A 1 149 LYS 149 149 149 LYS LYS A . n 
A 1 150 PRO 150 150 150 PRO PRO A . n 
A 1 151 ALA 151 151 151 ALA ALA A . n 
A 1 152 THR 152 152 152 THR THR A . n 
A 1 153 PHE 153 153 153 PHE PHE A . n 
A 1 154 GLN 154 154 154 GLN GLN A . n 
A 1 155 VAL 155 155 155 VAL VAL A . n 
A 1 156 SER 156 156 156 SER SER A . n 
A 1 157 GLN 157 157 157 GLN GLN A . n 
A 1 158 VAL 158 158 158 VAL VAL A . n 
A 1 159 ILE 159 159 159 ILE ILE A . n 
A 1 160 PRO 160 160 160 PRO PRO A . n 
A 1 161 GLY 161 161 161 GLY GLY A . n 
A 1 162 TRP 162 162 162 TRP TRP A . n 
A 1 163 THR 163 163 163 THR THR A . n 
A 1 164 GLU 164 164 164 GLU GLU A . n 
A 1 165 ALA 165 165 165 ALA ALA A . n 
A 1 166 LEU 166 166 166 LEU LEU A . n 
A 1 167 GLN 167 167 167 GLN GLN A . n 
A 1 168 LEU 168 168 168 LEU LEU A . n 
A 1 169 MET 169 169 169 MET MET A . n 
A 1 170 PRO 170 170 170 PRO PRO A . n 
A 1 171 ALA 171 171 171 ALA ALA A . n 
A 1 172 GLY 172 172 172 GLY GLY A . n 
A 1 173 SER 173 173 173 SER SER A . n 
A 1 174 THR 174 174 174 THR THR A . n 
A 1 175 TRP 175 175 175 TRP TRP A . n 
A 1 176 GLU 176 176 176 GLU GLU A . n 
A 1 177 ILE 177 177 177 ILE ILE A . n 
A 1 178 TYR 178 178 178 TYR TYR A . n 
A 1 179 VAL 179 179 179 VAL VAL A . n 
A 1 180 PRO 180 180 180 PRO PRO A . n 
A 1 181 SER 181 181 181 SER SER A . n 
A 1 182 GLY 182 182 182 GLY GLY A . n 
A 1 183 LEU 183 183 183 LEU LEU A . n 
A 1 184 ALA 184 184 184 ALA ALA A . n 
A 1 185 TYR 185 185 185 TYR TYR A . n 
A 1 186 GLY 186 186 186 GLY GLY A . n 
A 1 187 PRO 187 187 187 PRO PRO A . n 
A 1 188 ARG 188 188 188 ARG ARG A . n 
A 1 189 SER 189 189 189 SER SER A . n 
A 1 190 VAL 190 190 190 VAL VAL A . n 
A 1 191 GLY 191 191 191 GLY GLY A . n 
A 1 192 GLY 192 192 192 GLY GLY A . n 
A 1 193 PRO 193 193 193 PRO PRO A . n 
A 1 194 ILE 194 194 194 ILE ILE A . n 
A 1 195 GLY 195 195 195 GLY GLY A . n 
A 1 196 PRO 196 196 196 PRO PRO A . n 
A 1 197 ASN 197 197 197 ASN ASN A . n 
A 1 198 GLU 198 198 198 GLU GLU A . n 
A 1 199 THR 199 199 199 THR THR A . n 
A 1 200 LEU 200 200 200 LEU LEU A . n 
A 1 201 ILE 201 201 201 ILE ILE A . n 
A 1 202 PHE 202 202 202 PHE PHE A . n 
A 1 203 LYS 203 203 203 LYS LYS A . n 
A 1 204 ILE 204 204 204 ILE ILE A . n 
A 1 205 HIS 205 205 205 HIS HIS A . n 
A 1 206 LEU 206 206 206 LEU LEU A . n 
A 1 207 ILE 207 207 207 ILE ILE A . n 
A 1 208 SER 208 208 208 SER SER A . n 
A 1 209 VAL 209 209 209 VAL VAL A . n 
A 1 210 LYS 210 210 210 LYS LYS A . n 
A 1 211 LYS 211 211 211 LYS LYS A . n 
A 1 212 SER 212 212 212 SER SER A . n 
A 1 213 SER 213 213 ?   ?   ?   A . n 
# 
loop_
_pdbx_nonpoly_scheme.asym_id 
_pdbx_nonpoly_scheme.entity_id 
_pdbx_nonpoly_scheme.mon_id 
_pdbx_nonpoly_scheme.ndb_seq_num 
_pdbx_nonpoly_scheme.pdb_seq_num 
_pdbx_nonpoly_scheme.auth_seq_num 
_pdbx_nonpoly_scheme.pdb_mon_id 
_pdbx_nonpoly_scheme.auth_mon_id 
_pdbx_nonpoly_scheme.pdb_strand_id 
_pdbx_nonpoly_scheme.pdb_ins_code 
B 2 ZN  1  401 401 ZN  ZN  A . 
C 2 ZN  1  402 402 ZN  ZN  A . 
D 3 HOH 1  403 213 HOH TIP A . 
D 3 HOH 2  404 214 HOH TIP A . 
D 3 HOH 3  405 215 HOH TIP A . 
D 3 HOH 4  406 216 HOH TIP A . 
D 3 HOH 5  407 217 HOH TIP A . 
D 3 HOH 6  408 218 HOH TIP A . 
D 3 HOH 7  409 219 HOH TIP A . 
D 3 HOH 8  410 220 HOH TIP A . 
D 3 HOH 9  411 221 HOH TIP A . 
D 3 HOH 10 412 222 HOH TIP A . 
D 3 HOH 11 413 223 HOH TIP A . 
D 3 HOH 12 414 224 HOH TIP A . 
D 3 HOH 13 415 225 HOH TIP A . 
D 3 HOH 14 416 226 HOH TIP A . 
D 3 HOH 15 417 227 HOH TIP A . 
D 3 HOH 16 418 228 HOH TIP A . 
D 3 HOH 17 419 229 HOH TIP A . 
D 3 HOH 18 420 230 HOH TIP A . 
D 3 HOH 19 421 231 HOH TIP A . 
D 3 HOH 20 422 232 HOH TIP A . 
D 3 HOH 21 423 234 HOH TIP A . 
D 3 HOH 22 424 235 HOH TIP A . 
D 3 HOH 23 425 236 HOH TIP A . 
D 3 HOH 24 426 237 HOH TIP A . 
D 3 HOH 25 427 238 HOH TIP A . 
D 3 HOH 26 428 240 HOH TIP A . 
D 3 HOH 27 429 241 HOH TIP A . 
D 3 HOH 28 430 244 HOH TIP A . 
D 3 HOH 29 431 246 HOH TIP A . 
D 3 HOH 30 432 247 HOH TIP A . 
D 3 HOH 31 433 248 HOH TIP A . 
D 3 HOH 32 434 249 HOH TIP A . 
D 3 HOH 33 435 250 HOH TIP A . 
D 3 HOH 34 436 255 HOH TIP A . 
D 3 HOH 35 437 256 HOH TIP A . 
D 3 HOH 36 438 263 HOH TIP A . 
D 3 HOH 37 439 264 HOH TIP A . 
D 3 HOH 38 440 265 HOH TIP A . 
D 3 HOH 39 441 267 HOH TIP A . 
D 3 HOH 40 442 268 HOH TIP A . 
D 3 HOH 41 443 270 HOH TIP A . 
D 3 HOH 42 444 272 HOH TIP A . 
D 3 HOH 43 445 273 HOH TIP A . 
D 3 HOH 44 446 274 HOH TIP A . 
D 3 HOH 45 447 276 HOH TIP A . 
D 3 HOH 46 448 277 HOH TIP A . 
D 3 HOH 47 449 278 HOH TIP A . 
D 3 HOH 48 450 279 HOH TIP A . 
D 3 HOH 49 451 280 HOH TIP A . 
D 3 HOH 50 452 281 HOH TIP A . 
D 3 HOH 51 453 282 HOH TIP A . 
D 3 HOH 52 454 283 HOH TIP A . 
D 3 HOH 53 455 285 HOH TIP A . 
D 3 HOH 54 456 286 HOH TIP A . 
D 3 HOH 55 457 287 HOH TIP A . 
D 3 HOH 56 458 288 HOH TIP A . 
D 3 HOH 57 459 290 HOH TIP A . 
D 3 HOH 58 460 291 HOH TIP A . 
D 3 HOH 59 461 292 HOH TIP A . 
D 3 HOH 60 462 294 HOH TIP A . 
D 3 HOH 61 463 296 HOH TIP A . 
D 3 HOH 62 464 297 HOH TIP A . 
D 3 HOH 63 465 298 HOH TIP A . 
D 3 HOH 64 466 299 HOH TIP A . 
D 3 HOH 65 467 300 HOH TIP A . 
D 3 HOH 66 468 301 HOH TIP A . 
D 3 HOH 67 469 302 HOH TIP A . 
D 3 HOH 68 470 303 HOH TIP A . 
D 3 HOH 69 471 305 HOH TIP A . 
D 3 HOH 70 472 306 HOH TIP A . 
D 3 HOH 71 473 307 HOH TIP A . 
D 3 HOH 72 474 309 HOH TIP A . 
D 3 HOH 73 475 310 HOH TIP A . 
D 3 HOH 74 476 311 HOH TIP A . 
D 3 HOH 75 477 312 HOH TIP A . 
D 3 HOH 76 478 313 HOH TIP A . 
D 3 HOH 77 479 314 HOH TIP A . 
D 3 HOH 78 480 315 HOH TIP A . 
D 3 HOH 79 481 316 HOH TIP A . 
D 3 HOH 80 482 317 HOH TIP A . 
D 3 HOH 81 483 318 HOH TIP A . 
D 3 HOH 82 484 319 HOH TIP A . 
D 3 HOH 83 485 320 HOH TIP A . 
D 3 HOH 84 486 321 HOH TIP A . 
D 3 HOH 85 487 323 HOH TIP A . 
D 3 HOH 86 488 325 HOH TIP A . 
D 3 HOH 87 489 326 HOH TIP A . 
D 3 HOH 88 490 327 HOH TIP A . 
D 3 HOH 89 491 328 HOH TIP A . 
D 3 HOH 90 492 332 HOH TIP A . 
D 3 HOH 91 493 333 HOH TIP A . 
D 3 HOH 92 494 334 HOH TIP A . 
D 3 HOH 93 495 336 HOH TIP A . 
D 3 HOH 94 496 338 HOH TIP A . 
D 3 HOH 95 497 339 HOH TIP A . 
D 3 HOH 96 498 340 HOH TIP A . 
# 
loop_
_pdbx_unobs_or_zero_occ_atoms.id 
_pdbx_unobs_or_zero_occ_atoms.PDB_model_num 
_pdbx_unobs_or_zero_occ_atoms.polymer_flag 
_pdbx_unobs_or_zero_occ_atoms.occupancy_flag 
_pdbx_unobs_or_zero_occ_atoms.auth_asym_id 
_pdbx_unobs_or_zero_occ_atoms.auth_comp_id 
_pdbx_unobs_or_zero_occ_atoms.auth_seq_id 
_pdbx_unobs_or_zero_occ_atoms.PDB_ins_code 
_pdbx_unobs_or_zero_occ_atoms.auth_atom_id 
_pdbx_unobs_or_zero_occ_atoms.label_alt_id 
_pdbx_unobs_or_zero_occ_atoms.label_asym_id 
_pdbx_unobs_or_zero_occ_atoms.label_comp_id 
_pdbx_unobs_or_zero_occ_atoms.label_seq_id 
_pdbx_unobs_or_zero_occ_atoms.label_atom_id 
1  1 Y 0 A GLU 36  ? CD  ? A GLU 36  CD  
2  1 Y 0 A GLU 36  ? OE1 ? A GLU 36  OE1 
3  1 Y 0 A GLU 36  ? OE2 ? A GLU 36  OE2 
4  1 Y 0 A GLN 43  ? CD  ? A GLN 43  CD  
5  1 Y 0 A GLN 43  ? OE1 ? A GLN 43  OE1 
6  1 Y 0 A GLN 43  ? NE2 ? A GLN 43  NE2 
7  1 Y 0 A GLU 55  ? CG  ? A GLU 55  CG  
8  1 Y 0 A GLU 55  ? CD  ? A GLU 55  CD  
9  1 Y 0 A GLU 55  ? OE1 ? A GLU 55  OE1 
10 1 Y 0 A GLU 55  ? OE2 ? A GLU 55  OE2 
11 1 Y 0 A LYS 59  ? CE  ? A LYS 59  CE  
12 1 Y 0 A LYS 59  ? NZ  ? A LYS 59  NZ  
13 1 Y 0 A LYS 64  ? CE  ? A LYS 64  CE  
14 1 Y 0 A LYS 64  ? NZ  ? A LYS 64  NZ  
15 1 Y 0 A ASP 68  ? CG  ? A ASP 68  CG  
16 1 Y 0 A ASP 68  ? OD1 ? A ASP 68  OD1 
17 1 Y 0 A ASP 68  ? OD2 ? A ASP 68  OD2 
18 1 Y 0 A LYS 72  ? CG  ? A LYS 72  CG  
19 1 Y 0 A LYS 72  ? CD  ? A LYS 72  CD  
20 1 Y 0 A LYS 72  ? CE  ? A LYS 72  CE  
21 1 Y 0 A LYS 72  ? NZ  ? A LYS 72  NZ  
22 1 Y 0 A LYS 96  ? CG  ? A LYS 96  CG  
23 1 Y 0 A LYS 96  ? CD  ? A LYS 96  CD  
24 1 Y 0 A LYS 96  ? CE  ? A LYS 96  CE  
25 1 Y 0 A LYS 96  ? NZ  ? A LYS 96  NZ  
26 1 Y 0 A LYS 146 ? CG  ? A LYS 146 CG  
27 1 Y 0 A LYS 146 ? CD  ? A LYS 146 CD  
28 1 Y 0 A LYS 146 ? CE  ? A LYS 146 CE  
29 1 Y 0 A LYS 146 ? NZ  ? A LYS 146 NZ  
30 1 Y 0 A LYS 149 ? CG  ? A LYS 149 CG  
31 1 Y 0 A LYS 149 ? CD  ? A LYS 149 CD  
32 1 Y 0 A LYS 149 ? CE  ? A LYS 149 CE  
33 1 Y 0 A LYS 149 ? NZ  ? A LYS 149 NZ  
34 1 Y 0 A ARG 188 ? CG  ? A ARG 188 CG  
35 1 Y 0 A ARG 188 ? CD  ? A ARG 188 CD  
36 1 Y 0 A ARG 188 ? NE  ? A ARG 188 NE  
37 1 Y 0 A ARG 188 ? CZ  ? A ARG 188 CZ  
38 1 Y 0 A ARG 188 ? NH1 ? A ARG 188 NH1 
39 1 Y 0 A ARG 188 ? NH2 ? A ARG 188 NH2 
# 
loop_
_software.name 
_software.classification 
_software.version 
_software.citation_id 
_software.pdbx_ordinal 
SHARP phasing          .         ? 1 
CNS   refinement       .         ? 2 
DENZO 'data reduction' .         ? 3 
CCP4  'data scaling'   '(SCALA)' ? 4 
# 
_cell.entry_id           1FD9 
_cell.length_a           80.750 
_cell.length_b           80.750 
_cell.length_c           103.260 
_cell.angle_alpha        90.00 
_cell.angle_beta         90.00 
_cell.angle_gamma        90.00 
_cell.Z_PDB              8 
_cell.pdbx_unique_axis   ? 
# 
_symmetry.entry_id                         1FD9 
_symmetry.space_group_name_H-M             'P 43 21 2' 
_symmetry.pdbx_full_space_group_name_H-M   ? 
_symmetry.cell_setting                     ? 
_symmetry.Int_Tables_number                96 
# 
_exptl.entry_id          1FD9 
_exptl.method            'X-RAY DIFFRACTION' 
_exptl.crystals_number   1 
# 
_exptl_crystal.id                    1 
_exptl_crystal.density_meas          ? 
_exptl_crystal.density_Matthews      3.65 
_exptl_crystal.density_percent_sol   65.0 
_exptl_crystal.description           ? 
# 
_exptl_crystal_grow.crystal_id      1 
_exptl_crystal_grow.method          'VAPOR DIFFUSION, HANGING DROP' 
_exptl_crystal_grow.pH              6.5 
_exptl_crystal_grow.temp            288 
_exptl_crystal_grow.temp_details    ? 
_exptl_crystal_grow.pdbx_details    'PEG 8,000, zinc acetate, cacodylate, pH 6.5, VAPOR DIFFUSION, HANGING DROP, temperature 288K' 
_exptl_crystal_grow.pdbx_pH_range   . 
# 
_diffrn.id                     1 
_diffrn.ambient_temp           100.0 
_diffrn.ambient_temp_details   ? 
_diffrn.crystal_id             1 
# 
_diffrn_detector.diffrn_id              1 
_diffrn_detector.detector               'IMAGE PLATE' 
_diffrn_detector.type                   MARRESEARCH 
_diffrn_detector.pdbx_collection_date   1998-12-02 
_diffrn_detector.details                ? 
# 
_diffrn_radiation.diffrn_id                        1 
_diffrn_radiation.wavelength_id                    1 
_diffrn_radiation.pdbx_monochromatic_or_laue_m_l   M 
_diffrn_radiation.monochromator                    ? 
_diffrn_radiation.pdbx_diffrn_protocol             MAD 
_diffrn_radiation.pdbx_scattering_type             x-ray 
# 
_diffrn_radiation_wavelength.id           1 
_diffrn_radiation_wavelength.wavelength   1.2790 
_diffrn_radiation_wavelength.wt           1.0 
# 
_diffrn_source.diffrn_id                   1 
_diffrn_source.source                      SYNCHROTRON 
_diffrn_source.type                        'ELETTRA BEAMLINE 5.2R' 
_diffrn_source.pdbx_synchrotron_site       ELETTRA 
_diffrn_source.pdbx_synchrotron_beamline   5.2R 
_diffrn_source.pdbx_wavelength             1.2790 
_diffrn_source.pdbx_wavelength_list        ? 
# 
_reflns.entry_id                     1FD9 
_reflns.observed_criterion_sigma_I   2.000 
_reflns.observed_criterion_sigma_F   ? 
_reflns.d_resolution_low             22.400 
_reflns.d_resolution_high            2.410 
_reflns.number_obs                   13545 
_reflns.number_all                   ? 
_reflns.percent_possible_obs         98.1 
_reflns.pdbx_Rmerge_I_obs            0.0720000 
_reflns.pdbx_Rsym_value              0.0750000 
_reflns.pdbx_netI_over_sigmaI        2.7000 
_reflns.B_iso_Wilson_estimate        39.6 
_reflns.pdbx_redundancy              2.580 
_reflns.R_free_details               ? 
_reflns.limit_h_max                  ? 
_reflns.limit_h_min                  ? 
_reflns.limit_k_max                  ? 
_reflns.limit_k_min                  ? 
_reflns.limit_l_max                  ? 
_reflns.limit_l_min                  ? 
_reflns.observed_criterion_F_max     ? 
_reflns.observed_criterion_F_min     ? 
_reflns.pdbx_ordinal                 1 
_reflns.pdbx_diffrn_id               1 
# 
_reflns_shell.d_res_high             2.41 
_reflns_shell.d_res_low              2.55 
_reflns_shell.percent_possible_all   88.2 
_reflns_shell.Rmerge_I_obs           0.1830000 
_reflns_shell.pdbx_Rsym_value        0.2300000 
_reflns_shell.meanI_over_sigI_obs    2.4 
_reflns_shell.pdbx_redundancy        2.10 
_reflns_shell.percent_possible_obs   ? 
_reflns_shell.number_unique_all      ? 
_reflns_shell.pdbx_ordinal           1 
_reflns_shell.pdbx_diffrn_id         1 
# 
_refine.entry_id                                 1FD9 
_refine.ls_number_reflns_obs                     13545 
_refine.ls_number_reflns_all                     ? 
_refine.pdbx_ls_sigma_I                          ? 
_refine.pdbx_ls_sigma_F                          0.000 
_refine.pdbx_data_cutoff_high_absF               ? 
_refine.pdbx_data_cutoff_low_absF                ? 
_refine.pdbx_data_cutoff_high_rms_absF           ? 
_refine.ls_d_res_low                             22.40 
_refine.ls_d_res_high                            2.41 
_refine.ls_percent_reflns_obs                    98.1 
_refine.ls_R_factor_obs                          0.2302000 
_refine.ls_R_factor_all                          ? 
_refine.ls_R_factor_R_work                       0.2302000 
_refine.ls_R_factor_R_free                       0.2800000 
_refine.ls_R_factor_R_free_error                 0.009 
_refine.ls_R_factor_R_free_error_details         ? 
_refine.ls_percent_reflns_R_free                 8 
_refine.ls_number_reflns_R_free                  1089 
_refine.ls_number_parameters                     ? 
_refine.ls_number_restraints                     ? 
_refine.occupancy_min                            ? 
_refine.occupancy_max                            ? 
_refine.B_iso_mean                               59.6 
_refine.aniso_B[1][1]                            10.00 
_refine.aniso_B[2][2]                            10.00 
_refine.aniso_B[3][3]                            -20.00 
_refine.aniso_B[1][2]                            0.00 
_refine.aniso_B[1][3]                            0.00 
_refine.aniso_B[2][3]                            0.00 
_refine.solvent_model_details                    'FLAT MODEL' 
_refine.solvent_model_param_ksol                 0.370 
_refine.solvent_model_param_bsol                 84.82 
_refine.pdbx_ls_cross_valid_method               THROUGHOUT 
_refine.details                                  ? 
_refine.pdbx_starting_model                      ? 
_refine.pdbx_method_to_determine_struct          MAD 
_refine.pdbx_isotropic_thermal_model             ? 
_refine.pdbx_stereochemistry_target_values       'ENGH & HUBER' 
_refine.pdbx_stereochem_target_val_spec_case     ? 
_refine.pdbx_R_Free_selection_details            RANDOM 
_refine.pdbx_overall_ESU_R                       ? 
_refine.pdbx_overall_ESU_R_Free                  ? 
_refine.overall_SU_ML                            ? 
_refine.overall_SU_B                             ? 
_refine.ls_redundancy_reflns_obs                 ? 
_refine.B_iso_min                                ? 
_refine.B_iso_max                                ? 
_refine.correlation_coeff_Fo_to_Fc               ? 
_refine.overall_SU_R_Cruickshank_DPI             ? 
_refine.overall_SU_R_free                        ? 
_refine.correlation_coeff_Fo_to_Fc_free          ? 
_refine.pdbx_solvent_vdw_probe_radii             ? 
_refine.pdbx_solvent_ion_probe_radii             ? 
_refine.pdbx_solvent_shrinkage_radii             ? 
_refine.pdbx_refine_id                           'X-RAY DIFFRACTION' 
_refine.pdbx_diffrn_id                           1 
_refine.pdbx_TLS_residual_ADP_flag               ? 
_refine.pdbx_overall_phase_error                 ? 
_refine.pdbx_overall_SU_R_free_Cruickshank_DPI   ? 
_refine.pdbx_overall_SU_R_Blow_DPI               ? 
_refine.pdbx_overall_SU_R_free_Blow_DPI          ? 
# 
_refine_analyze.entry_id                        1FD9 
_refine_analyze.Luzzati_coordinate_error_obs    0.32 
_refine_analyze.Luzzati_sigma_a_obs             0.26 
_refine_analyze.Luzzati_d_res_low_obs           5.00 
_refine_analyze.Luzzati_coordinate_error_free   0.41 
_refine_analyze.Luzzati_sigma_a_free            0.31 
_refine_analyze.Luzzati_d_res_low_free          ? 
_refine_analyze.number_disordered_residues      ? 
_refine_analyze.occupancy_sum_hydrogen          ? 
_refine_analyze.occupancy_sum_non_hydrogen      ? 
_refine_analyze.pdbx_Luzzati_d_res_high_obs     ? 
_refine_analyze.pdbx_refine_id                  'X-RAY DIFFRACTION' 
# 
_refine_hist.pdbx_refine_id                   'X-RAY DIFFRACTION' 
_refine_hist.cycle_id                         LAST 
_refine_hist.pdbx_number_atoms_protein        1547 
_refine_hist.pdbx_number_atoms_nucleic_acid   0 
_refine_hist.pdbx_number_atoms_ligand         2 
_refine_hist.number_atoms_solvent             96 
_refine_hist.number_atoms_total               1645 
_refine_hist.d_res_high                       2.41 
_refine_hist.d_res_low                        22.40 
# 
loop_
_refine_ls_restr.type 
_refine_ls_restr.dev_ideal 
_refine_ls_restr.dev_ideal_target 
_refine_ls_restr.weight 
_refine_ls_restr.number 
_refine_ls_restr.pdbx_refine_id 
_refine_ls_restr.pdbx_restraint_function 
c_bond_d                0.010 ?    ? ? 'X-RAY DIFFRACTION' ? 
c_bond_d_na             ?     ?    ? ? 'X-RAY DIFFRACTION' ? 
c_bond_d_prot           ?     ?    ? ? 'X-RAY DIFFRACTION' ? 
c_angle_d               ?     ?    ? ? 'X-RAY DIFFRACTION' ? 
c_angle_d_na            ?     ?    ? ? 'X-RAY DIFFRACTION' ? 
c_angle_d_prot          ?     ?    ? ? 'X-RAY DIFFRACTION' ? 
c_angle_deg             1.6   ?    ? ? 'X-RAY DIFFRACTION' ? 
c_angle_deg_na          ?     ?    ? ? 'X-RAY DIFFRACTION' ? 
c_angle_deg_prot        ?     ?    ? ? 'X-RAY DIFFRACTION' ? 
c_dihedral_angle_d      22.1  ?    ? ? 'X-RAY DIFFRACTION' ? 
c_dihedral_angle_d_na   ?     ?    ? ? 'X-RAY DIFFRACTION' ? 
c_dihedral_angle_d_prot ?     ?    ? ? 'X-RAY DIFFRACTION' ? 
c_improper_angle_d      0.95  ?    ? ? 'X-RAY DIFFRACTION' ? 
c_improper_angle_d_na   ?     ?    ? ? 'X-RAY DIFFRACTION' ? 
c_improper_angle_d_prot ?     ?    ? ? 'X-RAY DIFFRACTION' ? 
c_mcbond_it             5.34  1.50 ? ? 'X-RAY DIFFRACTION' ? 
c_mcangle_it            6.97  2.00 ? ? 'X-RAY DIFFRACTION' ? 
c_scbond_it             7.60  2.00 ? ? 'X-RAY DIFFRACTION' ? 
c_scangle_it            9.29  2.50 ? ? 'X-RAY DIFFRACTION' ? 
# 
_refine_ls_shell.pdbx_total_number_of_bins_used   6 
_refine_ls_shell.d_res_high                       2.40 
_refine_ls_shell.d_res_low                        2.55 
_refine_ls_shell.number_reflns_R_work             1833 
_refine_ls_shell.R_factor_R_work                  0.2570000 
_refine_ls_shell.percent_reflns_obs               88.2 
_refine_ls_shell.R_factor_R_free                  0.3030000 
_refine_ls_shell.R_factor_R_free_error            .024 
_refine_ls_shell.percent_reflns_R_free            8.1 
_refine_ls_shell.number_reflns_R_free             161 
_refine_ls_shell.redundancy_reflns_obs            ? 
_refine_ls_shell.number_reflns_all                ? 
_refine_ls_shell.number_reflns_obs                ? 
_refine_ls_shell.pdbx_refine_id                   'X-RAY DIFFRACTION' 
_refine_ls_shell.R_factor_all                     ? 
# 
loop_
_pdbx_xplor_file.serial_no 
_pdbx_xplor_file.param_file 
_pdbx_xplor_file.topol_file 
_pdbx_xplor_file.pdbx_refine_id 
1 PROTEIN_REP.PARAM PROTEIN.TOP  'X-RAY DIFFRACTION' 
2 WATER.PARAM       WATER.TOP    'X-RAY DIFFRACTION' 
3 PARAM_NEW.ION     TOPH_NEW.ION 'X-RAY DIFFRACTION' 
# 
_struct.entry_id                  1FD9 
_struct.title                     
'CRYSTAL STRUCTURE OF THE MACROPHAGE INFECTIVITY POTENTIATOR PROTEIN (MIP) A MAJOR VIRULENCE FACTOR FROM LEGIONELLA PNEUMOPHILA' 
_struct.pdbx_model_details        ? 
_struct.pdbx_CASP_flag            ? 
_struct.pdbx_model_type_details   ? 
# 
_struct_keywords.entry_id        1FD9 
_struct_keywords.pdbx_keywords   ISOMERASE 
_struct_keywords.text            'FKBP DOMAIN, LONG ALPHA HELIX, DIMERISATION VIA HELICAL INTERACTIONS, ISOMERASE' 
# 
loop_
_struct_asym.id 
_struct_asym.pdbx_blank_PDB_chainid_flag 
_struct_asym.pdbx_modified 
_struct_asym.entity_id 
_struct_asym.details 
A N N 1 ? 
B N N 2 ? 
C N N 2 ? 
D N N 3 ? 
# 
_struct_ref.id                         1 
_struct_ref.db_name                    UNP 
_struct_ref.db_code                    MIP_LEGPN 
_struct_ref.entity_id                  1 
_struct_ref.pdbx_seq_one_letter_code   ? 
_struct_ref.pdbx_align_begin           ? 
_struct_ref.pdbx_db_accession          P69059 
_struct_ref.pdbx_db_isoform            ? 
# 
_struct_ref_seq.align_id                      1 
_struct_ref_seq.ref_id                        1 
_struct_ref_seq.pdbx_PDB_id_code              1FD9 
_struct_ref_seq.pdbx_strand_id                A 
_struct_ref_seq.seq_align_beg                 1 
_struct_ref_seq.pdbx_seq_align_beg_ins_code   ? 
_struct_ref_seq.seq_align_end                 213 
_struct_ref_seq.pdbx_seq_align_end_ins_code   ? 
_struct_ref_seq.pdbx_db_accession             P69059 
_struct_ref_seq.db_align_beg                  21 
_struct_ref_seq.pdbx_db_align_beg_ins_code    ? 
_struct_ref_seq.db_align_end                  233 
_struct_ref_seq.pdbx_db_align_end_ins_code    ? 
_struct_ref_seq.pdbx_auth_seq_align_beg       1 
_struct_ref_seq.pdbx_auth_seq_align_end       213 
# 
_struct_ref_seq_dif.align_id                     1 
_struct_ref_seq_dif.pdbx_pdb_id_code             1FD9 
_struct_ref_seq_dif.mon_id                       SER 
_struct_ref_seq_dif.pdbx_pdb_strand_id           A 
_struct_ref_seq_dif.seq_num                      115 
_struct_ref_seq_dif.pdbx_pdb_ins_code            ? 
_struct_ref_seq_dif.pdbx_seq_db_name             UNP 
_struct_ref_seq_dif.pdbx_seq_db_accession_code   P69059 
_struct_ref_seq_dif.db_mon_id                    ALA 
_struct_ref_seq_dif.pdbx_seq_db_seq_num          135 
_struct_ref_seq_dif.details                      conflict 
_struct_ref_seq_dif.pdbx_auth_seq_num            115 
_struct_ref_seq_dif.pdbx_ordinal                 1 
# 
_pdbx_struct_assembly.id                   1 
_pdbx_struct_assembly.details              author_and_software_defined_assembly 
_pdbx_struct_assembly.method_details       PISA,PQS 
_pdbx_struct_assembly.oligomeric_details   dimeric 
_pdbx_struct_assembly.oligomeric_count     2 
# 
loop_
_pdbx_struct_assembly_prop.biol_id 
_pdbx_struct_assembly_prop.type 
_pdbx_struct_assembly_prop.value 
_pdbx_struct_assembly_prop.details 
1 'ABSA (A^2)' 3900  ? 
1 MORE         -131  ? 
1 'SSA (A^2)'  22940 ? 
# 
_pdbx_struct_assembly_gen.assembly_id       1 
_pdbx_struct_assembly_gen.oper_expression   1,2 
_pdbx_struct_assembly_gen.asym_id_list      A,B,C,D 
# 
loop_
_pdbx_struct_oper_list.id 
_pdbx_struct_oper_list.type 
_pdbx_struct_oper_list.name 
_pdbx_struct_oper_list.symmetry_operation 
_pdbx_struct_oper_list.matrix[1][1] 
_pdbx_struct_oper_list.matrix[1][2] 
_pdbx_struct_oper_list.matrix[1][3] 
_pdbx_struct_oper_list.vector[1] 
_pdbx_struct_oper_list.matrix[2][1] 
_pdbx_struct_oper_list.matrix[2][2] 
_pdbx_struct_oper_list.matrix[2][3] 
_pdbx_struct_oper_list.vector[2] 
_pdbx_struct_oper_list.matrix[3][1] 
_pdbx_struct_oper_list.matrix[3][2] 
_pdbx_struct_oper_list.matrix[3][3] 
_pdbx_struct_oper_list.vector[3] 
1 'identity operation'         1_555 x,y,z            1.0000000000 0.0000000000  0.0000000000 0.0000000000 0.0000000000  1.0000000000  0.0000000000  0.0000000000   0.0000000000 0.0000000000  1.0000000000  0.0000000000   
2 'crystal symmetry operation' 8_665 -y+1,-x+1,-z+1/2 0.5936705549 -0.7274633184 0.3440238257 2.5610656417 -0.7274633184 -0.6679345816 -0.1570366680 -10.0019429091 0.3440238257 -0.1570366680 -0.9257359733 -33.0138223949 
# 
_struct_biol.id                    1 
_struct_biol.pdbx_parent_biol_id   ? 
_struct_biol.details               ? 
# 
loop_
_struct_conf.conf_type_id 
_struct_conf.id 
_struct_conf.pdbx_PDB_helix_id 
_struct_conf.beg_label_comp_id 
_struct_conf.beg_label_asym_id 
_struct_conf.beg_label_seq_id 
_struct_conf.pdbx_beg_PDB_ins_code 
_struct_conf.end_label_comp_id 
_struct_conf.end_label_asym_id 
_struct_conf.end_label_seq_id 
_struct_conf.pdbx_end_PDB_ins_code 
_struct_conf.beg_auth_comp_id 
_struct_conf.beg_auth_asym_id 
_struct_conf.beg_auth_seq_id 
_struct_conf.end_auth_comp_id 
_struct_conf.end_auth_asym_id 
_struct_conf.end_auth_seq_id 
_struct_conf.pdbx_PDB_helix_class 
_struct_conf.details 
_struct_conf.pdbx_PDB_helix_length 
HELX_P HELX_P1 1 THR A 9   ? GLY A 30  ? THR A 9   GLY A 30  1 ? 22 
HELX_P HELX_P2 2 ASN A 34  ? GLY A 48  ? ASN A 34  GLY A 48  1 ? 15 
HELX_P HELX_P3 3 THR A 54  ? LYS A 98  ? THR A 54  LYS A 98  1 ? 45 
HELX_P HELX_P4 4 THR A 144 ? GLY A 148 ? THR A 144 GLY A 148 1 ? 5  
HELX_P HELX_P5 5 SER A 156 ? VAL A 158 ? SER A 156 VAL A 158 5 ? 3  
HELX_P HELX_P6 6 ILE A 159 ? GLN A 167 ? ILE A 159 GLN A 167 1 ? 9  
HELX_P HELX_P7 7 PRO A 180 ? ALA A 184 ? PRO A 180 ALA A 184 5 ? 5  
# 
_struct_conf_type.id          HELX_P 
_struct_conf_type.criteria    ? 
_struct_conf_type.reference   ? 
# 
loop_
_struct_conn.id 
_struct_conn.conn_type_id 
_struct_conn.pdbx_leaving_atom_flag 
_struct_conn.pdbx_PDB_id 
_struct_conn.ptnr1_label_asym_id 
_struct_conn.ptnr1_label_comp_id 
_struct_conn.ptnr1_label_seq_id 
_struct_conn.ptnr1_label_atom_id 
_struct_conn.pdbx_ptnr1_label_alt_id 
_struct_conn.pdbx_ptnr1_PDB_ins_code 
_struct_conn.pdbx_ptnr1_standard_comp_id 
_struct_conn.ptnr1_symmetry 
_struct_conn.ptnr2_label_asym_id 
_struct_conn.ptnr2_label_comp_id 
_struct_conn.ptnr2_label_seq_id 
_struct_conn.ptnr2_label_atom_id 
_struct_conn.pdbx_ptnr2_label_alt_id 
_struct_conn.pdbx_ptnr2_PDB_ins_code 
_struct_conn.ptnr1_auth_asym_id 
_struct_conn.ptnr1_auth_comp_id 
_struct_conn.ptnr1_auth_seq_id 
_struct_conn.ptnr2_auth_asym_id 
_struct_conn.ptnr2_auth_comp_id 
_struct_conn.ptnr2_auth_seq_id 
_struct_conn.ptnr2_symmetry 
_struct_conn.pdbx_ptnr3_label_atom_id 
_struct_conn.pdbx_ptnr3_label_seq_id 
_struct_conn.pdbx_ptnr3_label_comp_id 
_struct_conn.pdbx_ptnr3_label_asym_id 
_struct_conn.pdbx_ptnr3_label_alt_id 
_struct_conn.pdbx_ptnr3_PDB_ins_code 
_struct_conn.details 
_struct_conn.pdbx_dist_value 
_struct_conn.pdbx_value_order 
_struct_conn.pdbx_role 
metalc1 metalc ? ? A GLU 130 OE2 ? ? ? 1_555 B ZN  . ZN ? ? A GLU 130 A ZN  401 1_555 ? ? ? ? ? ? ? 2.238 ? ? 
metalc2 metalc ? ? A GLU 164 OE1 ? ? ? 3_654 C ZN  . ZN ? ? A GLU 164 A ZN  402 1_555 ? ? ? ? ? ? ? 2.716 ? ? 
metalc3 metalc ? ? A GLU 164 OE2 ? ? ? 3_654 C ZN  . ZN ? ? A GLU 164 A ZN  402 1_555 ? ? ? ? ? ? ? 2.443 ? ? 
metalc4 metalc ? ? A HIS 205 NE2 ? ? ? 1_555 C ZN  . ZN ? ? A HIS 205 A ZN  402 1_555 ? ? ? ? ? ? ? 2.256 ? ? 
metalc5 metalc ? ? B ZN  .   ZN  ? ? ? 1_555 D HOH . O  ? ? A ZN  401 A HOH 404 1_555 ? ? ? ? ? ? ? 2.076 ? ? 
metalc6 metalc ? ? B ZN  .   ZN  ? ? ? 1_555 D HOH . O  ? ? A ZN  401 A HOH 405 1_555 ? ? ? ? ? ? ? 2.650 ? ? 
metalc7 metalc ? ? B ZN  .   ZN  ? ? ? 1_555 D HOH . O  ? ? A ZN  401 A HOH 406 1_555 ? ? ? ? ? ? ? 2.412 ? ? 
metalc8 metalc ? ? C ZN  .   ZN  ? ? ? 1_555 D HOH . O  ? ? A ZN  402 A HOH 403 1_555 ? ? ? ? ? ? ? 2.404 ? ? 
# 
_struct_conn_type.id          metalc 
_struct_conn_type.criteria    ? 
_struct_conn_type.reference   ? 
# 
loop_
_pdbx_struct_conn_angle.id 
_pdbx_struct_conn_angle.ptnr1_label_atom_id 
_pdbx_struct_conn_angle.ptnr1_label_alt_id 
_pdbx_struct_conn_angle.ptnr1_label_asym_id 
_pdbx_struct_conn_angle.ptnr1_label_comp_id 
_pdbx_struct_conn_angle.ptnr1_label_seq_id 
_pdbx_struct_conn_angle.ptnr1_auth_atom_id 
_pdbx_struct_conn_angle.ptnr1_auth_asym_id 
_pdbx_struct_conn_angle.ptnr1_auth_comp_id 
_pdbx_struct_conn_angle.ptnr1_auth_seq_id 
_pdbx_struct_conn_angle.ptnr1_PDB_ins_code 
_pdbx_struct_conn_angle.ptnr1_symmetry 
_pdbx_struct_conn_angle.ptnr2_label_atom_id 
_pdbx_struct_conn_angle.ptnr2_label_alt_id 
_pdbx_struct_conn_angle.ptnr2_label_asym_id 
_pdbx_struct_conn_angle.ptnr2_label_comp_id 
_pdbx_struct_conn_angle.ptnr2_label_seq_id 
_pdbx_struct_conn_angle.ptnr2_auth_atom_id 
_pdbx_struct_conn_angle.ptnr2_auth_asym_id 
_pdbx_struct_conn_angle.ptnr2_auth_comp_id 
_pdbx_struct_conn_angle.ptnr2_auth_seq_id 
_pdbx_struct_conn_angle.ptnr2_PDB_ins_code 
_pdbx_struct_conn_angle.ptnr2_symmetry 
_pdbx_struct_conn_angle.ptnr3_label_atom_id 
_pdbx_struct_conn_angle.ptnr3_label_alt_id 
_pdbx_struct_conn_angle.ptnr3_label_asym_id 
_pdbx_struct_conn_angle.ptnr3_label_comp_id 
_pdbx_struct_conn_angle.ptnr3_label_seq_id 
_pdbx_struct_conn_angle.ptnr3_auth_atom_id 
_pdbx_struct_conn_angle.ptnr3_auth_asym_id 
_pdbx_struct_conn_angle.ptnr3_auth_comp_id 
_pdbx_struct_conn_angle.ptnr3_auth_seq_id 
_pdbx_struct_conn_angle.ptnr3_PDB_ins_code 
_pdbx_struct_conn_angle.ptnr3_symmetry 
_pdbx_struct_conn_angle.value 
_pdbx_struct_conn_angle.value_esd 
1  OE2 ? A GLU 130 ? A GLU 130 ? 1_555 ZN ? B ZN . ? A ZN 401 ? 1_555 O   ? D HOH .   ? A HOH 404 ? 1_555 90.6  ? 
2  OE2 ? A GLU 130 ? A GLU 130 ? 1_555 ZN ? B ZN . ? A ZN 401 ? 1_555 O   ? D HOH .   ? A HOH 405 ? 1_555 115.5 ? 
3  O   ? D HOH .   ? A HOH 404 ? 1_555 ZN ? B ZN . ? A ZN 401 ? 1_555 O   ? D HOH .   ? A HOH 405 ? 1_555 105.9 ? 
4  OE2 ? A GLU 130 ? A GLU 130 ? 1_555 ZN ? B ZN . ? A ZN 401 ? 1_555 O   ? D HOH .   ? A HOH 406 ? 1_555 105.4 ? 
5  O   ? D HOH .   ? A HOH 404 ? 1_555 ZN ? B ZN . ? A ZN 401 ? 1_555 O   ? D HOH .   ? A HOH 406 ? 1_555 132.4 ? 
6  O   ? D HOH .   ? A HOH 405 ? 1_555 ZN ? B ZN . ? A ZN 401 ? 1_555 O   ? D HOH .   ? A HOH 406 ? 1_555 106.8 ? 
7  OE1 ? A GLU 164 ? A GLU 164 ? 3_654 ZN ? C ZN . ? A ZN 402 ? 1_555 OE2 ? A GLU 164 ? A GLU 164 ? 3_654 50.0  ? 
8  OE1 ? A GLU 164 ? A GLU 164 ? 3_654 ZN ? C ZN . ? A ZN 402 ? 1_555 NE2 ? A HIS 205 ? A HIS 205 ? 1_555 140.1 ? 
9  OE2 ? A GLU 164 ? A GLU 164 ? 3_654 ZN ? C ZN . ? A ZN 402 ? 1_555 NE2 ? A HIS 205 ? A HIS 205 ? 1_555 91.1  ? 
10 OE1 ? A GLU 164 ? A GLU 164 ? 3_654 ZN ? C ZN . ? A ZN 402 ? 1_555 O   ? D HOH .   ? A HOH 403 ? 1_555 89.6  ? 
11 OE2 ? A GLU 164 ? A GLU 164 ? 3_654 ZN ? C ZN . ? A ZN 402 ? 1_555 O   ? D HOH .   ? A HOH 403 ? 1_555 110.4 ? 
12 NE2 ? A HIS 205 ? A HIS 205 ? 1_555 ZN ? C ZN . ? A ZN 402 ? 1_555 O   ? D HOH .   ? A HOH 403 ? 1_555 97.9  ? 
# 
loop_
_struct_sheet.id 
_struct_sheet.type 
_struct_sheet.number_strands 
_struct_sheet.details 
A ? 6 ? 
B ? 6 ? 
# 
loop_
_struct_sheet_order.sheet_id 
_struct_sheet_order.range_id_1 
_struct_sheet_order.range_id_2 
_struct_sheet_order.offset 
_struct_sheet_order.sense 
A 1 2 ? anti-parallel 
A 2 3 ? anti-parallel 
A 3 4 ? anti-parallel 
A 4 5 ? anti-parallel 
A 5 6 ? anti-parallel 
B 1 2 ? anti-parallel 
B 2 3 ? anti-parallel 
B 3 4 ? anti-parallel 
B 4 5 ? anti-parallel 
B 5 6 ? anti-parallel 
# 
loop_
_struct_sheet_range.sheet_id 
_struct_sheet_range.id 
_struct_sheet_range.beg_label_comp_id 
_struct_sheet_range.beg_label_asym_id 
_struct_sheet_range.beg_label_seq_id 
_struct_sheet_range.pdbx_beg_PDB_ins_code 
_struct_sheet_range.end_label_comp_id 
_struct_sheet_range.end_label_asym_id 
_struct_sheet_range.end_label_seq_id 
_struct_sheet_range.pdbx_end_PDB_ins_code 
_struct_sheet_range.beg_auth_comp_id 
_struct_sheet_range.beg_auth_asym_id 
_struct_sheet_range.beg_auth_seq_id 
_struct_sheet_range.end_auth_comp_id 
_struct_sheet_range.end_auth_asym_id 
_struct_sheet_range.end_auth_seq_id 
A 1 VAL A 101 ? VAL A 103 ? VAL A 101 VAL A 103 
A 2 GLN A 109 ? ASN A 114 ? GLN A 109 ASN A 114 
A 3 THR A 174 ? VAL A 179 ? THR A 174 VAL A 179 
A 4 LEU A 200 ? LYS A 210 ? LEU A 200 LYS A 210 
A 5 THR A 126 ? LEU A 135 ? THR A 126 LEU A 135 
A 6 VAL A 140 ? SER A 143 ? VAL A 140 SER A 143 
B 1 VAL A 101 ? VAL A 103 ? VAL A 101 VAL A 103 
B 2 GLN A 109 ? ASN A 114 ? GLN A 109 ASN A 114 
B 3 THR A 174 ? VAL A 179 ? THR A 174 VAL A 179 
B 4 LEU A 200 ? LYS A 210 ? LEU A 200 LYS A 210 
B 5 THR A 126 ? LEU A 135 ? THR A 126 LEU A 135 
B 6 ALA A 151 ? GLN A 154 ? ALA A 151 GLN A 154 
# 
loop_
_pdbx_struct_sheet_hbond.sheet_id 
_pdbx_struct_sheet_hbond.range_id_1 
_pdbx_struct_sheet_hbond.range_id_2 
_pdbx_struct_sheet_hbond.range_1_label_atom_id 
_pdbx_struct_sheet_hbond.range_1_label_comp_id 
_pdbx_struct_sheet_hbond.range_1_label_asym_id 
_pdbx_struct_sheet_hbond.range_1_label_seq_id 
_pdbx_struct_sheet_hbond.range_1_PDB_ins_code 
_pdbx_struct_sheet_hbond.range_1_auth_atom_id 
_pdbx_struct_sheet_hbond.range_1_auth_comp_id 
_pdbx_struct_sheet_hbond.range_1_auth_asym_id 
_pdbx_struct_sheet_hbond.range_1_auth_seq_id 
_pdbx_struct_sheet_hbond.range_2_label_atom_id 
_pdbx_struct_sheet_hbond.range_2_label_comp_id 
_pdbx_struct_sheet_hbond.range_2_label_asym_id 
_pdbx_struct_sheet_hbond.range_2_label_seq_id 
_pdbx_struct_sheet_hbond.range_2_PDB_ins_code 
_pdbx_struct_sheet_hbond.range_2_auth_atom_id 
_pdbx_struct_sheet_hbond.range_2_auth_comp_id 
_pdbx_struct_sheet_hbond.range_2_auth_asym_id 
_pdbx_struct_sheet_hbond.range_2_auth_seq_id 
A 1 2 N VAL A 102 ? N VAL A 102 O TYR A 110 ? O TYR A 110 
A 2 3 O ASN A 114 ? O ASN A 114 N THR A 174 ? N THR A 174 
A 3 4 N VAL A 179 ? N VAL A 179 O LEU A 200 ? O LEU A 200 
A 4 5 N LYS A 210 ? N LYS A 210 O THR A 126 ? O THR A 126 
A 5 6 O GLY A 133 ? O GLY A 133 N PHE A 141 ? N PHE A 141 
B 1 2 N VAL A 102 ? N VAL A 102 O TYR A 110 ? O TYR A 110 
B 2 3 O ASN A 114 ? O ASN A 114 N THR A 174 ? N THR A 174 
B 3 4 N VAL A 179 ? N VAL A 179 O LEU A 200 ? O LEU A 200 
B 4 5 N LYS A 210 ? N LYS A 210 O THR A 126 ? O THR A 126 
B 5 6 N VAL A 129 ? N VAL A 129 O ALA A 151 ? O ALA A 151 
# 
loop_
_struct_site.id 
_struct_site.pdbx_evidence_code 
_struct_site.pdbx_auth_asym_id 
_struct_site.pdbx_auth_comp_id 
_struct_site.pdbx_auth_seq_id 
_struct_site.pdbx_auth_ins_code 
_struct_site.pdbx_num_residues 
_struct_site.details 
AC1 Software A ZN 401 ? 4 'BINDING SITE FOR RESIDUE ZN A 401' 
AC2 Software A ZN 402 ? 4 'BINDING SITE FOR RESIDUE ZN A 402' 
# 
loop_
_struct_site_gen.id 
_struct_site_gen.site_id 
_struct_site_gen.pdbx_num_res 
_struct_site_gen.label_comp_id 
_struct_site_gen.label_asym_id 
_struct_site_gen.label_seq_id 
_struct_site_gen.pdbx_auth_ins_code 
_struct_site_gen.auth_comp_id 
_struct_site_gen.auth_asym_id 
_struct_site_gen.auth_seq_id 
_struct_site_gen.label_atom_id 
_struct_site_gen.label_alt_id 
_struct_site_gen.symmetry 
_struct_site_gen.details 
1 AC1 4 GLU A 130 ? GLU A 130 . ? 1_555 ? 
2 AC1 4 HOH D .   ? HOH A 404 . ? 1_555 ? 
3 AC1 4 HOH D .   ? HOH A 405 . ? 1_555 ? 
4 AC1 4 HOH D .   ? HOH A 406 . ? 1_555 ? 
5 AC2 4 GLU A 164 ? GLU A 164 . ? 3_654 ? 
6 AC2 4 HIS A 205 ? HIS A 205 . ? 1_555 ? 
7 AC2 4 HOH D .   ? HOH A 403 . ? 1_555 ? 
8 AC2 4 HOH D .   ? HOH A 406 . ? 1_555 ? 
# 
loop_
_pdbx_validate_close_contact.id 
_pdbx_validate_close_contact.PDB_model_num 
_pdbx_validate_close_contact.auth_atom_id_1 
_pdbx_validate_close_contact.auth_asym_id_1 
_pdbx_validate_close_contact.auth_comp_id_1 
_pdbx_validate_close_contact.auth_seq_id_1 
_pdbx_validate_close_contact.PDB_ins_code_1 
_pdbx_validate_close_contact.label_alt_id_1 
_pdbx_validate_close_contact.auth_atom_id_2 
_pdbx_validate_close_contact.auth_asym_id_2 
_pdbx_validate_close_contact.auth_comp_id_2 
_pdbx_validate_close_contact.auth_seq_id_2 
_pdbx_validate_close_contact.PDB_ins_code_2 
_pdbx_validate_close_contact.label_alt_id_2 
_pdbx_validate_close_contact.dist 
1 1 OG1 A THR 126 ? ? O A HOH 438 ? ? 1.95 
2 1 O   A HOH 429 ? ? O A HOH 491 ? ? 1.96 
3 1 O   A HOH 429 ? ? O A HOH 492 ? ? 2.03 
4 1 O   A SER 212 ? ? O A HOH 473 ? ? 2.14 
# 
loop_
_pdbx_validate_torsion.id 
_pdbx_validate_torsion.PDB_model_num 
_pdbx_validate_torsion.auth_comp_id 
_pdbx_validate_torsion.auth_asym_id 
_pdbx_validate_torsion.auth_seq_id 
_pdbx_validate_torsion.PDB_ins_code 
_pdbx_validate_torsion.label_alt_id 
_pdbx_validate_torsion.phi 
_pdbx_validate_torsion.psi 
1  1 GLN A 29  ? ? -90.58  -76.34  
2  1 ILE A 31  ? ? -69.40  82.30   
3  1 PRO A 35  ? ? -55.09  0.74    
4  1 ALA A 52  ? ? -55.06  -7.57   
5  1 GLU A 55  ? ? -29.31  -55.29  
6  1 GLN A 56  ? ? -49.58  -73.55  
7  1 GLN A 57  ? ? -23.60  -60.45  
8  1 LYS A 98  ? ? -37.40  143.37  
9  1 ALA A 184 ? ? -114.31 -113.26 
10 1 SER A 189 ? ? 150.38  71.04   
11 1 VAL A 190 ? ? -98.07  36.56   
12 1 LYS A 211 ? ? -67.57  41.49   
# 
loop_
_pdbx_unobs_or_zero_occ_residues.id 
_pdbx_unobs_or_zero_occ_residues.PDB_model_num 
_pdbx_unobs_or_zero_occ_residues.polymer_flag 
_pdbx_unobs_or_zero_occ_residues.occupancy_flag 
_pdbx_unobs_or_zero_occ_residues.auth_asym_id 
_pdbx_unobs_or_zero_occ_residues.auth_comp_id 
_pdbx_unobs_or_zero_occ_residues.auth_seq_id 
_pdbx_unobs_or_zero_occ_residues.PDB_ins_code 
_pdbx_unobs_or_zero_occ_residues.label_asym_id 
_pdbx_unobs_or_zero_occ_residues.label_comp_id 
_pdbx_unobs_or_zero_occ_residues.label_seq_id 
1 1 Y 1 A ALA 1   ? A ALA 1   
2 1 Y 1 A THR 2   ? A THR 2   
3 1 Y 1 A ASP 3   ? A ASP 3   
4 1 Y 1 A ALA 4   ? A ALA 4   
5 1 Y 1 A THR 5   ? A THR 5   
6 1 Y 1 A SER 6   ? A SER 6   
7 1 Y 1 A LEU 7   ? A LEU 7   
8 1 Y 1 A ALA 8   ? A ALA 8   
9 1 Y 1 A SER 213 ? A SER 213 
# 
loop_
_chem_comp_atom.comp_id 
_chem_comp_atom.atom_id 
_chem_comp_atom.type_symbol 
_chem_comp_atom.pdbx_aromatic_flag 
_chem_comp_atom.pdbx_stereo_config 
_chem_comp_atom.pdbx_ordinal 
ALA N    N  N N 1   
ALA CA   C  N S 2   
ALA C    C  N N 3   
ALA O    O  N N 4   
ALA CB   C  N N 5   
ALA OXT  O  N N 6   
ALA H    H  N N 7   
ALA H2   H  N N 8   
ALA HA   H  N N 9   
ALA HB1  H  N N 10  
ALA HB2  H  N N 11  
ALA HB3  H  N N 12  
ALA HXT  H  N N 13  
ARG N    N  N N 14  
ARG CA   C  N S 15  
ARG C    C  N N 16  
ARG O    O  N N 17  
ARG CB   C  N N 18  
ARG CG   C  N N 19  
ARG CD   C  N N 20  
ARG NE   N  N N 21  
ARG CZ   C  N N 22  
ARG NH1  N  N N 23  
ARG NH2  N  N N 24  
ARG OXT  O  N N 25  
ARG H    H  N N 26  
ARG H2   H  N N 27  
ARG HA   H  N N 28  
ARG HB2  H  N N 29  
ARG HB3  H  N N 30  
ARG HG2  H  N N 31  
ARG HG3  H  N N 32  
ARG HD2  H  N N 33  
ARG HD3  H  N N 34  
ARG HE   H  N N 35  
ARG HH11 H  N N 36  
ARG HH12 H  N N 37  
ARG HH21 H  N N 38  
ARG HH22 H  N N 39  
ARG HXT  H  N N 40  
ASN N    N  N N 41  
ASN CA   C  N S 42  
ASN C    C  N N 43  
ASN O    O  N N 44  
ASN CB   C  N N 45  
ASN CG   C  N N 46  
ASN OD1  O  N N 47  
ASN ND2  N  N N 48  
ASN OXT  O  N N 49  
ASN H    H  N N 50  
ASN H2   H  N N 51  
ASN HA   H  N N 52  
ASN HB2  H  N N 53  
ASN HB3  H  N N 54  
ASN HD21 H  N N 55  
ASN HD22 H  N N 56  
ASN HXT  H  N N 57  
ASP N    N  N N 58  
ASP CA   C  N S 59  
ASP C    C  N N 60  
ASP O    O  N N 61  
ASP CB   C  N N 62  
ASP CG   C  N N 63  
ASP OD1  O  N N 64  
ASP OD2  O  N N 65  
ASP OXT  O  N N 66  
ASP H    H  N N 67  
ASP H2   H  N N 68  
ASP HA   H  N N 69  
ASP HB2  H  N N 70  
ASP HB3  H  N N 71  
ASP HD2  H  N N 72  
ASP HXT  H  N N 73  
GLN N    N  N N 74  
GLN CA   C  N S 75  
GLN C    C  N N 76  
GLN O    O  N N 77  
GLN CB   C  N N 78  
GLN CG   C  N N 79  
GLN CD   C  N N 80  
GLN OE1  O  N N 81  
GLN NE2  N  N N 82  
GLN OXT  O  N N 83  
GLN H    H  N N 84  
GLN H2   H  N N 85  
GLN HA   H  N N 86  
GLN HB2  H  N N 87  
GLN HB3  H  N N 88  
GLN HG2  H  N N 89  
GLN HG3  H  N N 90  
GLN HE21 H  N N 91  
GLN HE22 H  N N 92  
GLN HXT  H  N N 93  
GLU N    N  N N 94  
GLU CA   C  N S 95  
GLU C    C  N N 96  
GLU O    O  N N 97  
GLU CB   C  N N 98  
GLU CG   C  N N 99  
GLU CD   C  N N 100 
GLU OE1  O  N N 101 
GLU OE2  O  N N 102 
GLU OXT  O  N N 103 
GLU H    H  N N 104 
GLU H2   H  N N 105 
GLU HA   H  N N 106 
GLU HB2  H  N N 107 
GLU HB3  H  N N 108 
GLU HG2  H  N N 109 
GLU HG3  H  N N 110 
GLU HE2  H  N N 111 
GLU HXT  H  N N 112 
GLY N    N  N N 113 
GLY CA   C  N N 114 
GLY C    C  N N 115 
GLY O    O  N N 116 
GLY OXT  O  N N 117 
GLY H    H  N N 118 
GLY H2   H  N N 119 
GLY HA2  H  N N 120 
GLY HA3  H  N N 121 
GLY HXT  H  N N 122 
HIS N    N  N N 123 
HIS CA   C  N S 124 
HIS C    C  N N 125 
HIS O    O  N N 126 
HIS CB   C  N N 127 
HIS CG   C  Y N 128 
HIS ND1  N  Y N 129 
HIS CD2  C  Y N 130 
HIS CE1  C  Y N 131 
HIS NE2  N  Y N 132 
HIS OXT  O  N N 133 
HIS H    H  N N 134 
HIS H2   H  N N 135 
HIS HA   H  N N 136 
HIS HB2  H  N N 137 
HIS HB3  H  N N 138 
HIS HD1  H  N N 139 
HIS HD2  H  N N 140 
HIS HE1  H  N N 141 
HIS HE2  H  N N 142 
HIS HXT  H  N N 143 
HOH O    O  N N 144 
HOH H1   H  N N 145 
HOH H2   H  N N 146 
ILE N    N  N N 147 
ILE CA   C  N S 148 
ILE C    C  N N 149 
ILE O    O  N N 150 
ILE CB   C  N S 151 
ILE CG1  C  N N 152 
ILE CG2  C  N N 153 
ILE CD1  C  N N 154 
ILE OXT  O  N N 155 
ILE H    H  N N 156 
ILE H2   H  N N 157 
ILE HA   H  N N 158 
ILE HB   H  N N 159 
ILE HG12 H  N N 160 
ILE HG13 H  N N 161 
ILE HG21 H  N N 162 
ILE HG22 H  N N 163 
ILE HG23 H  N N 164 
ILE HD11 H  N N 165 
ILE HD12 H  N N 166 
ILE HD13 H  N N 167 
ILE HXT  H  N N 168 
LEU N    N  N N 169 
LEU CA   C  N S 170 
LEU C    C  N N 171 
LEU O    O  N N 172 
LEU CB   C  N N 173 
LEU CG   C  N N 174 
LEU CD1  C  N N 175 
LEU CD2  C  N N 176 
LEU OXT  O  N N 177 
LEU H    H  N N 178 
LEU H2   H  N N 179 
LEU HA   H  N N 180 
LEU HB2  H  N N 181 
LEU HB3  H  N N 182 
LEU HG   H  N N 183 
LEU HD11 H  N N 184 
LEU HD12 H  N N 185 
LEU HD13 H  N N 186 
LEU HD21 H  N N 187 
LEU HD22 H  N N 188 
LEU HD23 H  N N 189 
LEU HXT  H  N N 190 
LYS N    N  N N 191 
LYS CA   C  N S 192 
LYS C    C  N N 193 
LYS O    O  N N 194 
LYS CB   C  N N 195 
LYS CG   C  N N 196 
LYS CD   C  N N 197 
LYS CE   C  N N 198 
LYS NZ   N  N N 199 
LYS OXT  O  N N 200 
LYS H    H  N N 201 
LYS H2   H  N N 202 
LYS HA   H  N N 203 
LYS HB2  H  N N 204 
LYS HB3  H  N N 205 
LYS HG2  H  N N 206 
LYS HG3  H  N N 207 
LYS HD2  H  N N 208 
LYS HD3  H  N N 209 
LYS HE2  H  N N 210 
LYS HE3  H  N N 211 
LYS HZ1  H  N N 212 
LYS HZ2  H  N N 213 
LYS HZ3  H  N N 214 
LYS HXT  H  N N 215 
MET N    N  N N 216 
MET CA   C  N S 217 
MET C    C  N N 218 
MET O    O  N N 219 
MET CB   C  N N 220 
MET CG   C  N N 221 
MET SD   S  N N 222 
MET CE   C  N N 223 
MET OXT  O  N N 224 
MET H    H  N N 225 
MET H2   H  N N 226 
MET HA   H  N N 227 
MET HB2  H  N N 228 
MET HB3  H  N N 229 
MET HG2  H  N N 230 
MET HG3  H  N N 231 
MET HE1  H  N N 232 
MET HE2  H  N N 233 
MET HE3  H  N N 234 
MET HXT  H  N N 235 
PHE N    N  N N 236 
PHE CA   C  N S 237 
PHE C    C  N N 238 
PHE O    O  N N 239 
PHE CB   C  N N 240 
PHE CG   C  Y N 241 
PHE CD1  C  Y N 242 
PHE CD2  C  Y N 243 
PHE CE1  C  Y N 244 
PHE CE2  C  Y N 245 
PHE CZ   C  Y N 246 
PHE OXT  O  N N 247 
PHE H    H  N N 248 
PHE H2   H  N N 249 
PHE HA   H  N N 250 
PHE HB2  H  N N 251 
PHE HB3  H  N N 252 
PHE HD1  H  N N 253 
PHE HD2  H  N N 254 
PHE HE1  H  N N 255 
PHE HE2  H  N N 256 
PHE HZ   H  N N 257 
PHE HXT  H  N N 258 
PRO N    N  N N 259 
PRO CA   C  N S 260 
PRO C    C  N N 261 
PRO O    O  N N 262 
PRO CB   C  N N 263 
PRO CG   C  N N 264 
PRO CD   C  N N 265 
PRO OXT  O  N N 266 
PRO H    H  N N 267 
PRO HA   H  N N 268 
PRO HB2  H  N N 269 
PRO HB3  H  N N 270 
PRO HG2  H  N N 271 
PRO HG3  H  N N 272 
PRO HD2  H  N N 273 
PRO HD3  H  N N 274 
PRO HXT  H  N N 275 
SER N    N  N N 276 
SER CA   C  N S 277 
SER C    C  N N 278 
SER O    O  N N 279 
SER CB   C  N N 280 
SER OG   O  N N 281 
SER OXT  O  N N 282 
SER H    H  N N 283 
SER H2   H  N N 284 
SER HA   H  N N 285 
SER HB2  H  N N 286 
SER HB3  H  N N 287 
SER HG   H  N N 288 
SER HXT  H  N N 289 
THR N    N  N N 290 
THR CA   C  N S 291 
THR C    C  N N 292 
THR O    O  N N 293 
THR CB   C  N R 294 
THR OG1  O  N N 295 
THR CG2  C  N N 296 
THR OXT  O  N N 297 
THR H    H  N N 298 
THR H2   H  N N 299 
THR HA   H  N N 300 
THR HB   H  N N 301 
THR HG1  H  N N 302 
THR HG21 H  N N 303 
THR HG22 H  N N 304 
THR HG23 H  N N 305 
THR HXT  H  N N 306 
TRP N    N  N N 307 
TRP CA   C  N S 308 
TRP C    C  N N 309 
TRP O    O  N N 310 
TRP CB   C  N N 311 
TRP CG   C  Y N 312 
TRP CD1  C  Y N 313 
TRP CD2  C  Y N 314 
TRP NE1  N  Y N 315 
TRP CE2  C  Y N 316 
TRP CE3  C  Y N 317 
TRP CZ2  C  Y N 318 
TRP CZ3  C  Y N 319 
TRP CH2  C  Y N 320 
TRP OXT  O  N N 321 
TRP H    H  N N 322 
TRP H2   H  N N 323 
TRP HA   H  N N 324 
TRP HB2  H  N N 325 
TRP HB3  H  N N 326 
TRP HD1  H  N N 327 
TRP HE1  H  N N 328 
TRP HE3  H  N N 329 
TRP HZ2  H  N N 330 
TRP HZ3  H  N N 331 
TRP HH2  H  N N 332 
TRP HXT  H  N N 333 
TYR N    N  N N 334 
TYR CA   C  N S 335 
TYR C    C  N N 336 
TYR O    O  N N 337 
TYR CB   C  N N 338 
TYR CG   C  Y N 339 
TYR CD1  C  Y N 340 
TYR CD2  C  Y N 341 
TYR CE1  C  Y N 342 
TYR CE2  C  Y N 343 
TYR CZ   C  Y N 344 
TYR OH   O  N N 345 
TYR OXT  O  N N 346 
TYR H    H  N N 347 
TYR H2   H  N N 348 
TYR HA   H  N N 349 
TYR HB2  H  N N 350 
TYR HB3  H  N N 351 
TYR HD1  H  N N 352 
TYR HD2  H  N N 353 
TYR HE1  H  N N 354 
TYR HE2  H  N N 355 
TYR HH   H  N N 356 
TYR HXT  H  N N 357 
VAL N    N  N N 358 
VAL CA   C  N S 359 
VAL C    C  N N 360 
VAL O    O  N N 361 
VAL CB   C  N N 362 
VAL CG1  C  N N 363 
VAL CG2  C  N N 364 
VAL OXT  O  N N 365 
VAL H    H  N N 366 
VAL H2   H  N N 367 
VAL HA   H  N N 368 
VAL HB   H  N N 369 
VAL HG11 H  N N 370 
VAL HG12 H  N N 371 
VAL HG13 H  N N 372 
VAL HG21 H  N N 373 
VAL HG22 H  N N 374 
VAL HG23 H  N N 375 
VAL HXT  H  N N 376 
ZN  ZN   ZN N N 377 
# 
loop_
_chem_comp_bond.comp_id 
_chem_comp_bond.atom_id_1 
_chem_comp_bond.atom_id_2 
_chem_comp_bond.value_order 
_chem_comp_bond.pdbx_aromatic_flag 
_chem_comp_bond.pdbx_stereo_config 
_chem_comp_bond.pdbx_ordinal 
ALA N   CA   sing N N 1   
ALA N   H    sing N N 2   
ALA N   H2   sing N N 3   
ALA CA  C    sing N N 4   
ALA CA  CB   sing N N 5   
ALA CA  HA   sing N N 6   
ALA C   O    doub N N 7   
ALA C   OXT  sing N N 8   
ALA CB  HB1  sing N N 9   
ALA CB  HB2  sing N N 10  
ALA CB  HB3  sing N N 11  
ALA OXT HXT  sing N N 12  
ARG N   CA   sing N N 13  
ARG N   H    sing N N 14  
ARG N   H2   sing N N 15  
ARG CA  C    sing N N 16  
ARG CA  CB   sing N N 17  
ARG CA  HA   sing N N 18  
ARG C   O    doub N N 19  
ARG C   OXT  sing N N 20  
ARG CB  CG   sing N N 21  
ARG CB  HB2  sing N N 22  
ARG CB  HB3  sing N N 23  
ARG CG  CD   sing N N 24  
ARG CG  HG2  sing N N 25  
ARG CG  HG3  sing N N 26  
ARG CD  NE   sing N N 27  
ARG CD  HD2  sing N N 28  
ARG CD  HD3  sing N N 29  
ARG NE  CZ   sing N N 30  
ARG NE  HE   sing N N 31  
ARG CZ  NH1  sing N N 32  
ARG CZ  NH2  doub N N 33  
ARG NH1 HH11 sing N N 34  
ARG NH1 HH12 sing N N 35  
ARG NH2 HH21 sing N N 36  
ARG NH2 HH22 sing N N 37  
ARG OXT HXT  sing N N 38  
ASN N   CA   sing N N 39  
ASN N   H    sing N N 40  
ASN N   H2   sing N N 41  
ASN CA  C    sing N N 42  
ASN CA  CB   sing N N 43  
ASN CA  HA   sing N N 44  
ASN C   O    doub N N 45  
ASN C   OXT  sing N N 46  
ASN CB  CG   sing N N 47  
ASN CB  HB2  sing N N 48  
ASN CB  HB3  sing N N 49  
ASN CG  OD1  doub N N 50  
ASN CG  ND2  sing N N 51  
ASN ND2 HD21 sing N N 52  
ASN ND2 HD22 sing N N 53  
ASN OXT HXT  sing N N 54  
ASP N   CA   sing N N 55  
ASP N   H    sing N N 56  
ASP N   H2   sing N N 57  
ASP CA  C    sing N N 58  
ASP CA  CB   sing N N 59  
ASP CA  HA   sing N N 60  
ASP C   O    doub N N 61  
ASP C   OXT  sing N N 62  
ASP CB  CG   sing N N 63  
ASP CB  HB2  sing N N 64  
ASP CB  HB3  sing N N 65  
ASP CG  OD1  doub N N 66  
ASP CG  OD2  sing N N 67  
ASP OD2 HD2  sing N N 68  
ASP OXT HXT  sing N N 69  
GLN N   CA   sing N N 70  
GLN N   H    sing N N 71  
GLN N   H2   sing N N 72  
GLN CA  C    sing N N 73  
GLN CA  CB   sing N N 74  
GLN CA  HA   sing N N 75  
GLN C   O    doub N N 76  
GLN C   OXT  sing N N 77  
GLN CB  CG   sing N N 78  
GLN CB  HB2  sing N N 79  
GLN CB  HB3  sing N N 80  
GLN CG  CD   sing N N 81  
GLN CG  HG2  sing N N 82  
GLN CG  HG3  sing N N 83  
GLN CD  OE1  doub N N 84  
GLN CD  NE2  sing N N 85  
GLN NE2 HE21 sing N N 86  
GLN NE2 HE22 sing N N 87  
GLN OXT HXT  sing N N 88  
GLU N   CA   sing N N 89  
GLU N   H    sing N N 90  
GLU N   H2   sing N N 91  
GLU CA  C    sing N N 92  
GLU CA  CB   sing N N 93  
GLU CA  HA   sing N N 94  
GLU C   O    doub N N 95  
GLU C   OXT  sing N N 96  
GLU CB  CG   sing N N 97  
GLU CB  HB2  sing N N 98  
GLU CB  HB3  sing N N 99  
GLU CG  CD   sing N N 100 
GLU CG  HG2  sing N N 101 
GLU CG  HG3  sing N N 102 
GLU CD  OE1  doub N N 103 
GLU CD  OE2  sing N N 104 
GLU OE2 HE2  sing N N 105 
GLU OXT HXT  sing N N 106 
GLY N   CA   sing N N 107 
GLY N   H    sing N N 108 
GLY N   H2   sing N N 109 
GLY CA  C    sing N N 110 
GLY CA  HA2  sing N N 111 
GLY CA  HA3  sing N N 112 
GLY C   O    doub N N 113 
GLY C   OXT  sing N N 114 
GLY OXT HXT  sing N N 115 
HIS N   CA   sing N N 116 
HIS N   H    sing N N 117 
HIS N   H2   sing N N 118 
HIS CA  C    sing N N 119 
HIS CA  CB   sing N N 120 
HIS CA  HA   sing N N 121 
HIS C   O    doub N N 122 
HIS C   OXT  sing N N 123 
HIS CB  CG   sing N N 124 
HIS CB  HB2  sing N N 125 
HIS CB  HB3  sing N N 126 
HIS CG  ND1  sing Y N 127 
HIS CG  CD2  doub Y N 128 
HIS ND1 CE1  doub Y N 129 
HIS ND1 HD1  sing N N 130 
HIS CD2 NE2  sing Y N 131 
HIS CD2 HD2  sing N N 132 
HIS CE1 NE2  sing Y N 133 
HIS CE1 HE1  sing N N 134 
HIS NE2 HE2  sing N N 135 
HIS OXT HXT  sing N N 136 
HOH O   H1   sing N N 137 
HOH O   H2   sing N N 138 
ILE N   CA   sing N N 139 
ILE N   H    sing N N 140 
ILE N   H2   sing N N 141 
ILE CA  C    sing N N 142 
ILE CA  CB   sing N N 143 
ILE CA  HA   sing N N 144 
ILE C   O    doub N N 145 
ILE C   OXT  sing N N 146 
ILE CB  CG1  sing N N 147 
ILE CB  CG2  sing N N 148 
ILE CB  HB   sing N N 149 
ILE CG1 CD1  sing N N 150 
ILE CG1 HG12 sing N N 151 
ILE CG1 HG13 sing N N 152 
ILE CG2 HG21 sing N N 153 
ILE CG2 HG22 sing N N 154 
ILE CG2 HG23 sing N N 155 
ILE CD1 HD11 sing N N 156 
ILE CD1 HD12 sing N N 157 
ILE CD1 HD13 sing N N 158 
ILE OXT HXT  sing N N 159 
LEU N   CA   sing N N 160 
LEU N   H    sing N N 161 
LEU N   H2   sing N N 162 
LEU CA  C    sing N N 163 
LEU CA  CB   sing N N 164 
LEU CA  HA   sing N N 165 
LEU C   O    doub N N 166 
LEU C   OXT  sing N N 167 
LEU CB  CG   sing N N 168 
LEU CB  HB2  sing N N 169 
LEU CB  HB3  sing N N 170 
LEU CG  CD1  sing N N 171 
LEU CG  CD2  sing N N 172 
LEU CG  HG   sing N N 173 
LEU CD1 HD11 sing N N 174 
LEU CD1 HD12 sing N N 175 
LEU CD1 HD13 sing N N 176 
LEU CD2 HD21 sing N N 177 
LEU CD2 HD22 sing N N 178 
LEU CD2 HD23 sing N N 179 
LEU OXT HXT  sing N N 180 
LYS N   CA   sing N N 181 
LYS N   H    sing N N 182 
LYS N   H2   sing N N 183 
LYS CA  C    sing N N 184 
LYS CA  CB   sing N N 185 
LYS CA  HA   sing N N 186 
LYS C   O    doub N N 187 
LYS C   OXT  sing N N 188 
LYS CB  CG   sing N N 189 
LYS CB  HB2  sing N N 190 
LYS CB  HB3  sing N N 191 
LYS CG  CD   sing N N 192 
LYS CG  HG2  sing N N 193 
LYS CG  HG3  sing N N 194 
LYS CD  CE   sing N N 195 
LYS CD  HD2  sing N N 196 
LYS CD  HD3  sing N N 197 
LYS CE  NZ   sing N N 198 
LYS CE  HE2  sing N N 199 
LYS CE  HE3  sing N N 200 
LYS NZ  HZ1  sing N N 201 
LYS NZ  HZ2  sing N N 202 
LYS NZ  HZ3  sing N N 203 
LYS OXT HXT  sing N N 204 
MET N   CA   sing N N 205 
MET N   H    sing N N 206 
MET N   H2   sing N N 207 
MET CA  C    sing N N 208 
MET CA  CB   sing N N 209 
MET CA  HA   sing N N 210 
MET C   O    doub N N 211 
MET C   OXT  sing N N 212 
MET CB  CG   sing N N 213 
MET CB  HB2  sing N N 214 
MET CB  HB3  sing N N 215 
MET CG  SD   sing N N 216 
MET CG  HG2  sing N N 217 
MET CG  HG3  sing N N 218 
MET SD  CE   sing N N 219 
MET CE  HE1  sing N N 220 
MET CE  HE2  sing N N 221 
MET CE  HE3  sing N N 222 
MET OXT HXT  sing N N 223 
PHE N   CA   sing N N 224 
PHE N   H    sing N N 225 
PHE N   H2   sing N N 226 
PHE CA  C    sing N N 227 
PHE CA  CB   sing N N 228 
PHE CA  HA   sing N N 229 
PHE C   O    doub N N 230 
PHE C   OXT  sing N N 231 
PHE CB  CG   sing N N 232 
PHE CB  HB2  sing N N 233 
PHE CB  HB3  sing N N 234 
PHE CG  CD1  doub Y N 235 
PHE CG  CD2  sing Y N 236 
PHE CD1 CE1  sing Y N 237 
PHE CD1 HD1  sing N N 238 
PHE CD2 CE2  doub Y N 239 
PHE CD2 HD2  sing N N 240 
PHE CE1 CZ   doub Y N 241 
PHE CE1 HE1  sing N N 242 
PHE CE2 CZ   sing Y N 243 
PHE CE2 HE2  sing N N 244 
PHE CZ  HZ   sing N N 245 
PHE OXT HXT  sing N N 246 
PRO N   CA   sing N N 247 
PRO N   CD   sing N N 248 
PRO N   H    sing N N 249 
PRO CA  C    sing N N 250 
PRO CA  CB   sing N N 251 
PRO CA  HA   sing N N 252 
PRO C   O    doub N N 253 
PRO C   OXT  sing N N 254 
PRO CB  CG   sing N N 255 
PRO CB  HB2  sing N N 256 
PRO CB  HB3  sing N N 257 
PRO CG  CD   sing N N 258 
PRO CG  HG2  sing N N 259 
PRO CG  HG3  sing N N 260 
PRO CD  HD2  sing N N 261 
PRO CD  HD3  sing N N 262 
PRO OXT HXT  sing N N 263 
SER N   CA   sing N N 264 
SER N   H    sing N N 265 
SER N   H2   sing N N 266 
SER CA  C    sing N N 267 
SER CA  CB   sing N N 268 
SER CA  HA   sing N N 269 
SER C   O    doub N N 270 
SER C   OXT  sing N N 271 
SER CB  OG   sing N N 272 
SER CB  HB2  sing N N 273 
SER CB  HB3  sing N N 274 
SER OG  HG   sing N N 275 
SER OXT HXT  sing N N 276 
THR N   CA   sing N N 277 
THR N   H    sing N N 278 
THR N   H2   sing N N 279 
THR CA  C    sing N N 280 
THR CA  CB   sing N N 281 
THR CA  HA   sing N N 282 
THR C   O    doub N N 283 
THR C   OXT  sing N N 284 
THR CB  OG1  sing N N 285 
THR CB  CG2  sing N N 286 
THR CB  HB   sing N N 287 
THR OG1 HG1  sing N N 288 
THR CG2 HG21 sing N N 289 
THR CG2 HG22 sing N N 290 
THR CG2 HG23 sing N N 291 
THR OXT HXT  sing N N 292 
TRP N   CA   sing N N 293 
TRP N   H    sing N N 294 
TRP N   H2   sing N N 295 
TRP CA  C    sing N N 296 
TRP CA  CB   sing N N 297 
TRP CA  HA   sing N N 298 
TRP C   O    doub N N 299 
TRP C   OXT  sing N N 300 
TRP CB  CG   sing N N 301 
TRP CB  HB2  sing N N 302 
TRP CB  HB3  sing N N 303 
TRP CG  CD1  doub Y N 304 
TRP CG  CD2  sing Y N 305 
TRP CD1 NE1  sing Y N 306 
TRP CD1 HD1  sing N N 307 
TRP CD2 CE2  doub Y N 308 
TRP CD2 CE3  sing Y N 309 
TRP NE1 CE2  sing Y N 310 
TRP NE1 HE1  sing N N 311 
TRP CE2 CZ2  sing Y N 312 
TRP CE3 CZ3  doub Y N 313 
TRP CE3 HE3  sing N N 314 
TRP CZ2 CH2  doub Y N 315 
TRP CZ2 HZ2  sing N N 316 
TRP CZ3 CH2  sing Y N 317 
TRP CZ3 HZ3  sing N N 318 
TRP CH2 HH2  sing N N 319 
TRP OXT HXT  sing N N 320 
TYR N   CA   sing N N 321 
TYR N   H    sing N N 322 
TYR N   H2   sing N N 323 
TYR CA  C    sing N N 324 
TYR CA  CB   sing N N 325 
TYR CA  HA   sing N N 326 
TYR C   O    doub N N 327 
TYR C   OXT  sing N N 328 
TYR CB  CG   sing N N 329 
TYR CB  HB2  sing N N 330 
TYR CB  HB3  sing N N 331 
TYR CG  CD1  doub Y N 332 
TYR CG  CD2  sing Y N 333 
TYR CD1 CE1  sing Y N 334 
TYR CD1 HD1  sing N N 335 
TYR CD2 CE2  doub Y N 336 
TYR CD2 HD2  sing N N 337 
TYR CE1 CZ   doub Y N 338 
TYR CE1 HE1  sing N N 339 
TYR CE2 CZ   sing Y N 340 
TYR CE2 HE2  sing N N 341 
TYR CZ  OH   sing N N 342 
TYR OH  HH   sing N N 343 
TYR OXT HXT  sing N N 344 
VAL N   CA   sing N N 345 
VAL N   H    sing N N 346 
VAL N   H2   sing N N 347 
VAL CA  C    sing N N 348 
VAL CA  CB   sing N N 349 
VAL CA  HA   sing N N 350 
VAL C   O    doub N N 351 
VAL C   OXT  sing N N 352 
VAL CB  CG1  sing N N 353 
VAL CB  CG2  sing N N 354 
VAL CB  HB   sing N N 355 
VAL CG1 HG11 sing N N 356 
VAL CG1 HG12 sing N N 357 
VAL CG1 HG13 sing N N 358 
VAL CG2 HG21 sing N N 359 
VAL CG2 HG22 sing N N 360 
VAL CG2 HG23 sing N N 361 
VAL OXT HXT  sing N N 362 
# 
_atom_sites.entry_id                    1FD9 
_atom_sites.fract_transf_matrix[1][1]   0.00719266 
_atom_sites.fract_transf_matrix[1][2]   -0.00098905 
_atom_sites.fract_transf_matrix[1][3]   0.01003249 
_atom_sites.fract_transf_matrix[2][1]   -0.00844098 
_atom_sites.fract_transf_matrix[2][2]   0.00614725 
_atom_sites.fract_transf_matrix[2][3]   0.00665767 
_atom_sites.fract_transf_matrix[3][1]   -0.00431002 
_atom_sites.fract_transf_matrix[3][2]   -0.00837105 
_atom_sites.fract_transf_matrix[3][3]   0.00226476 
_atom_sites.fract_transf_vector[1]      0.562829 
_atom_sites.fract_transf_vector[2]      0.740077 
_atom_sites.fract_transf_vector[3]      0.251032 
# 
loop_
_atom_type.symbol 
C  
N  
O  
S  
ZN 
# 
loop_
_atom_site.group_PDB 
_atom_site.id 
_atom_site.type_symbol 
_atom_site.label_atom_id 
_atom_site.label_alt_id 
_atom_site.label_comp_id 
_atom_site.label_asym_id 
_atom_site.label_entity_id 
_atom_site.label_seq_id 
_atom_site.pdbx_PDB_ins_code 
_atom_site.Cartn_x 
_atom_site.Cartn_y 
_atom_site.Cartn_z 
_atom_site.occupancy 
_atom_site.B_iso_or_equiv 
_atom_site.pdbx_formal_charge 
_atom_site.auth_seq_id 
_atom_site.auth_comp_id 
_atom_site.auth_asym_id 
_atom_site.auth_atom_id 
_atom_site.pdbx_PDB_model_num 
ATOM   1    N  N   . THR A 1 9   ? 38.040  -4.250  -16.354 1.00 100.38 ? 9   THR A N   1 
ATOM   2    C  CA  . THR A 1 9   ? 37.525  -3.415  -17.478 1.00 100.38 ? 9   THR A CA  1 
ATOM   3    C  C   . THR A 1 9   ? 36.037  -3.111  -17.294 1.00 100.38 ? 9   THR A C   1 
ATOM   4    O  O   . THR A 1 9   ? 35.408  -3.612  -16.354 1.00 92.67  ? 9   THR A O   1 
ATOM   5    C  CB  . THR A 1 9   ? 37.742  -4.121  -18.847 1.00 100.38 ? 9   THR A CB  1 
ATOM   6    O  OG1 . THR A 1 9   ? 37.090  -5.399  -18.849 1.00 100.38 ? 9   THR A OG1 1 
ATOM   7    C  CG2 . THR A 1 9   ? 39.233  -4.323  -19.108 1.00 98.59  ? 9   THR A CG2 1 
ATOM   8    N  N   . ASP A 1 10  ? 35.487  -2.293  -18.196 1.00 100.38 ? 10  ASP A N   1 
ATOM   9    C  CA  . ASP A 1 10  ? 34.073  -1.877  -18.154 1.00 100.38 ? 10  ASP A CA  1 
ATOM   10   C  C   . ASP A 1 10  ? 33.122  -3.069  -18.052 1.00 97.01  ? 10  ASP A C   1 
ATOM   11   O  O   . ASP A 1 10  ? 32.064  -2.997  -17.399 1.00 75.33  ? 10  ASP A O   1 
ATOM   12   C  CB  . ASP A 1 10  ? 33.740  -1.024  -19.390 1.00 100.32 ? 10  ASP A CB  1 
ATOM   13   C  CG  . ASP A 1 10  ? 34.601  0.241   -19.475 1.00 100.38 ? 10  ASP A CG  1 
ATOM   14   O  OD1 . ASP A 1 10  ? 35.834  0.115   -19.640 1.00 100.38 ? 10  ASP A OD1 1 
ATOM   15   O  OD2 . ASP A 1 10  ? 34.055  1.359   -19.371 1.00 82.62  ? 10  ASP A OD2 1 
ATOM   16   N  N   . LYS A 1 11  ? 33.523  -4.159  -18.701 1.00 95.44  ? 11  LYS A N   1 
ATOM   17   C  CA  . LYS A 1 11  ? 32.769  -5.401  -18.688 1.00 98.50  ? 11  LYS A CA  1 
ATOM   18   C  C   . LYS A 1 11  ? 32.700  -5.870  -17.242 1.00 98.38  ? 11  LYS A C   1 
ATOM   19   O  O   . LYS A 1 11  ? 31.620  -5.943  -16.647 1.00 96.55  ? 11  LYS A O   1 
ATOM   20   C  CB  . LYS A 1 11  ? 33.484  -6.447  -19.545 1.00 95.17  ? 11  LYS A CB  1 
ATOM   21   C  CG  . LYS A 1 11  ? 32.984  -7.864  -19.347 1.00 94.44  ? 11  LYS A CG  1 
ATOM   22   C  CD  . LYS A 1 11  ? 33.734  -8.848  -20.228 1.00 90.06  ? 11  LYS A CD  1 
ATOM   23   C  CE  . LYS A 1 11  ? 33.382  -10.274 -19.833 1.00 100.38 ? 11  LYS A CE  1 
ATOM   24   N  NZ  . LYS A 1 11  ? 34.017  -11.321 -20.688 1.00 100.38 ? 11  LYS A NZ  1 
ATOM   25   N  N   . ASP A 1 12  ? 33.875  -6.171  -16.692 1.00 100.16 ? 12  ASP A N   1 
ATOM   26   C  CA  . ASP A 1 12  ? 34.037  -6.637  -15.317 1.00 96.93  ? 12  ASP A CA  1 
ATOM   27   C  C   . ASP A 1 12  ? 33.205  -5.792  -14.362 1.00 98.85  ? 12  ASP A C   1 
ATOM   28   O  O   . ASP A 1 12  ? 32.566  -6.308  -13.438 1.00 100.38 ? 12  ASP A O   1 
ATOM   29   C  CB  . ASP A 1 12  ? 35.514  -6.561  -14.915 1.00 86.26  ? 12  ASP A CB  1 
ATOM   30   C  CG  . ASP A 1 12  ? 36.389  -7.537  -15.695 1.00 100.38 ? 12  ASP A CG  1 
ATOM   31   O  OD1 . ASP A 1 12  ? 35.936  -8.054  -16.743 1.00 100.38 ? 12  ASP A OD1 1 
ATOM   32   O  OD2 . ASP A 1 12  ? 37.540  -7.779  -15.266 1.00 100.38 ? 12  ASP A OD2 1 
ATOM   33   N  N   . LYS A 1 13  ? 33.210  -4.488  -14.605 1.00 96.65  ? 13  LYS A N   1 
ATOM   34   C  CA  . LYS A 1 13  ? 32.477  -3.543  -13.773 1.00 96.99  ? 13  LYS A CA  1 
ATOM   35   C  C   . LYS A 1 13  ? 30.985  -3.900  -13.673 1.00 96.94  ? 13  LYS A C   1 
ATOM   36   O  O   . LYS A 1 13  ? 30.480  -4.250  -12.596 1.00 79.61  ? 13  LYS A O   1 
ATOM   37   C  CB  . LYS A 1 13  ? 32.644  -2.122  -14.340 1.00 99.89  ? 13  LYS A CB  1 
ATOM   38   C  CG  . LYS A 1 13  ? 34.071  -1.755  -14.783 1.00 98.79  ? 13  LYS A CG  1 
ATOM   39   C  CD  . LYS A 1 13  ? 35.106  -1.971  -13.671 1.00 100.38 ? 13  LYS A CD  1 
ATOM   40   C  CE  . LYS A 1 13  ? 36.527  -1.581  -14.094 1.00 98.37  ? 13  LYS A CE  1 
ATOM   41   N  NZ  . LYS A 1 13  ? 37.506  -1.898  -13.011 1.00 89.89  ? 13  LYS A NZ  1 
ATOM   42   N  N   . LEU A 1 14  ? 30.299  -3.813  -14.813 1.00 100.38 ? 14  LEU A N   1 
ATOM   43   C  CA  . LEU A 1 14  ? 28.869  -4.097  -14.916 1.00 97.57  ? 14  LEU A CA  1 
ATOM   44   C  C   . LEU A 1 14  ? 28.458  -5.478  -14.419 1.00 93.04  ? 14  LEU A C   1 
ATOM   45   O  O   . LEU A 1 14  ? 27.540  -5.603  -13.605 1.00 83.06  ? 14  LEU A O   1 
ATOM   46   C  CB  . LEU A 1 14  ? 28.412  -3.923  -16.372 1.00 100.38 ? 14  LEU A CB  1 
ATOM   47   C  CG  . LEU A 1 14  ? 26.995  -4.359  -16.782 1.00 100.37 ? 14  LEU A CG  1 
ATOM   48   C  CD1 . LEU A 1 14  ? 25.946  -3.713  -15.892 1.00 93.92  ? 14  LEU A CD1 1 
ATOM   49   C  CD2 . LEU A 1 14  ? 26.766  -3.983  -18.237 1.00 95.33  ? 14  LEU A CD2 1 
ATOM   50   N  N   . SER A 1 15  ? 29.133  -6.510  -14.918 1.00 87.22  ? 15  SER A N   1 
ATOM   51   C  CA  . SER A 1 15  ? 28.813  -7.880  -14.536 1.00 90.81  ? 15  SER A CA  1 
ATOM   52   C  C   . SER A 1 15  ? 28.563  -7.984  -13.039 1.00 94.09  ? 15  SER A C   1 
ATOM   53   O  O   . SER A 1 15  ? 27.561  -8.554  -12.598 1.00 83.96  ? 15  SER A O   1 
ATOM   54   C  CB  . SER A 1 15  ? 29.951  -8.819  -14.936 1.00 94.48  ? 15  SER A CB  1 
ATOM   55   O  OG  . SER A 1 15  ? 30.220  -8.730  -16.324 1.00 100.25 ? 15  SER A OG  1 
ATOM   56   N  N   . TYR A 1 16  ? 29.475  -7.416  -12.258 1.00 97.76  ? 16  TYR A N   1 
ATOM   57   C  CA  . TYR A 1 16  ? 29.346  -7.461  -10.812 1.00 99.62  ? 16  TYR A CA  1 
ATOM   58   C  C   . TYR A 1 16  ? 28.048  -6.821  -10.361 1.00 97.60  ? 16  TYR A C   1 
ATOM   59   O  O   . TYR A 1 16  ? 27.291  -7.392  -9.569  1.00 94.93  ? 16  TYR A O   1 
ATOM   60   C  CB  . TYR A 1 16  ? 30.503  -6.724  -10.137 1.00 100.38 ? 16  TYR A CB  1 
ATOM   61   C  CG  . TYR A 1 16  ? 30.398  -6.759  -8.625  1.00 100.23 ? 16  TYR A CG  1 
ATOM   62   C  CD1 . TYR A 1 16  ? 30.816  -7.876  -7.904  1.00 100.38 ? 16  TYR A CD1 1 
ATOM   63   C  CD2 . TYR A 1 16  ? 29.815  -5.706  -7.923  1.00 90.80  ? 16  TYR A CD2 1 
ATOM   64   C  CE1 . TYR A 1 16  ? 30.658  -7.941  -6.528  1.00 95.89  ? 16  TYR A CE1 1 
ATOM   65   C  CE2 . TYR A 1 16  ? 29.646  -5.766  -6.549  1.00 89.94  ? 16  TYR A CE2 1 
ATOM   66   C  CZ  . TYR A 1 16  ? 30.070  -6.886  -5.859  1.00 94.41  ? 16  TYR A CZ  1 
ATOM   67   O  OH  . TYR A 1 16  ? 29.903  -6.953  -4.498  1.00 98.34  ? 16  TYR A OH  1 
ATOM   68   N  N   . SER A 1 17  ? 27.819  -5.614  -10.864 1.00 94.83  ? 17  SER A N   1 
ATOM   69   C  CA  . SER A 1 17  ? 26.638  -4.826  -10.531 1.00 96.69  ? 17  SER A CA  1 
ATOM   70   C  C   . SER A 1 17  ? 25.331  -5.613  -10.730 1.00 98.27  ? 17  SER A C   1 
ATOM   71   O  O   . SER A 1 17  ? 24.475  -5.665  -9.831  1.00 84.34  ? 17  SER A O   1 
ATOM   72   C  CB  . SER A 1 17  ? 26.658  -3.559  -11.383 1.00 99.53  ? 17  SER A CB  1 
ATOM   73   O  OG  . SER A 1 17  ? 28.004  -3.152  -11.603 1.00 76.62  ? 17  SER A OG  1 
ATOM   74   N  N   . ILE A 1 18  ? 25.197  -6.233  -11.905 1.00 95.92  ? 18  ILE A N   1 
ATOM   75   C  CA  . ILE A 1 18  ? 24.018  -7.028  -12.244 1.00 89.21  ? 18  ILE A CA  1 
ATOM   76   C  C   . ILE A 1 18  ? 23.839  -8.160  -11.247 1.00 84.73  ? 18  ILE A C   1 
ATOM   77   O  O   . ILE A 1 18  ? 22.757  -8.339  -10.694 1.00 75.15  ? 18  ILE A O   1 
ATOM   78   C  CB  . ILE A 1 18  ? 24.129  -7.651  -13.660 1.00 88.37  ? 18  ILE A CB  1 
ATOM   79   C  CG1 . ILE A 1 18  ? 24.214  -6.547  -14.723 1.00 92.12  ? 18  ILE A CG1 1 
ATOM   80   C  CG2 . ILE A 1 18  ? 22.936  -8.562  -13.912 1.00 83.74  ? 18  ILE A CG2 1 
ATOM   81   C  CD1 . ILE A 1 18  ? 24.528  -7.051  -16.129 1.00 80.02  ? 18  ILE A CD1 1 
ATOM   82   N  N   . GLY A 1 19  ? 24.906  -8.925  -11.030 1.00 86.24  ? 19  GLY A N   1 
ATOM   83   C  CA  . GLY A 1 19  ? 24.847  -10.040 -10.099 1.00 90.15  ? 19  GLY A CA  1 
ATOM   84   C  C   . GLY A 1 19  ? 24.607  -9.602  -8.665  1.00 91.52  ? 19  GLY A C   1 
ATOM   85   O  O   . GLY A 1 19  ? 23.926  -10.285 -7.887  1.00 75.38  ? 19  GLY A O   1 
ATOM   86   N  N   . ALA A 1 20  ? 25.193  -8.464  -8.305  1.00 95.39  ? 20  ALA A N   1 
ATOM   87   C  CA  . ALA A 1 20  ? 25.020  -7.923  -6.970  1.00 99.52  ? 20  ALA A CA  1 
ATOM   88   C  C   . ALA A 1 20  ? 23.523  -7.647  -6.861  1.00 94.81  ? 20  ALA A C   1 
ATOM   89   O  O   . ALA A 1 20  ? 22.854  -8.041  -5.893  1.00 87.21  ? 20  ALA A O   1 
ATOM   90   C  CB  . ALA A 1 20  ? 25.828  -6.633  -6.822  1.00 100.03 ? 20  ALA A CB  1 
ATOM   91   N  N   . ASP A 1 21  ? 23.008  -6.987  -7.893  1.00 86.89  ? 21  ASP A N   1 
ATOM   92   C  CA  . ASP A 1 21  ? 21.599  -6.648  -7.972  1.00 93.23  ? 21  ASP A CA  1 
ATOM   93   C  C   . ASP A 1 21  ? 20.772  -7.923  -7.795  1.00 95.74  ? 21  ASP A C   1 
ATOM   94   O  O   . ASP A 1 21  ? 19.995  -8.057  -6.850  1.00 100.38 ? 21  ASP A O   1 
ATOM   95   C  CB  . ASP A 1 21  ? 21.312  -6.007  -9.332  1.00 95.12  ? 21  ASP A CB  1 
ATOM   96   C  CG  . ASP A 1 21  ? 19.912  -5.445  -9.428  1.00 100.38 ? 21  ASP A CG  1 
ATOM   97   O  OD1 . ASP A 1 21  ? 18.958  -6.209  -9.176  1.00 100.38 ? 21  ASP A OD1 1 
ATOM   98   O  OD2 . ASP A 1 21  ? 19.763  -4.243  -9.756  1.00 96.91  ? 21  ASP A OD2 1 
ATOM   99   N  N   . LEU A 1 22  ? 20.965  -8.865  -8.706  1.00 100.03 ? 22  LEU A N   1 
ATOM   100  C  CA  . LEU A 1 22  ? 20.254  -10.132 -8.666  1.00 95.48  ? 22  LEU A CA  1 
ATOM   101  C  C   . LEU A 1 22  ? 20.366  -10.807 -7.307  1.00 93.48  ? 22  LEU A C   1 
ATOM   102  O  O   . LEU A 1 22  ? 19.380  -10.906 -6.584  1.00 93.09  ? 22  LEU A O   1 
ATOM   103  C  CB  . LEU A 1 22  ? 20.804  -11.059 -9.749  1.00 100.38 ? 22  LEU A CB  1 
ATOM   104  C  CG  . LEU A 1 22  ? 20.726  -10.477 -11.162 1.00 100.38 ? 22  LEU A CG  1 
ATOM   105  C  CD1 . LEU A 1 22  ? 21.562  -11.317 -12.116 1.00 100.38 ? 22  LEU A CD1 1 
ATOM   106  C  CD2 . LEU A 1 22  ? 19.271  -10.409 -11.602 1.00 97.36  ? 22  LEU A CD2 1 
ATOM   107  N  N   . GLY A 1 23  ? 21.574  -11.256 -6.971  1.00 100.20 ? 23  GLY A N   1 
ATOM   108  C  CA  . GLY A 1 23  ? 21.830  -11.937 -5.707  1.00 99.06  ? 23  GLY A CA  1 
ATOM   109  C  C   . GLY A 1 23  ? 21.124  -11.414 -4.462  1.00 100.38 ? 23  GLY A C   1 
ATOM   110  O  O   . GLY A 1 23  ? 20.726  -12.200 -3.586  1.00 97.45  ? 23  GLY A O   1 
ATOM   111  N  N   . LYS A 1 24  ? 20.982  -10.094 -4.363  1.00 100.38 ? 24  LYS A N   1 
ATOM   112  C  CA  . LYS A 1 24  ? 20.309  -9.501  -3.216  1.00 99.20  ? 24  LYS A CA  1 
ATOM   113  C  C   . LYS A 1 24  ? 18.867  -9.988  -3.204  1.00 100.36 ? 24  LYS A C   1 
ATOM   114  O  O   . LYS A 1 24  ? 18.406  -10.619 -2.243  1.00 95.89  ? 24  LYS A O   1 
ATOM   115  C  CB  . LYS A 1 24  ? 20.333  -7.973  -3.316  1.00 100.38 ? 24  LYS A CB  1 
ATOM   116  C  CG  . LYS A 1 24  ? 19.553  -7.278  -2.212  1.00 100.38 ? 24  LYS A CG  1 
ATOM   117  C  CD  . LYS A 1 24  ? 19.595  -5.766  -2.352  1.00 100.38 ? 24  LYS A CD  1 
ATOM   118  C  CE  . LYS A 1 24  ? 18.817  -5.105  -1.220  1.00 100.38 ? 24  LYS A CE  1 
ATOM   119  N  NZ  . LYS A 1 24  ? 19.012  -3.625  -1.170  1.00 100.38 ? 24  LYS A NZ  1 
ATOM   120  N  N   . ASN A 1 25  ? 18.178  -9.688  -4.303  1.00 100.38 ? 25  ASN A N   1 
ATOM   121  C  CA  . ASN A 1 25  ? 16.782  -10.042 -4.512  1.00 97.25  ? 25  ASN A CA  1 
ATOM   122  C  C   . ASN A 1 25  ? 16.451  -11.450 -4.034  1.00 100.19 ? 25  ASN A C   1 
ATOM   123  O  O   . ASN A 1 25  ? 15.593  -11.637 -3.166  1.00 100.38 ? 25  ASN A O   1 
ATOM   124  C  CB  . ASN A 1 25  ? 16.447  -9.912  -5.993  1.00 93.76  ? 25  ASN A CB  1 
ATOM   125  C  CG  . ASN A 1 25  ? 15.029  -9.469  -6.224  1.00 100.38 ? 25  ASN A CG  1 
ATOM   126  O  OD1 . ASN A 1 25  ? 14.571  -9.398  -7.363  1.00 100.38 ? 25  ASN A OD1 1 
ATOM   127  N  ND2 . ASN A 1 25  ? 14.317  -9.157  -5.139  1.00 100.38 ? 25  ASN A ND2 1 
ATOM   128  N  N   . PHE A 1 26  ? 17.128  -12.435 -4.619  1.00 99.10  ? 26  PHE A N   1 
ATOM   129  C  CA  . PHE A 1 26  ? 16.929  -13.835 -4.259  1.00 100.38 ? 26  PHE A CA  1 
ATOM   130  C  C   . PHE A 1 26  ? 16.911  -13.966 -2.737  1.00 98.43  ? 26  PHE A C   1 
ATOM   131  O  O   . PHE A 1 26  ? 15.887  -14.281 -2.135  1.00 97.81  ? 26  PHE A O   1 
ATOM   132  C  CB  . PHE A 1 26  ? 18.073  -14.699 -4.805  1.00 100.38 ? 26  PHE A CB  1 
ATOM   133  C  CG  . PHE A 1 26  ? 18.244  -14.636 -6.303  1.00 100.38 ? 26  PHE A CG  1 
ATOM   134  C  CD1 . PHE A 1 26  ? 18.352  -13.416 -6.961  1.00 100.38 ? 26  PHE A CD1 1 
ATOM   135  C  CD2 . PHE A 1 26  ? 18.355  -15.807 -7.049  1.00 100.38 ? 26  PHE A CD2 1 
ATOM   136  C  CE1 . PHE A 1 26  ? 18.571  -13.362 -8.336  1.00 100.38 ? 26  PHE A CE1 1 
ATOM   137  C  CE2 . PHE A 1 26  ? 18.574  -15.763 -8.423  1.00 100.21 ? 26  PHE A CE2 1 
ATOM   138  C  CZ  . PHE A 1 26  ? 18.681  -14.539 -9.067  1.00 99.94  ? 26  PHE A CZ  1 
ATOM   139  N  N   . LYS A 1 27  ? 18.071  -13.710 -2.137  1.00 100.31 ? 27  LYS A N   1 
ATOM   140  C  CA  . LYS A 1 27  ? 18.275  -13.782 -0.690  1.00 100.38 ? 27  LYS A CA  1 
ATOM   141  C  C   . LYS A 1 27  ? 17.120  -13.180 0.099   1.00 100.38 ? 27  LYS A C   1 
ATOM   142  O  O   . LYS A 1 27  ? 16.522  -13.836 0.970   1.00 92.96  ? 27  LYS A O   1 
ATOM   143  C  CB  . LYS A 1 27  ? 19.567  -13.041 -0.320  1.00 100.38 ? 27  LYS A CB  1 
ATOM   144  C  CG  . LYS A 1 27  ? 20.014  -13.223 1.129   1.00 100.38 ? 27  LYS A CG  1 
ATOM   145  C  CD  . LYS A 1 27  ? 19.081  -12.549 2.119   1.00 100.38 ? 27  LYS A CD  1 
ATOM   146  C  CE  . LYS A 1 27  ? 19.221  -13.202 3.464   1.00 98.58  ? 27  LYS A CE  1 
ATOM   147  N  NZ  . LYS A 1 27  ? 19.032  -14.667 3.299   1.00 100.38 ? 27  LYS A NZ  1 
ATOM   148  N  N   . ASN A 1 28  ? 16.845  -11.913 -0.206  1.00 100.38 ? 28  ASN A N   1 
ATOM   149  C  CA  . ASN A 1 28  ? 15.784  -11.152 0.446   1.00 100.38 ? 28  ASN A CA  1 
ATOM   150  C  C   . ASN A 1 28  ? 14.451  -11.890 0.394   1.00 100.38 ? 28  ASN A C   1 
ATOM   151  O  O   . ASN A 1 28  ? 13.590  -11.705 1.258   1.00 100.38 ? 28  ASN A O   1 
ATOM   152  C  CB  . ASN A 1 28  ? 15.639  -9.776  -0.217  1.00 100.25 ? 28  ASN A CB  1 
ATOM   153  C  CG  . ASN A 1 28  ? 16.927  -8.959  -0.168  1.00 100.38 ? 28  ASN A CG  1 
ATOM   154  O  OD1 . ASN A 1 28  ? 16.925  -7.760  -0.459  1.00 100.38 ? 28  ASN A OD1 1 
ATOM   155  N  ND2 . ASN A 1 28  ? 18.037  -9.607  0.195   1.00 100.38 ? 28  ASN A ND2 1 
ATOM   156  N  N   . GLN A 1 29  ? 14.290  -12.740 -0.613  1.00 100.38 ? 29  GLN A N   1 
ATOM   157  C  CA  . GLN A 1 29  ? 13.053  -13.484 -0.763  1.00 100.38 ? 29  GLN A CA  1 
ATOM   158  C  C   . GLN A 1 29  ? 13.058  -14.847 -0.048  1.00 100.38 ? 29  GLN A C   1 
ATOM   159  O  O   . GLN A 1 29  ? 12.454  -14.984 1.027   1.00 100.38 ? 29  GLN A O   1 
ATOM   160  C  CB  . GLN A 1 29  ? 12.748  -13.603 -2.256  1.00 95.14  ? 29  GLN A CB  1 
ATOM   161  C  CG  . GLN A 1 29  ? 12.723  -12.220 -2.916  1.00 96.83  ? 29  GLN A CG  1 
ATOM   162  C  CD  . GLN A 1 29  ? 12.145  -12.236 -4.314  1.00 100.38 ? 29  GLN A CD  1 
ATOM   163  O  OE1 . GLN A 1 29  ? 11.715  -13.277 -4.804  1.00 100.38 ? 29  GLN A OE1 1 
ATOM   164  N  NE2 . GLN A 1 29  ? 12.125  -11.074 -4.967  1.00 100.38 ? 29  GLN A NE2 1 
ATOM   165  N  N   . GLY A 1 30  ? 13.735  -15.842 -0.624  1.00 100.38 ? 30  GLY A N   1 
ATOM   166  C  CA  . GLY A 1 30  ? 13.792  -17.166 -0.011  1.00 100.38 ? 30  GLY A CA  1 
ATOM   167  C  C   . GLY A 1 30  ? 14.556  -18.197 -0.837  1.00 100.38 ? 30  GLY A C   1 
ATOM   168  O  O   . GLY A 1 30  ? 14.646  -19.376 -0.479  1.00 100.38 ? 30  GLY A O   1 
ATOM   169  N  N   . ILE A 1 31  ? 15.120  -17.731 -1.945  1.00 100.38 ? 31  ILE A N   1 
ATOM   170  C  CA  . ILE A 1 31  ? 15.881  -18.563 -2.870  1.00 100.38 ? 31  ILE A CA  1 
ATOM   171  C  C   . ILE A 1 31  ? 17.224  -19.047 -2.302  1.00 100.38 ? 31  ILE A C   1 
ATOM   172  O  O   . ILE A 1 31  ? 18.273  -18.450 -2.570  1.00 98.61  ? 31  ILE A O   1 
ATOM   173  C  CB  . ILE A 1 31  ? 16.149  -17.778 -4.183  1.00 100.38 ? 31  ILE A CB  1 
ATOM   174  C  CG1 . ILE A 1 31  ? 14.874  -17.029 -4.601  1.00 100.38 ? 31  ILE A CG1 1 
ATOM   175  C  CG2 . ILE A 1 31  ? 16.609  -18.731 -5.280  1.00 100.38 ? 31  ILE A CG2 1 
ATOM   176  C  CD1 . ILE A 1 31  ? 15.028  -16.109 -5.801  1.00 98.83  ? 31  ILE A CD1 1 
ATOM   177  N  N   . ASP A 1 32  ? 17.189  -20.120 -1.514  1.00 95.95  ? 32  ASP A N   1 
ATOM   178  C  CA  . ASP A 1 32  ? 18.412  -20.683 -0.945  1.00 97.39  ? 32  ASP A CA  1 
ATOM   179  C  C   . ASP A 1 32  ? 19.135  -21.443 -2.054  1.00 100.38 ? 32  ASP A C   1 
ATOM   180  O  O   . ASP A 1 32  ? 18.665  -22.497 -2.493  1.00 100.38 ? 32  ASP A O   1 
ATOM   181  C  CB  . ASP A 1 32  ? 18.084  -21.651 0.189   1.00 99.62  ? 32  ASP A CB  1 
ATOM   182  C  CG  . ASP A 1 32  ? 19.309  -22.428 0.660   1.00 100.38 ? 32  ASP A CG  1 
ATOM   183  O  OD1 . ASP A 1 32  ? 20.200  -21.819 1.300   1.00 100.38 ? 32  ASP A OD1 1 
ATOM   184  O  OD2 . ASP A 1 32  ? 19.381  -23.647 0.378   1.00 100.38 ? 32  ASP A OD2 1 
ATOM   185  N  N   . VAL A 1 33  ? 20.280  -20.924 -2.496  1.00 100.38 ? 33  VAL A N   1 
ATOM   186  C  CA  . VAL A 1 33  ? 21.020  -21.556 -3.591  1.00 100.31 ? 33  VAL A CA  1 
ATOM   187  C  C   . VAL A 1 33  ? 22.527  -21.690 -3.373  1.00 100.38 ? 33  VAL A C   1 
ATOM   188  O  O   . VAL A 1 33  ? 23.042  -21.452 -2.277  1.00 100.38 ? 33  VAL A O   1 
ATOM   189  C  CB  . VAL A 1 33  ? 20.814  -20.760 -4.927  1.00 100.38 ? 33  VAL A CB  1 
ATOM   190  C  CG1 . VAL A 1 33  ? 19.329  -20.473 -5.146  1.00 100.38 ? 33  VAL A CG1 1 
ATOM   191  C  CG2 . VAL A 1 33  ? 21.621  -19.451 -4.907  1.00 82.74  ? 33  VAL A CG2 1 
ATOM   192  N  N   . ASN A 1 34  ? 23.214  -22.088 -4.444  1.00 100.38 ? 34  ASN A N   1 
ATOM   193  C  CA  . ASN A 1 34  ? 24.668  -22.227 -4.469  1.00 100.38 ? 34  ASN A CA  1 
ATOM   194  C  C   . ASN A 1 34  ? 25.094  -21.595 -5.798  1.00 98.49  ? 34  ASN A C   1 
ATOM   195  O  O   . ASN A 1 34  ? 24.980  -22.213 -6.854  1.00 96.06  ? 34  ASN A O   1 
ATOM   196  C  CB  . ASN A 1 34  ? 25.076  -23.707 -4.408  1.00 100.38 ? 34  ASN A CB  1 
ATOM   197  C  CG  . ASN A 1 34  ? 24.721  -24.474 -5.673  1.00 100.38 ? 34  ASN A CG  1 
ATOM   198  O  OD1 . ASN A 1 34  ? 25.521  -24.566 -6.610  1.00 100.38 ? 34  ASN A OD1 1 
ATOM   199  N  ND2 . ASN A 1 34  ? 23.513  -25.021 -5.710  1.00 100.38 ? 34  ASN A ND2 1 
ATOM   200  N  N   . PRO A 1 35  ? 25.558  -20.331 -5.763  1.00 100.38 ? 35  PRO A N   1 
ATOM   201  C  CA  . PRO A 1 35  ? 25.991  -19.611 -6.971  1.00 100.38 ? 35  PRO A CA  1 
ATOM   202  C  C   . PRO A 1 35  ? 27.062  -20.320 -7.797  1.00 100.38 ? 35  PRO A C   1 
ATOM   203  O  O   . PRO A 1 35  ? 27.504  -19.792 -8.823  1.00 100.01 ? 35  PRO A O   1 
ATOM   204  C  CB  . PRO A 1 35  ? 26.483  -18.269 -6.421  1.00 100.38 ? 35  PRO A CB  1 
ATOM   205  C  CG  . PRO A 1 35  ? 25.593  -18.056 -5.223  1.00 100.38 ? 35  PRO A CG  1 
ATOM   206  C  CD  . PRO A 1 35  ? 25.595  -19.440 -4.586  1.00 100.38 ? 35  PRO A CD  1 
ATOM   207  N  N   . GLU A 1 36  ? 27.475  -21.507 -7.352  1.00 98.66  ? 36  GLU A N   1 
ATOM   208  C  CA  . GLU A 1 36  ? 28.495  -22.260 -8.069  1.00 98.13  ? 36  GLU A CA  1 
ATOM   209  C  C   . GLU A 1 36  ? 27.863  -23.066 -9.203  1.00 100.38 ? 36  GLU A C   1 
ATOM   210  O  O   . GLU A 1 36  ? 28.342  -23.023 -10.339 1.00 100.38 ? 36  GLU A O   1 
ATOM   211  C  CB  . GLU A 1 36  ? 29.244  -23.185 -7.108  1.00 100.38 ? 36  GLU A CB  1 
ATOM   212  C  CG  . GLU A 1 36  ? 30.511  -23.787 -7.697  1.00 96.30  ? 36  GLU A CG  1 
ATOM   213  C  CD  . GLU A 1 36  ? 31.227  -24.701 -6.727  0.00 99.38  ? 36  GLU A CD  1 
ATOM   214  O  OE1 . GLU A 1 36  ? 31.607  -24.227 -5.635  0.00 99.49  ? 36  GLU A OE1 1 
ATOM   215  O  OE2 . GLU A 1 36  ? 31.411  -25.891 -7.056  0.00 99.49  ? 36  GLU A OE2 1 
ATOM   216  N  N   . ALA A 1 37  ? 26.794  -23.803 -8.895  1.00 100.38 ? 37  ALA A N   1 
ATOM   217  C  CA  . ALA A 1 37  ? 26.086  -24.594 -9.907  1.00 91.83  ? 37  ALA A CA  1 
ATOM   218  C  C   . ALA A 1 37  ? 25.289  -23.609 -10.749 1.00 88.01  ? 37  ALA A C   1 
ATOM   219  O  O   . ALA A 1 37  ? 24.995  -23.855 -11.921 1.00 77.12  ? 37  ALA A O   1 
ATOM   220  C  CB  . ALA A 1 37  ? 25.145  -25.594 -9.244  1.00 86.40  ? 37  ALA A CB  1 
ATOM   221  N  N   . MET A 1 38  ? 24.952  -22.481 -10.127 1.00 86.04  ? 38  MET A N   1 
ATOM   222  C  CA  . MET A 1 38  ? 24.199  -21.429 -10.780 1.00 88.81  ? 38  MET A CA  1 
ATOM   223  C  C   . MET A 1 38  ? 25.070  -20.675 -11.765 1.00 85.03  ? 38  MET A C   1 
ATOM   224  O  O   . MET A 1 38  ? 24.587  -20.213 -12.791 1.00 88.42  ? 38  MET A O   1 
ATOM   225  C  CB  . MET A 1 38  ? 23.635  -20.448 -9.754  1.00 93.81  ? 38  MET A CB  1 
ATOM   226  C  CG  . MET A 1 38  ? 22.820  -19.328 -10.384 1.00 100.38 ? 38  MET A CG  1 
ATOM   227  S  SD  . MET A 1 38  ? 22.056  -18.238 -9.178  1.00 100.38 ? 38  MET A SD  1 
ATOM   228  C  CE  . MET A 1 38  ? 20.567  -19.148 -8.769  1.00 96.93  ? 38  MET A CE  1 
ATOM   229  N  N   . ALA A 1 39  ? 26.349  -20.528 -11.443 1.00 87.39  ? 39  ALA A N   1 
ATOM   230  C  CA  . ALA A 1 39  ? 27.263  -19.829 -12.335 1.00 95.21  ? 39  ALA A CA  1 
ATOM   231  C  C   . ALA A 1 39  ? 27.554  -20.778 -13.486 1.00 100.38 ? 39  ALA A C   1 
ATOM   232  O  O   . ALA A 1 39  ? 27.837  -20.362 -14.616 1.00 99.79  ? 39  ALA A O   1 
ATOM   233  C  CB  . ALA A 1 39  ? 28.539  -19.480 -11.605 1.00 100.38 ? 39  ALA A CB  1 
ATOM   234  N  N   . LYS A 1 40  ? 27.466  -22.066 -13.178 1.00 100.23 ? 40  LYS A N   1 
ATOM   235  C  CA  . LYS A 1 40  ? 27.706  -23.114 -14.155 1.00 97.92  ? 40  LYS A CA  1 
ATOM   236  C  C   . LYS A 1 40  ? 26.711  -23.012 -15.296 1.00 96.76  ? 40  LYS A C   1 
ATOM   237  O  O   . LYS A 1 40  ? 27.100  -22.905 -16.457 1.00 96.53  ? 40  LYS A O   1 
ATOM   238  C  CB  . LYS A 1 40  ? 27.585  -24.490 -13.497 1.00 99.65  ? 40  LYS A CB  1 
ATOM   239  C  CG  . LYS A 1 40  ? 27.892  -25.639 -14.443 1.00 100.38 ? 40  LYS A CG  1 
ATOM   240  C  CD  . LYS A 1 40  ? 29.264  -25.452 -15.073 1.00 100.38 ? 40  LYS A CD  1 
ATOM   241  C  CE  . LYS A 1 40  ? 29.607  -26.579 -16.022 1.00 100.38 ? 40  LYS A CE  1 
ATOM   242  N  NZ  . LYS A 1 40  ? 30.944  -26.348 -16.623 1.00 100.38 ? 40  LYS A NZ  1 
ATOM   243  N  N   . GLY A 1 41  ? 25.424  -23.050 -14.959 1.00 97.13  ? 41  GLY A N   1 
ATOM   244  C  CA  . GLY A 1 41  ? 24.390  -22.967 -15.975 1.00 99.11  ? 41  GLY A CA  1 
ATOM   245  C  C   . GLY A 1 41  ? 24.514  -21.743 -16.861 1.00 95.20  ? 41  GLY A C   1 
ATOM   246  O  O   . GLY A 1 41  ? 24.268  -21.792 -18.070 1.00 86.42  ? 41  GLY A O   1 
ATOM   247  N  N   . MET A 1 42  ? 24.907  -20.633 -16.258 1.00 91.01  ? 42  MET A N   1 
ATOM   248  C  CA  . MET A 1 42  ? 25.042  -19.410 -17.009 1.00 97.14  ? 42  MET A CA  1 
ATOM   249  C  C   . MET A 1 42  ? 26.046  -19.581 -18.134 1.00 97.46  ? 42  MET A C   1 
ATOM   250  O  O   . MET A 1 42  ? 25.795  -19.149 -19.261 1.00 100.38 ? 42  MET A O   1 
ATOM   251  C  CB  . MET A 1 42  ? 25.462  -18.268 -16.087 1.00 100.38 ? 42  MET A CB  1 
ATOM   252  C  CG  . MET A 1 42  ? 25.391  -16.897 -16.745 1.00 100.38 ? 42  MET A CG  1 
ATOM   253  S  SD  . MET A 1 42  ? 25.566  -15.571 -15.544 1.00 100.38 ? 42  MET A SD  1 
ATOM   254  C  CE  . MET A 1 42  ? 24.035  -15.843 -14.540 1.00 90.30  ? 42  MET A CE  1 
ATOM   255  N  N   . GLN A 1 43  ? 27.180  -20.213 -17.839 1.00 100.29 ? 43  GLN A N   1 
ATOM   256  C  CA  . GLN A 1 43  ? 28.209  -20.418 -18.858 1.00 99.69  ? 43  GLN A CA  1 
ATOM   257  C  C   . GLN A 1 43  ? 27.735  -21.384 -19.944 1.00 100.38 ? 43  GLN A C   1 
ATOM   258  O  O   . GLN A 1 43  ? 27.970  -21.150 -21.130 1.00 100.38 ? 43  GLN A O   1 
ATOM   259  C  CB  . GLN A 1 43  ? 29.509  -20.934 -18.228 1.00 98.48  ? 43  GLN A CB  1 
ATOM   260  C  CG  . GLN A 1 43  ? 30.682  -21.017 -19.204 1.00 100.38 ? 43  GLN A CG  1 
ATOM   261  C  CD  . GLN A 1 43  ? 31.944  -21.563 -18.566 0.00 100.17 ? 43  GLN A CD  1 
ATOM   262  O  OE1 . GLN A 1 43  ? 32.490  -20.970 -17.634 0.00 100.36 ? 43  GLN A OE1 1 
ATOM   263  N  NE2 . GLN A 1 43  ? 32.415  -22.701 -19.065 0.00 100.36 ? 43  GLN A NE2 1 
ATOM   264  N  N   . ASP A 1 44  ? 27.073  -22.469 -19.547 1.00 99.12  ? 44  ASP A N   1 
ATOM   265  C  CA  . ASP A 1 44  ? 26.565  -23.422 -20.529 1.00 93.37  ? 44  ASP A CA  1 
ATOM   266  C  C   . ASP A 1 44  ? 25.741  -22.626 -21.535 1.00 92.97  ? 44  ASP A C   1 
ATOM   267  O  O   . ASP A 1 44  ? 26.000  -22.648 -22.742 1.00 90.52  ? 44  ASP A O   1 
ATOM   268  C  CB  . ASP A 1 44  ? 25.673  -24.478 -19.863 1.00 87.43  ? 44  ASP A CB  1 
ATOM   269  C  CG  . ASP A 1 44  ? 26.457  -25.459 -19.012 1.00 84.78  ? 44  ASP A CG  1 
ATOM   270  O  OD1 . ASP A 1 44  ? 27.457  -26.011 -19.509 1.00 94.66  ? 44  ASP A OD1 1 
ATOM   271  O  OD2 . ASP A 1 44  ? 26.071  -25.695 -17.851 1.00 87.77  ? 44  ASP A OD2 1 
ATOM   272  N  N   . ALA A 1 45  ? 24.758  -21.905 -21.009 1.00 90.88  ? 45  ALA A N   1 
ATOM   273  C  CA  . ALA A 1 45  ? 23.862  -21.086 -21.814 1.00 90.87  ? 45  ALA A CA  1 
ATOM   274  C  C   . ALA A 1 45  ? 24.591  -20.184 -22.810 1.00 84.02  ? 45  ALA A C   1 
ATOM   275  O  O   . ALA A 1 45  ? 24.401  -20.298 -24.018 1.00 80.42  ? 45  ALA A O   1 
ATOM   276  C  CB  . ALA A 1 45  ? 22.973  -20.248 -20.894 1.00 91.90  ? 45  ALA A CB  1 
ATOM   277  N  N   . MET A 1 46  ? 25.425  -19.287 -22.299 1.00 86.51  ? 46  MET A N   1 
ATOM   278  C  CA  . MET A 1 46  ? 26.163  -18.371 -23.157 1.00 93.43  ? 46  MET A CA  1 
ATOM   279  C  C   . MET A 1 46  ? 27.108  -19.033 -24.158 1.00 92.52  ? 46  MET A C   1 
ATOM   280  O  O   . MET A 1 46  ? 27.268  -18.540 -25.275 1.00 94.39  ? 46  MET A O   1 
ATOM   281  C  CB  . MET A 1 46  ? 26.951  -17.369 -22.310 1.00 100.12 ? 46  MET A CB  1 
ATOM   282  C  CG  . MET A 1 46  ? 26.103  -16.283 -21.680 1.00 100.38 ? 46  MET A CG  1 
ATOM   283  S  SD  . MET A 1 46  ? 27.119  -14.900 -21.111 1.00 100.38 ? 46  MET A SD  1 
ATOM   284  C  CE  . MET A 1 46  ? 27.139  -15.234 -19.329 1.00 100.24 ? 46  MET A CE  1 
ATOM   285  N  N   . SER A 1 47  ? 27.753  -20.127 -23.762 1.00 95.37  ? 47  SER A N   1 
ATOM   286  C  CA  . SER A 1 47  ? 28.666  -20.812 -24.673 1.00 96.94  ? 47  SER A CA  1 
ATOM   287  C  C   . SER A 1 47  ? 27.818  -21.622 -25.646 1.00 100.25 ? 47  SER A C   1 
ATOM   288  O  O   . SER A 1 47  ? 28.335  -22.254 -26.569 1.00 100.38 ? 47  SER A O   1 
ATOM   289  C  CB  . SER A 1 47  ? 29.635  -21.732 -23.905 1.00 91.35  ? 47  SER A CB  1 
ATOM   290  O  OG  . SER A 1 47  ? 28.977  -22.853 -23.333 1.00 82.63  ? 47  SER A OG  1 
ATOM   291  N  N   . GLY A 1 48  ? 26.504  -21.575 -25.435 1.00 100.38 ? 48  GLY A N   1 
ATOM   292  C  CA  . GLY A 1 48  ? 25.580  -22.300 -26.283 1.00 100.07 ? 48  GLY A CA  1 
ATOM   293  C  C   . GLY A 1 48  ? 25.866  -23.780 -26.203 1.00 98.27  ? 48  GLY A C   1 
ATOM   294  O  O   . GLY A 1 48  ? 25.457  -24.549 -27.063 1.00 100.38 ? 48  GLY A O   1 
ATOM   295  N  N   . ALA A 1 49  ? 26.583  -24.172 -25.160 1.00 99.67  ? 49  ALA A N   1 
ATOM   296  C  CA  . ALA A 1 49  ? 26.939  -25.566 -24.961 1.00 96.03  ? 49  ALA A CA  1 
ATOM   297  C  C   . ALA A 1 49  ? 25.708  -26.392 -24.620 1.00 98.43  ? 49  ALA A C   1 
ATOM   298  O  O   . ALA A 1 49  ? 24.627  -25.852 -24.367 1.00 94.90  ? 49  ALA A O   1 
ATOM   299  C  CB  . ALA A 1 49  ? 27.977  -25.685 -23.849 1.00 89.03  ? 49  ALA A CB  1 
ATOM   300  N  N   . GLN A 1 50  ? 25.886  -27.711 -24.631 1.00 100.38 ? 50  GLN A N   1 
ATOM   301  C  CA  . GLN A 1 50  ? 24.818  -28.654 -24.311 1.00 97.51  ? 50  GLN A CA  1 
ATOM   302  C  C   . GLN A 1 50  ? 24.497  -28.464 -22.832 1.00 90.17  ? 50  GLN A C   1 
ATOM   303  O  O   . GLN A 1 50  ? 25.405  -28.426 -22.000 1.00 85.43  ? 50  GLN A O   1 
ATOM   304  C  CB  . GLN A 1 50  ? 25.305  -30.080 -24.584 1.00 94.69  ? 50  GLN A CB  1 
ATOM   305  C  CG  . GLN A 1 50  ? 24.280  -31.173 -24.375 1.00 100.38 ? 50  GLN A CG  1 
ATOM   306  C  CD  . GLN A 1 50  ? 24.896  -32.557 -24.479 1.00 100.38 ? 50  GLN A CD  1 
ATOM   307  O  OE1 . GLN A 1 50  ? 25.751  -32.936 -23.672 1.00 100.38 ? 50  GLN A OE1 1 
ATOM   308  N  NE2 . GLN A 1 50  ? 24.471  -33.317 -25.480 1.00 100.38 ? 50  GLN A NE2 1 
ATOM   309  N  N   . LEU A 1 51  ? 23.214  -28.341 -22.507 1.00 86.53  ? 51  LEU A N   1 
ATOM   310  C  CA  . LEU A 1 51  ? 22.801  -28.125 -21.127 1.00 95.45  ? 51  LEU A CA  1 
ATOM   311  C  C   . LEU A 1 51  ? 22.657  -29.384 -20.276 1.00 98.69  ? 51  LEU A C   1 
ATOM   312  O  O   . LEU A 1 51  ? 22.002  -30.349 -20.672 1.00 100.38 ? 51  LEU A O   1 
ATOM   313  C  CB  . LEU A 1 51  ? 21.494  -27.336 -21.100 1.00 99.61  ? 51  LEU A CB  1 
ATOM   314  C  CG  . LEU A 1 51  ? 21.599  -25.932 -21.698 1.00 94.85  ? 51  LEU A CG  1 
ATOM   315  C  CD1 . LEU A 1 51  ? 20.220  -25.286 -21.738 1.00 85.72  ? 51  LEU A CD1 1 
ATOM   316  C  CD2 . LEU A 1 51  ? 22.567  -25.102 -20.870 1.00 96.19  ? 51  LEU A CD2 1 
ATOM   317  N  N   . ALA A 1 52  ? 23.268  -29.344 -19.094 1.00 99.13  ? 52  ALA A N   1 
ATOM   318  C  CA  . ALA A 1 52  ? 23.257  -30.455 -18.144 1.00 100.38 ? 52  ALA A CA  1 
ATOM   319  C  C   . ALA A 1 52  ? 21.859  -30.932 -17.776 1.00 98.63  ? 52  ALA A C   1 
ATOM   320  O  O   . ALA A 1 52  ? 21.708  -31.942 -17.081 1.00 100.38 ? 52  ALA A O   1 
ATOM   321  C  CB  . ALA A 1 52  ? 24.020  -30.062 -16.872 1.00 99.74  ? 52  ALA A CB  1 
ATOM   322  N  N   . LEU A 1 53  ? 20.840  -30.203 -18.222 1.00 95.42  ? 53  LEU A N   1 
ATOM   323  C  CA  . LEU A 1 53  ? 19.464  -30.581 -17.931 1.00 95.01  ? 53  LEU A CA  1 
ATOM   324  C  C   . LEU A 1 53  ? 18.559  -30.419 -19.145 1.00 92.44  ? 53  LEU A C   1 
ATOM   325  O  O   . LEU A 1 53  ? 18.700  -29.481 -19.929 1.00 81.05  ? 53  LEU A O   1 
ATOM   326  C  CB  . LEU A 1 53  ? 18.909  -29.766 -16.750 1.00 94.60  ? 53  LEU A CB  1 
ATOM   327  C  CG  . LEU A 1 53  ? 19.488  -30.031 -15.349 1.00 93.31  ? 53  LEU A CG  1 
ATOM   328  C  CD1 . LEU A 1 53  ? 18.696  -29.232 -14.325 1.00 97.51  ? 53  LEU A CD1 1 
ATOM   329  C  CD2 . LEU A 1 53  ? 19.424  -31.516 -15.007 1.00 91.40  ? 53  LEU A CD2 1 
ATOM   330  N  N   . THR A 1 54  ? 17.629  -31.355 -19.286 1.00 94.53  ? 54  THR A N   1 
ATOM   331  C  CA  . THR A 1 54  ? 16.685  -31.356 -20.396 1.00 99.81  ? 54  THR A CA  1 
ATOM   332  C  C   . THR A 1 54  ? 15.681  -30.216 -20.269 1.00 100.38 ? 54  THR A C   1 
ATOM   333  O  O   . THR A 1 54  ? 15.083  -30.034 -19.202 1.00 91.79  ? 54  THR A O   1 
ATOM   334  C  CB  . THR A 1 54  ? 15.883  -32.688 -20.450 1.00 100.38 ? 54  THR A CB  1 
ATOM   335  O  OG1 . THR A 1 54  ? 15.059  -32.801 -19.283 1.00 100.38 ? 54  THR A OG1 1 
ATOM   336  C  CG2 . THR A 1 54  ? 16.827  -33.887 -20.503 1.00 100.38 ? 54  THR A CG2 1 
ATOM   337  N  N   . GLU A 1 55  ? 15.499  -29.462 -21.356 1.00 99.48  ? 55  GLU A N   1 
ATOM   338  C  CA  . GLU A 1 55  ? 14.544  -28.349 -21.389 1.00 100.38 ? 55  GLU A CA  1 
ATOM   339  C  C   . GLU A 1 55  ? 13.410  -28.672 -20.417 1.00 100.38 ? 55  GLU A C   1 
ATOM   340  O  O   . GLU A 1 55  ? 13.109  -27.896 -19.501 1.00 100.38 ? 55  GLU A O   1 
ATOM   341  C  CB  . GLU A 1 55  ? 13.989  -28.173 -22.807 1.00 99.83  ? 55  GLU A CB  1 
ATOM   342  C  CG  . GLU A 1 55  ? 15.067  -28.006 -23.863 0.00 98.60  ? 55  GLU A CG  1 
ATOM   343  C  CD  . GLU A 1 55  ? 14.501  -27.897 -25.263 0.00 98.00  ? 55  GLU A CD  1 
ATOM   344  O  OE1 . GLU A 1 55  ? 13.737  -26.943 -25.521 0.00 97.57  ? 55  GLU A OE1 1 
ATOM   345  O  OE2 . GLU A 1 55  ? 14.818  -28.764 -26.103 0.00 97.57  ? 55  GLU A OE2 1 
ATOM   346  N  N   . GLN A 1 56  ? 12.793  -29.831 -20.624 1.00 94.21  ? 56  GLN A N   1 
ATOM   347  C  CA  . GLN A 1 56  ? 11.736  -30.294 -19.747 1.00 95.48  ? 56  GLN A CA  1 
ATOM   348  C  C   . GLN A 1 56  ? 12.256  -30.167 -18.314 1.00 92.65  ? 56  GLN A C   1 
ATOM   349  O  O   . GLN A 1 56  ? 11.848  -29.270 -17.587 1.00 100.38 ? 56  GLN A O   1 
ATOM   350  C  CB  . GLN A 1 56  ? 11.397  -31.756 -20.064 1.00 100.33 ? 56  GLN A CB  1 
ATOM   351  C  CG  . GLN A 1 56  ? 10.501  -32.450 -19.037 1.00 100.38 ? 56  GLN A CG  1 
ATOM   352  C  CD  . GLN A 1 56  ? 9.093   -31.881 -18.991 1.00 100.38 ? 56  GLN A CD  1 
ATOM   353  O  OE1 . GLN A 1 56  ? 8.818   -30.818 -19.559 1.00 100.38 ? 56  GLN A OE1 1 
ATOM   354  N  NE2 . GLN A 1 56  ? 8.191   -32.585 -18.304 1.00 100.38 ? 56  GLN A NE2 1 
ATOM   355  N  N   . GLN A 1 57  ? 13.167  -31.056 -17.928 1.00 89.85  ? 57  GLN A N   1 
ATOM   356  C  CA  . GLN A 1 57  ? 13.771  -31.071 -16.587 1.00 97.69  ? 57  GLN A CA  1 
ATOM   357  C  C   . GLN A 1 57  ? 13.759  -29.750 -15.820 1.00 100.38 ? 57  GLN A C   1 
ATOM   358  O  O   . GLN A 1 57  ? 13.209  -29.662 -14.714 1.00 96.90  ? 57  GLN A O   1 
ATOM   359  C  CB  . GLN A 1 57  ? 15.225  -31.536 -16.666 1.00 96.03  ? 57  GLN A CB  1 
ATOM   360  C  CG  . GLN A 1 57  ? 15.457  -33.001 -16.428 1.00 92.99  ? 57  GLN A CG  1 
ATOM   361  C  CD  . GLN A 1 57  ? 16.929  -33.332 -16.461 1.00 97.76  ? 57  GLN A CD  1 
ATOM   362  O  OE1 . GLN A 1 57  ? 17.610  -33.068 -17.450 1.00 88.41  ? 57  GLN A OE1 1 
ATOM   363  N  NE2 . GLN A 1 57  ? 17.432  -33.908 -15.374 1.00 97.06  ? 57  GLN A NE2 1 
ATOM   364  N  N   . MET A 1 58  ? 14.409  -28.741 -16.403 1.00 100.38 ? 58  MET A N   1 
ATOM   365  C  CA  . MET A 1 58  ? 14.507  -27.420 -15.794 1.00 100.38 ? 58  MET A CA  1 
ATOM   366  C  C   . MET A 1 58  ? 13.110  -26.874 -15.530 1.00 100.38 ? 58  MET A C   1 
ATOM   367  O  O   . MET A 1 58  ? 12.745  -26.601 -14.378 1.00 97.79  ? 58  MET A O   1 
ATOM   368  C  CB  . MET A 1 58  ? 15.302  -26.476 -16.709 1.00 99.43  ? 58  MET A CB  1 
ATOM   369  C  CG  . MET A 1 58  ? 16.714  -26.981 -17.009 1.00 94.25  ? 58  MET A CG  1 
ATOM   370  S  SD  . MET A 1 58  ? 17.787  -25.811 -17.889 1.00 99.03  ? 58  MET A SD  1 
ATOM   371  C  CE  . MET A 1 58  ? 17.018  -25.721 -19.523 1.00 100.38 ? 58  MET A CE  1 
ATOM   372  N  N   . LYS A 1 59  ? 12.327  -26.726 -16.596 1.00 100.38 ? 59  LYS A N   1 
ATOM   373  C  CA  . LYS A 1 59  ? 10.961  -26.247 -16.458 1.00 100.38 ? 59  LYS A CA  1 
ATOM   374  C  C   . LYS A 1 59  ? 10.254  -27.002 -15.330 1.00 99.59  ? 59  LYS A C   1 
ATOM   375  O  O   . LYS A 1 59  ? 9.660   -26.392 -14.441 1.00 99.94  ? 59  LYS A O   1 
ATOM   376  C  CB  . LYS A 1 59  ? 10.196  -26.440 -17.766 1.00 97.19  ? 59  LYS A CB  1 
ATOM   377  C  CG  . LYS A 1 59  ? 9.945   -25.149 -18.534 1.00 100.38 ? 59  LYS A CG  1 
ATOM   378  C  CD  . LYS A 1 59  ? 11.243  -24.453 -18.927 1.00 100.38 ? 59  LYS A CD  1 
ATOM   379  C  CE  . LYS A 1 59  ? 10.960  -23.312 -19.888 0.00 100.38 ? 59  LYS A CE  1 
ATOM   380  N  NZ  . LYS A 1 59  ? 10.244  -23.795 -21.103 0.00 100.38 ? 59  LYS A NZ  1 
ATOM   381  N  N   . ASP A 1 60  ? 10.325  -28.328 -15.364 1.00 94.73  ? 60  ASP A N   1 
ATOM   382  C  CA  . ASP A 1 60  ? 9.694   -29.135 -14.334 1.00 97.26  ? 60  ASP A CA  1 
ATOM   383  C  C   . ASP A 1 60  ? 10.042  -28.588 -12.961 1.00 96.21  ? 60  ASP A C   1 
ATOM   384  O  O   . ASP A 1 60  ? 9.157   -28.338 -12.144 1.00 100.38 ? 60  ASP A O   1 
ATOM   385  C  CB  . ASP A 1 60  ? 10.159  -30.588 -14.425 1.00 100.38 ? 60  ASP A CB  1 
ATOM   386  C  CG  . ASP A 1 60  ? 9.946   -31.178 -15.800 1.00 100.38 ? 60  ASP A CG  1 
ATOM   387  O  OD1 . ASP A 1 60  ? 8.814   -31.051 -16.325 1.00 100.38 ? 60  ASP A OD1 1 
ATOM   388  O  OD2 . ASP A 1 60  ? 10.909  -31.767 -16.347 1.00 100.38 ? 60  ASP A OD2 1 
ATOM   389  N  N   . VAL A 1 61  ? 11.331  -28.391 -12.708 1.00 95.58  ? 61  VAL A N   1 
ATOM   390  C  CA  . VAL A 1 61  ? 11.758  -27.877 -11.413 1.00 100.38 ? 61  VAL A CA  1 
ATOM   391  C  C   . VAL A 1 61  ? 11.460  -26.391 -11.191 1.00 100.38 ? 61  VAL A C   1 
ATOM   392  O  O   . VAL A 1 61  ? 11.094  -25.995 -10.076 1.00 100.38 ? 61  VAL A O   1 
ATOM   393  C  CB  . VAL A 1 61  ? 13.251  -28.167 -11.167 1.00 98.70  ? 61  VAL A CB  1 
ATOM   394  C  CG1 . VAL A 1 61  ? 13.818  -27.206 -10.132 1.00 96.49  ? 61  VAL A CG1 1 
ATOM   395  C  CG2 . VAL A 1 61  ? 13.403  -29.596 -10.663 1.00 98.77  ? 61  VAL A CG2 1 
ATOM   396  N  N   . LEU A 1 62  ? 11.611  -25.568 -12.226 1.00 94.18  ? 62  LEU A N   1 
ATOM   397  C  CA  . LEU A 1 62  ? 11.306  -24.151 -12.071 1.00 91.17  ? 62  LEU A CA  1 
ATOM   398  C  C   . LEU A 1 62  ? 9.822   -24.003 -11.761 1.00 100.38 ? 62  LEU A C   1 
ATOM   399  O  O   . LEU A 1 62  ? 9.446   -23.258 -10.856 1.00 100.38 ? 62  LEU A O   1 
ATOM   400  C  CB  . LEU A 1 62  ? 11.640  -23.365 -13.337 1.00 75.90  ? 62  LEU A CB  1 
ATOM   401  C  CG  . LEU A 1 62  ? 13.128  -23.182 -13.626 1.00 82.25  ? 62  LEU A CG  1 
ATOM   402  C  CD1 . LEU A 1 62  ? 13.302  -22.228 -14.799 1.00 83.44  ? 62  LEU A CD1 1 
ATOM   403  C  CD2 . LEU A 1 62  ? 13.830  -22.638 -12.392 1.00 82.95  ? 62  LEU A CD2 1 
ATOM   404  N  N   . ASN A 1 63  ? 8.985   -24.723 -12.508 1.00 100.38 ? 63  ASN A N   1 
ATOM   405  C  CA  . ASN A 1 63  ? 7.543   -24.672 -12.296 1.00 98.73  ? 63  ASN A CA  1 
ATOM   406  C  C   . ASN A 1 63  ? 7.232   -24.998 -10.844 1.00 94.83  ? 63  ASN A C   1 
ATOM   407  O  O   . ASN A 1 63  ? 6.263   -24.493 -10.275 1.00 100.35 ? 63  ASN A O   1 
ATOM   408  C  CB  . ASN A 1 63  ? 6.809   -25.671 -13.204 1.00 100.38 ? 63  ASN A CB  1 
ATOM   409  C  CG  . ASN A 1 63  ? 7.002   -25.376 -14.689 1.00 100.38 ? 63  ASN A CG  1 
ATOM   410  O  OD1 . ASN A 1 63  ? 6.978   -24.218 -15.120 1.00 100.38 ? 63  ASN A OD1 1 
ATOM   411  N  ND2 . ASN A 1 63  ? 7.179   -26.432 -15.481 1.00 100.38 ? 63  ASN A ND2 1 
ATOM   412  N  N   . LYS A 1 64  ? 8.055   -25.841 -10.240 1.00 83.48  ? 64  LYS A N   1 
ATOM   413  C  CA  . LYS A 1 64  ? 7.821   -26.200 -8.857  1.00 88.28  ? 64  LYS A CA  1 
ATOM   414  C  C   . LYS A 1 64  ? 8.379   -25.113 -7.944  1.00 91.15  ? 64  LYS A C   1 
ATOM   415  O  O   . LYS A 1 64  ? 7.916   -24.926 -6.820  1.00 96.90  ? 64  LYS A O   1 
ATOM   416  C  CB  . LYS A 1 64  ? 8.473   -27.544 -8.538  1.00 82.02  ? 64  LYS A CB  1 
ATOM   417  C  CG  . LYS A 1 64  ? 7.930   -28.203 -7.266  1.00 92.91  ? 64  LYS A CG  1 
ATOM   418  C  CD  . LYS A 1 64  ? 9.040   -28.556 -6.283  1.00 94.69  ? 64  LYS A CD  1 
ATOM   419  C  CE  . LYS A 1 64  ? 8.504   -29.298 -5.072  0.00 95.22  ? 64  LYS A CE  1 
ATOM   420  N  NZ  . LYS A 1 64  ? 9.597   -29.659 -4.127  0.00 95.46  ? 64  LYS A NZ  1 
ATOM   421  N  N   . PHE A 1 65  ? 9.378   -24.389 -8.431  1.00 85.67  ? 65  PHE A N   1 
ATOM   422  C  CA  . PHE A 1 65  ? 9.988   -23.331 -7.640  1.00 82.92  ? 65  PHE A CA  1 
ATOM   423  C  C   . PHE A 1 65  ? 9.029   -22.166 -7.449  1.00 87.93  ? 65  PHE A C   1 
ATOM   424  O  O   . PHE A 1 65  ? 8.923   -21.616 -6.354  1.00 74.35  ? 65  PHE A O   1 
ATOM   425  C  CB  . PHE A 1 65  ? 11.247  -22.831 -8.327  1.00 78.98  ? 65  PHE A CB  1 
ATOM   426  C  CG  . PHE A 1 65  ? 11.856  -21.632 -7.672  1.00 66.40  ? 65  PHE A CG  1 
ATOM   427  C  CD1 . PHE A 1 65  ? 12.272  -21.684 -6.345  1.00 67.56  ? 65  PHE A CD1 1 
ATOM   428  C  CD2 . PHE A 1 65  ? 12.045  -20.469 -8.395  1.00 39.06  ? 65  PHE A CD2 1 
ATOM   429  C  CE1 . PHE A 1 65  ? 12.877  -20.586 -5.747  1.00 72.51  ? 65  PHE A CE1 1 
ATOM   430  C  CE2 . PHE A 1 65  ? 12.644  -19.366 -7.818  1.00 67.95  ? 65  PHE A CE2 1 
ATOM   431  C  CZ  . PHE A 1 65  ? 13.065  -19.422 -6.485  1.00 79.05  ? 65  PHE A CZ  1 
ATOM   432  N  N   . GLN A 1 66  ? 8.348   -21.787 -8.527  1.00 88.24  ? 66  GLN A N   1 
ATOM   433  C  CA  . GLN A 1 66  ? 7.383   -20.695 -8.492  1.00 87.50  ? 66  GLN A CA  1 
ATOM   434  C  C   . GLN A 1 66  ? 6.195   -21.057 -7.619  1.00 83.58  ? 66  GLN A C   1 
ATOM   435  O  O   . GLN A 1 66  ? 5.803   -20.297 -6.746  1.00 71.40  ? 66  GLN A O   1 
ATOM   436  C  CB  . GLN A 1 66  ? 6.895   -20.380 -9.901  1.00 82.97  ? 66  GLN A CB  1 
ATOM   437  C  CG  . GLN A 1 66  ? 7.984   -19.881 -10.786 1.00 83.89  ? 66  GLN A CG  1 
ATOM   438  C  CD  . GLN A 1 66  ? 8.812   -18.830 -10.094 1.00 96.32  ? 66  GLN A CD  1 
ATOM   439  O  OE1 . GLN A 1 66  ? 8.281   -17.823 -9.619  1.00 97.40  ? 66  GLN A OE1 1 
ATOM   440  N  NE2 . GLN A 1 66  ? 10.122  -19.058 -10.020 1.00 99.07  ? 66  GLN A NE2 1 
ATOM   441  N  N   . LYS A 1 67  ? 5.631   -22.229 -7.867  1.00 85.72  ? 67  LYS A N   1 
ATOM   442  C  CA  . LYS A 1 67  ? 4.489   -22.698 -7.110  1.00 89.83  ? 67  LYS A CA  1 
ATOM   443  C  C   . LYS A 1 67  ? 4.809   -22.602 -5.621  1.00 85.64  ? 67  LYS A C   1 
ATOM   444  O  O   . LYS A 1 67  ? 3.958   -22.227 -4.814  1.00 93.05  ? 67  LYS A O   1 
ATOM   445  C  CB  . LYS A 1 67  ? 4.174   -24.146 -7.507  1.00 96.65  ? 67  LYS A CB  1 
ATOM   446  C  CG  . LYS A 1 67  ? 2.779   -24.637 -7.113  1.00 100.38 ? 67  LYS A CG  1 
ATOM   447  C  CD  . LYS A 1 67  ? 2.245   -25.672 -8.119  1.00 100.38 ? 67  LYS A CD  1 
ATOM   448  C  CE  . LYS A 1 67  ? 2.123   -25.062 -9.529  1.00 100.38 ? 67  LYS A CE  1 
ATOM   449  N  NZ  . LYS A 1 67  ? 1.583   -26.001 -10.552 1.00 93.43  ? 67  LYS A NZ  1 
ATOM   450  N  N   . ASP A 1 68  ? 6.044   -22.924 -5.257  1.00 70.66  ? 68  ASP A N   1 
ATOM   451  C  CA  . ASP A 1 68  ? 6.447   -22.873 -3.861  1.00 74.54  ? 68  ASP A CA  1 
ATOM   452  C  C   . ASP A 1 68  ? 6.709   -21.434 -3.423  1.00 77.74  ? 68  ASP A C   1 
ATOM   453  O  O   . ASP A 1 68  ? 6.656   -21.112 -2.237  1.00 70.89  ? 68  ASP A O   1 
ATOM   454  C  CB  . ASP A 1 68  ? 7.697   -23.733 -3.638  1.00 79.56  ? 68  ASP A CB  1 
ATOM   455  C  CG  . ASP A 1 68  ? 7.454   -25.204 -3.920  0.00 76.33  ? 68  ASP A CG  1 
ATOM   456  O  OD1 . ASP A 1 68  ? 6.401   -25.727 -3.499  0.00 75.80  ? 68  ASP A OD1 1 
ATOM   457  O  OD2 . ASP A 1 68  ? 8.321   -25.840 -4.553  0.00 75.80  ? 68  ASP A OD2 1 
ATOM   458  N  N   . LEU A 1 69  ? 6.997   -20.573 -4.393  1.00 78.39  ? 69  LEU A N   1 
ATOM   459  C  CA  . LEU A 1 69  ? 7.253   -19.164 -4.124  1.00 79.37  ? 69  LEU A CA  1 
ATOM   460  C  C   . LEU A 1 69  ? 5.887   -18.585 -3.756  1.00 83.24  ? 69  LEU A C   1 
ATOM   461  O  O   . LEU A 1 69  ? 5.716   -17.927 -2.725  1.00 78.48  ? 69  LEU A O   1 
ATOM   462  C  CB  . LEU A 1 69  ? 7.783   -18.490 -5.396  1.00 74.91  ? 69  LEU A CB  1 
ATOM   463  C  CG  . LEU A 1 69  ? 8.818   -17.369 -5.310  1.00 75.71  ? 69  LEU A CG  1 
ATOM   464  C  CD1 . LEU A 1 69  ? 8.737   -16.541 -6.602  1.00 73.65  ? 69  LEU A CD1 1 
ATOM   465  C  CD2 . LEU A 1 69  ? 8.558   -16.484 -4.092  1.00 77.60  ? 69  LEU A CD2 1 
ATOM   466  N  N   . MET A 1 70  ? 4.918   -18.865 -4.623  1.00 81.78  ? 70  MET A N   1 
ATOM   467  C  CA  . MET A 1 70  ? 3.541   -18.431 -4.462  1.00 77.14  ? 70  MET A CA  1 
ATOM   468  C  C   . MET A 1 70  ? 3.042   -18.799 -3.087  1.00 71.81  ? 70  MET A C   1 
ATOM   469  O  O   . MET A 1 70  ? 2.348   -18.026 -2.441  1.00 75.04  ? 70  MET A O   1 
ATOM   470  C  CB  . MET A 1 70  ? 2.659   -19.100 -5.519  1.00 79.87  ? 70  MET A CB  1 
ATOM   471  C  CG  . MET A 1 70  ? 1.167   -18.817 -5.374  1.00 92.91  ? 70  MET A CG  1 
ATOM   472  S  SD  . MET A 1 70  ? 0.278   -19.026 -6.937  1.00 96.67  ? 70  MET A SD  1 
ATOM   473  C  CE  . MET A 1 70  ? 0.564   -17.391 -7.685  1.00 78.57  ? 70  MET A CE  1 
ATOM   474  N  N   . ALA A 1 71  ? 3.393   -19.991 -2.641  1.00 65.49  ? 71  ALA A N   1 
ATOM   475  C  CA  . ALA A 1 71  ? 2.959   -20.436 -1.337  1.00 72.18  ? 71  ALA A CA  1 
ATOM   476  C  C   . ALA A 1 71  ? 3.575   -19.536 -0.286  1.00 76.41  ? 71  ALA A C   1 
ATOM   477  O  O   . ALA A 1 71  ? 2.922   -19.175 0.697   1.00 83.81  ? 71  ALA A O   1 
ATOM   478  C  CB  . ALA A 1 71  ? 3.387   -21.885 -1.107  1.00 67.47  ? 71  ALA A CB  1 
ATOM   479  N  N   . LYS A 1 72  ? 4.836   -19.172 -0.509  1.00 76.29  ? 72  LYS A N   1 
ATOM   480  C  CA  . LYS A 1 72  ? 5.576   -18.334 0.424   1.00 68.00  ? 72  LYS A CA  1 
ATOM   481  C  C   . LYS A 1 72  ? 4.972   -16.948 0.545   1.00 69.75  ? 72  LYS A C   1 
ATOM   482  O  O   . LYS A 1 72  ? 4.798   -16.446 1.658   1.00 75.98  ? 72  LYS A O   1 
ATOM   483  C  CB  . LYS A 1 72  ? 7.036   -18.212 -0.003  1.00 65.10  ? 72  LYS A CB  1 
ATOM   484  C  CG  . LYS A 1 72  ? 7.797   -19.526 -0.042  0.00 58.60  ? 72  LYS A CG  1 
ATOM   485  C  CD  . LYS A 1 72  ? 9.224   -19.317 -0.527  0.00 53.72  ? 72  LYS A CD  1 
ATOM   486  C  CE  . LYS A 1 72  ? 9.977   -20.632 -0.611  0.00 50.41  ? 72  LYS A CE  1 
ATOM   487  N  NZ  . LYS A 1 72  ? 11.369  -20.444 -1.101  0.00 47.23  ? 72  LYS A NZ  1 
ATOM   488  N  N   . ARG A 1 73  ? 4.665   -16.327 -0.593  1.00 60.93  ? 73  ARG A N   1 
ATOM   489  C  CA  . ARG A 1 73  ? 4.071   -14.990 -0.604  1.00 53.64  ? 73  ARG A CA  1 
ATOM   490  C  C   . ARG A 1 73  ? 2.752   -15.033 0.175   1.00 60.41  ? 73  ARG A C   1 
ATOM   491  O  O   . ARG A 1 73  ? 2.546   -14.246 1.107   1.00 48.20  ? 73  ARG A O   1 
ATOM   492  C  CB  . ARG A 1 73  ? 3.818   -14.520 -2.047  1.00 52.96  ? 73  ARG A CB  1 
ATOM   493  C  CG  . ARG A 1 73  ? 4.992   -13.791 -2.691  1.00 63.57  ? 73  ARG A CG  1 
ATOM   494  C  CD  . ARG A 1 73  ? 4.820   -13.708 -4.203  1.00 78.63  ? 73  ARG A CD  1 
ATOM   495  N  NE  . ARG A 1 73  ? 5.090   -14.995 -4.848  1.00 93.57  ? 73  ARG A NE  1 
ATOM   496  C  CZ  . ARG A 1 73  ? 4.742   -15.309 -6.096  1.00 98.66  ? 73  ARG A CZ  1 
ATOM   497  N  NH1 . ARG A 1 73  ? 4.103   -14.433 -6.856  1.00 93.15  ? 73  ARG A NH1 1 
ATOM   498  N  NH2 . ARG A 1 73  ? 5.028   -16.511 -6.581  1.00 100.38 ? 73  ARG A NH2 1 
ATOM   499  N  N   . THR A 1 74  ? 1.878   -15.967 -0.197  1.00 61.28  ? 74  THR A N   1 
ATOM   500  C  CA  . THR A 1 74  ? 0.589   -16.114 0.456   1.00 55.83  ? 74  THR A CA  1 
ATOM   501  C  C   . THR A 1 74  ? 0.830   -16.203 1.944   1.00 58.65  ? 74  THR A C   1 
ATOM   502  O  O   . THR A 1 74  ? 0.070   -15.677 2.734   1.00 61.52  ? 74  THR A O   1 
ATOM   503  C  CB  . THR A 1 74  ? -0.157  -17.370 -0.041  1.00 59.68  ? 74  THR A CB  1 
ATOM   504  O  OG1 . THR A 1 74  ? -0.333  -17.290 -1.462  1.00 60.75  ? 74  THR A OG1 1 
ATOM   505  C  CG2 . THR A 1 74  ? -1.538  -17.467 0.601   1.00 50.25  ? 74  THR A CG2 1 
ATOM   506  N  N   . ALA A 1 75  ? 1.914   -16.856 2.326   1.00 66.33  ? 75  ALA A N   1 
ATOM   507  C  CA  . ALA A 1 75  ? 2.231   -16.984 3.738   1.00 74.36  ? 75  ALA A CA  1 
ATOM   508  C  C   . ALA A 1 75  ? 2.418   -15.592 4.314   1.00 69.35  ? 75  ALA A C   1 
ATOM   509  O  O   . ALA A 1 75  ? 1.716   -15.204 5.242   1.00 66.53  ? 75  ALA A O   1 
ATOM   510  C  CB  . ALA A 1 75  ? 3.507   -17.810 3.929   1.00 82.97  ? 75  ALA A CB  1 
ATOM   511  N  N   . GLU A 1 76  ? 3.367   -14.847 3.751   1.00 58.29  ? 76  GLU A N   1 
ATOM   512  C  CA  . GLU A 1 76  ? 3.652   -13.496 4.216   1.00 63.98  ? 76  GLU A CA  1 
ATOM   513  C  C   . GLU A 1 76  ? 2.400   -12.623 4.214   1.00 55.89  ? 76  GLU A C   1 
ATOM   514  O  O   . GLU A 1 76  ? 2.112   -11.952 5.192   1.00 52.48  ? 76  GLU A O   1 
ATOM   515  C  CB  . GLU A 1 76  ? 4.726   -12.818 3.343   1.00 65.58  ? 76  GLU A CB  1 
ATOM   516  C  CG  . GLU A 1 76  ? 5.982   -13.651 3.070   1.00 91.52  ? 76  GLU A CG  1 
ATOM   517  C  CD  . GLU A 1 76  ? 6.370   -14.565 4.231   1.00 100.38 ? 76  GLU A CD  1 
ATOM   518  O  OE1 . GLU A 1 76  ? 6.446   -14.083 5.390   1.00 95.41  ? 76  GLU A OE1 1 
ATOM   519  O  OE2 . GLU A 1 76  ? 6.605   -15.771 3.976   1.00 100.38 ? 76  GLU A OE2 1 
ATOM   520  N  N   . PHE A 1 77  ? 1.665   -12.643 3.107   1.00 52.95  ? 77  PHE A N   1 
ATOM   521  C  CA  . PHE A 1 77  ? 0.465   -11.837 2.974   1.00 48.88  ? 77  PHE A CA  1 
ATOM   522  C  C   . PHE A 1 77  ? -0.476  -12.015 4.152   1.00 55.68  ? 77  PHE A C   1 
ATOM   523  O  O   . PHE A 1 77  ? -0.776  -11.050 4.859   1.00 46.98  ? 77  PHE A O   1 
ATOM   524  C  CB  . PHE A 1 77  ? -0.276  -12.180 1.697   1.00 46.06  ? 77  PHE A CB  1 
ATOM   525  C  CG  . PHE A 1 77  ? -1.443  -11.287 1.429   1.00 65.95  ? 77  PHE A CG  1 
ATOM   526  C  CD1 . PHE A 1 77  ? -1.250  -9.995  0.939   1.00 57.75  ? 77  PHE A CD1 1 
ATOM   527  C  CD2 . PHE A 1 77  ? -2.740  -11.728 1.674   1.00 64.13  ? 77  PHE A CD2 1 
ATOM   528  C  CE1 . PHE A 1 77  ? -2.331  -9.155  0.694   1.00 60.33  ? 77  PHE A CE1 1 
ATOM   529  C  CE2 . PHE A 1 77  ? -3.831  -10.893 1.431   1.00 50.37  ? 77  PHE A CE2 1 
ATOM   530  C  CZ  . PHE A 1 77  ? -3.623  -9.606  0.939   1.00 43.75  ? 77  PHE A CZ  1 
ATOM   531  N  N   . ASN A 1 78  ? -0.927  -13.249 4.358   1.00 49.78  ? 78  ASN A N   1 
ATOM   532  C  CA  . ASN A 1 78  ? -1.835  -13.565 5.445   1.00 54.35  ? 78  ASN A CA  1 
ATOM   533  C  C   . ASN A 1 78  ? -1.213  -13.205 6.788   1.00 52.19  ? 78  ASN A C   1 
ATOM   534  O  O   . ASN A 1 78  ? -1.925  -12.850 7.732   1.00 55.22  ? 78  ASN A O   1 
ATOM   535  C  CB  . ASN A 1 78  ? -2.228  -15.058 5.433   1.00 56.66  ? 78  ASN A CB  1 
ATOM   536  C  CG  . ASN A 1 78  ? -2.839  -15.503 4.100   1.00 56.40  ? 78  ASN A CG  1 
ATOM   537  O  OD1 . ASN A 1 78  ? -3.436  -14.711 3.364   1.00 65.54  ? 78  ASN A OD1 1 
ATOM   538  N  ND2 . ASN A 1 78  ? -2.698  -16.789 3.795   1.00 71.38  ? 78  ASN A ND2 1 
ATOM   539  N  N   . LYS A 1 79  ? 0.107   -13.267 6.881   1.00 46.70  ? 79  LYS A N   1 
ATOM   540  C  CA  . LYS A 1 79  ? 0.764   -12.929 8.141   1.00 52.17  ? 79  LYS A CA  1 
ATOM   541  C  C   . LYS A 1 79  ? 0.794   -11.426 8.332   1.00 51.95  ? 79  LYS A C   1 
ATOM   542  O  O   . LYS A 1 79  ? 0.620   -10.925 9.444   1.00 59.40  ? 79  LYS A O   1 
ATOM   543  C  CB  . LYS A 1 79  ? 2.195   -13.485 8.173   1.00 66.71  ? 79  LYS A CB  1 
ATOM   544  C  CG  . LYS A 1 79  ? 2.252   -15.017 8.181   1.00 89.69  ? 79  LYS A CG  1 
ATOM   545  C  CD  . LYS A 1 79  ? 3.664   -15.558 7.942   1.00 100.38 ? 79  LYS A CD  1 
ATOM   546  C  CE  . LYS A 1 79  ? 3.653   -17.088 7.807   1.00 100.38 ? 79  LYS A CE  1 
ATOM   547  N  NZ  . LYS A 1 79  ? 4.978   -17.660 7.435   1.00 98.12  ? 79  LYS A NZ  1 
ATOM   548  N  N   . LYS A 1 80  ? 1.018   -10.710 7.235   1.00 50.72  ? 80  LYS A N   1 
ATOM   549  C  CA  . LYS A 1 80  ? 1.076   -9.254  7.252   1.00 50.70  ? 80  LYS A CA  1 
ATOM   550  C  C   . LYS A 1 80  ? -0.302  -8.736  7.660   1.00 53.92  ? 80  LYS A C   1 
ATOM   551  O  O   . LYS A 1 80  ? -0.413  -7.845  8.491   1.00 51.63  ? 80  LYS A O   1 
ATOM   552  C  CB  . LYS A 1 80  ? 1.431   -8.716  5.862   1.00 43.72  ? 80  LYS A CB  1 
ATOM   553  C  CG  . LYS A 1 80  ? 1.893   -7.275  5.873   1.00 48.80  ? 80  LYS A CG  1 
ATOM   554  C  CD  . LYS A 1 80  ? 3.266   -7.149  6.540   1.00 61.03  ? 80  LYS A CD  1 
ATOM   555  C  CE  . LYS A 1 80  ? 3.648   -5.691  6.867   1.00 82.19  ? 80  LYS A CE  1 
ATOM   556  N  NZ  . LYS A 1 80  ? 2.909   -5.080  8.037   1.00 76.71  ? 80  LYS A NZ  1 
ATOM   557  N  N   . ALA A 1 81  ? -1.333  -9.326  7.059   1.00 49.44  ? 81  ALA A N   1 
ATOM   558  C  CA  . ALA A 1 81  ? -2.730  -8.989  7.297   1.00 47.60  ? 81  ALA A CA  1 
ATOM   559  C  C   . ALA A 1 81  ? -3.119  -9.074  8.763   1.00 49.53  ? 81  ALA A C   1 
ATOM   560  O  O   . ALA A 1 81  ? -3.780  -8.180  9.295   1.00 51.12  ? 81  ALA A O   1 
ATOM   561  C  CB  . ALA A 1 81  ? -3.619  -9.909  6.479   1.00 43.19  ? 81  ALA A CB  1 
ATOM   562  N  N   . ASP A 1 82  ? -2.735  -10.166 9.404   1.00 46.81  ? 82  ASP A N   1 
ATOM   563  C  CA  . ASP A 1 82  ? -3.034  -10.369 10.818  1.00 52.54  ? 82  ASP A CA  1 
ATOM   564  C  C   . ASP A 1 82  ? -2.244  -9.342  11.639  1.00 51.66  ? 82  ASP A C   1 
ATOM   565  O  O   . ASP A 1 82  ? -2.724  -8.816  12.648  1.00 51.37  ? 82  ASP A O   1 
ATOM   566  C  CB  . ASP A 1 82  ? -2.639  -11.798 11.243  1.00 54.53  ? 82  ASP A CB  1 
ATOM   567  C  CG  . ASP A 1 82  ? -3.520  -12.886 10.598  1.00 67.47  ? 82  ASP A CG  1 
ATOM   568  O  OD1 . ASP A 1 82  ? -4.285  -12.588 9.654   1.00 80.90  ? 82  ASP A OD1 1 
ATOM   569  O  OD2 . ASP A 1 82  ? -3.442  -14.060 11.035  1.00 84.32  ? 82  ASP A OD2 1 
ATOM   570  N  N   . GLU A 1 83  ? -1.025  -9.068  11.186  1.00 49.33  ? 83  GLU A N   1 
ATOM   571  C  CA  . GLU A 1 83  ? -0.122  -8.114  11.835  1.00 50.76  ? 83  GLU A CA  1 
ATOM   572  C  C   . GLU A 1 83  ? -0.620  -6.664  11.760  1.00 50.48  ? 83  GLU A C   1 
ATOM   573  O  O   . GLU A 1 83  ? -0.621  -5.939  12.759  1.00 50.76  ? 83  GLU A O   1 
ATOM   574  C  CB  . GLU A 1 83  ? 1.261   -8.230  11.174  1.00 52.27  ? 83  GLU A CB  1 
ATOM   575  C  CG  . GLU A 1 83  ? 2.289   -7.170  11.548  1.00 68.35  ? 83  GLU A CG  1 
ATOM   576  C  CD  . GLU A 1 83  ? 3.665   -7.456  10.928  1.00 86.48  ? 83  GLU A CD  1 
ATOM   577  O  OE1 . GLU A 1 83  ? 3.700   -7.887  9.755   1.00 79.76  ? 83  GLU A OE1 1 
ATOM   578  O  OE2 . GLU A 1 83  ? 4.710   -7.243  11.598  1.00 90.94  ? 83  GLU A OE2 1 
ATOM   579  N  N   . ASN A 1 84  ? -1.055  -6.251  10.573  1.00 43.56  ? 84  ASN A N   1 
ATOM   580  C  CA  . ASN A 1 84  ? -1.511  -4.889  10.384  1.00 38.00  ? 84  ASN A CA  1 
ATOM   581  C  C   . ASN A 1 84  ? -2.823  -4.599  11.084  1.00 39.03  ? 84  ASN A C   1 
ATOM   582  O  O   . ASN A 1 84  ? -3.088  -3.464  11.469  1.00 39.93  ? 84  ASN A O   1 
ATOM   583  C  CB  . ASN A 1 84  ? -1.645  -4.575  8.900   1.00 37.64  ? 84  ASN A CB  1 
ATOM   584  C  CG  . ASN A 1 84  ? -0.302  -4.390  8.203   1.00 49.82  ? 84  ASN A CG  1 
ATOM   585  O  OD1 . ASN A 1 84  ? 0.714   -4.058  8.841   1.00 55.91  ? 84  ASN A OD1 1 
ATOM   586  N  ND2 . ASN A 1 84  ? -0.297  -4.579  6.875   1.00 34.14  ? 84  ASN A ND2 1 
ATOM   587  N  N   . LYS A 1 85  ? -3.646  -5.622  11.254  1.00 35.53  ? 85  LYS A N   1 
ATOM   588  C  CA  . LYS A 1 85  ? -4.930  -5.438  11.900  1.00 50.36  ? 85  LYS A CA  1 
ATOM   589  C  C   . LYS A 1 85  ? -4.646  -5.185  13.373  1.00 57.53  ? 85  LYS A C   1 
ATOM   590  O  O   . LYS A 1 85  ? -5.229  -4.294  14.018  1.00 52.01  ? 85  LYS A O   1 
ATOM   591  C  CB  . LYS A 1 85  ? -5.798  -6.687  11.712  1.00 48.72  ? 85  LYS A CB  1 
ATOM   592  C  CG  . LYS A 1 85  ? -7.212  -6.544  12.252  1.00 45.31  ? 85  LYS A CG  1 
ATOM   593  C  CD  . LYS A 1 85  ? -7.976  -5.416  11.540  1.00 59.47  ? 85  LYS A CD  1 
ATOM   594  C  CE  . LYS A 1 85  ? -9.333  -5.149  12.201  1.00 60.89  ? 85  LYS A CE  1 
ATOM   595  N  NZ  . LYS A 1 85  ? -10.205 -6.370  12.308  1.00 60.23  ? 85  LYS A NZ  1 
ATOM   596  N  N   . VAL A 1 86  ? -3.722  -5.971  13.898  1.00 52.42  ? 86  VAL A N   1 
ATOM   597  C  CA  . VAL A 1 86  ? -3.343  -5.830  15.279  1.00 49.49  ? 86  VAL A CA  1 
ATOM   598  C  C   . VAL A 1 86  ? -2.762  -4.446  15.500  1.00 48.13  ? 86  VAL A C   1 
ATOM   599  O  O   . VAL A 1 86  ? -3.151  -3.773  16.449  1.00 49.36  ? 86  VAL A O   1 
ATOM   600  C  CB  . VAL A 1 86  ? -2.360  -6.945  15.670  1.00 59.41  ? 86  VAL A CB  1 
ATOM   601  C  CG1 . VAL A 1 86  ? -1.601  -6.592  16.961  1.00 35.97  ? 86  VAL A CG1 1 
ATOM   602  C  CG2 . VAL A 1 86  ? -3.158  -8.246  15.833  1.00 42.66  ? 86  VAL A CG2 1 
ATOM   603  N  N   . LYS A 1 87  ? -1.859  -4.015  14.619  1.00 40.02  ? 87  LYS A N   1 
ATOM   604  C  CA  . LYS A 1 87  ? -1.256  -2.685  14.743  1.00 53.34  ? 87  LYS A CA  1 
ATOM   605  C  C   . LYS A 1 87  ? -2.314  -1.621  14.550  1.00 53.49  ? 87  LYS A C   1 
ATOM   606  O  O   . LYS A 1 87  ? -2.310  -0.594  15.220  1.00 53.25  ? 87  LYS A O   1 
ATOM   607  C  CB  . LYS A 1 87  ? -0.184  -2.450  13.686  1.00 59.73  ? 87  LYS A CB  1 
ATOM   608  C  CG  . LYS A 1 87  ? 1.030   -3.372  13.737  1.00 73.27  ? 87  LYS A CG  1 
ATOM   609  C  CD  . LYS A 1 87  ? 1.995   -2.954  12.629  1.00 76.23  ? 87  LYS A CD  1 
ATOM   610  C  CE  . LYS A 1 87  ? 3.003   -4.024  12.296  1.00 76.57  ? 87  LYS A CE  1 
ATOM   611  N  NZ  . LYS A 1 87  ? 3.217   -4.068  10.810  1.00 86.62  ? 87  LYS A NZ  1 
ATOM   612  N  N   . GLY A 1 88  ? -3.215  -1.877  13.610  1.00 54.71  ? 88  GLY A N   1 
ATOM   613  C  CA  . GLY A 1 88  ? -4.278  -0.937  13.329  1.00 48.08  ? 88  GLY A CA  1 
ATOM   614  C  C   . GLY A 1 88  ? -5.177  -0.662  14.517  1.00 42.98  ? 88  GLY A C   1 
ATOM   615  O  O   . GLY A 1 88  ? -5.559  0.483   14.760  1.00 43.95  ? 88  GLY A O   1 
ATOM   616  N  N   . GLU A 1 89  ? -5.524  -1.702  15.264  1.00 42.39  ? 89  GLU A N   1 
ATOM   617  C  CA  . GLU A 1 89  ? -6.390  -1.519  16.411  1.00 43.64  ? 89  GLU A CA  1 
ATOM   618  C  C   . GLU A 1 89  ? -5.659  -0.886  17.587  1.00 48.72  ? 89  GLU A C   1 
ATOM   619  O  O   . GLU A 1 89  ? -6.261  -0.171  18.396  1.00 49.57  ? 89  GLU A O   1 
ATOM   620  C  CB  . GLU A 1 89  ? -7.015  -2.860  16.790  1.00 40.61  ? 89  GLU A CB  1 
ATOM   621  C  CG  . GLU A 1 89  ? -7.532  -3.563  15.552  1.00 72.00  ? 89  GLU A CG  1 
ATOM   622  C  CD  . GLU A 1 89  ? -8.800  -4.370  15.782  1.00 97.40  ? 89  GLU A CD  1 
ATOM   623  O  OE1 . GLU A 1 89  ? -8.746  -5.375  16.534  1.00 100.38 ? 89  GLU A OE1 1 
ATOM   624  O  OE2 . GLU A 1 89  ? -9.850  -3.995  15.199  1.00 100.38 ? 89  GLU A OE2 1 
ATOM   625  N  N   . ALA A 1 90  ? -4.356  -1.116  17.674  1.00 44.24  ? 90  ALA A N   1 
ATOM   626  C  CA  . ALA A 1 90  ? -3.581  -0.530  18.768  1.00 48.70  ? 90  ALA A CA  1 
ATOM   627  C  C   . ALA A 1 90  ? -3.482  0.972   18.526  1.00 45.01  ? 90  ALA A C   1 
ATOM   628  O  O   . ALA A 1 90  ? -3.599  1.777   19.448  1.00 51.28  ? 90  ALA A O   1 
ATOM   629  C  CB  . ALA A 1 90  ? -2.186  -1.146  18.819  1.00 44.86  ? 90  ALA A CB  1 
ATOM   630  N  N   . PHE A 1 91  ? -3.274  1.342   17.269  1.00 39.25  ? 91  PHE A N   1 
ATOM   631  C  CA  . PHE A 1 91  ? -3.175  2.744   16.899  1.00 39.00  ? 91  PHE A CA  1 
ATOM   632  C  C   . PHE A 1 91  ? -4.457  3.523   17.224  1.00 42.62  ? 91  PHE A C   1 
ATOM   633  O  O   . PHE A 1 91  ? -4.413  4.607   17.805  1.00 40.36  ? 91  PHE A O   1 
ATOM   634  C  CB  . PHE A 1 91  ? -2.893  2.886   15.403  1.00 35.95  ? 91  PHE A CB  1 
ATOM   635  C  CG  . PHE A 1 91  ? -2.952  4.306   14.923  1.00 44.97  ? 91  PHE A CG  1 
ATOM   636  C  CD1 . PHE A 1 91  ? -1.917  5.189   15.200  1.00 41.30  ? 91  PHE A CD1 1 
ATOM   637  C  CD2 . PHE A 1 91  ? -4.076  4.780   14.247  1.00 37.17  ? 91  PHE A CD2 1 
ATOM   638  C  CE1 . PHE A 1 91  ? -1.993  6.546   14.812  1.00 52.31  ? 91  PHE A CE1 1 
ATOM   639  C  CE2 . PHE A 1 91  ? -4.168  6.122   13.857  1.00 36.62  ? 91  PHE A CE2 1 
ATOM   640  C  CZ  . PHE A 1 91  ? -3.120  7.009   14.142  1.00 52.60  ? 91  PHE A CZ  1 
ATOM   641  N  N   . LEU A 1 92  ? -5.597  2.965   16.841  1.00 33.41  ? 92  LEU A N   1 
ATOM   642  C  CA  . LEU A 1 92  ? -6.853  3.633   17.056  1.00 41.97  ? 92  LEU A CA  1 
ATOM   643  C  C   . LEU A 1 92  ? -7.180  3.733   18.531  1.00 45.98  ? 92  LEU A C   1 
ATOM   644  O  O   . LEU A 1 92  ? -7.694  4.760   18.976  1.00 47.76  ? 92  LEU A O   1 
ATOM   645  C  CB  . LEU A 1 92  ? -7.952  2.914   16.273  1.00 39.56  ? 92  LEU A CB  1 
ATOM   646  C  CG  . LEU A 1 92  ? -7.690  2.947   14.766  1.00 35.13  ? 92  LEU A CG  1 
ATOM   647  C  CD1 . LEU A 1 92  ? -8.663  2.076   14.002  1.00 37.24  ? 92  LEU A CD1 1 
ATOM   648  C  CD2 . LEU A 1 92  ? -7.805  4.370   14.306  1.00 26.70  ? 92  LEU A CD2 1 
ATOM   649  N  N   . THR A 1 93  ? -6.863  2.684   19.290  1.00 50.27  ? 93  THR A N   1 
ATOM   650  C  CA  . THR A 1 93  ? -7.112  2.665   20.734  1.00 42.83  ? 93  THR A CA  1 
ATOM   651  C  C   . THR A 1 93  ? -6.271  3.741   21.401  1.00 40.81  ? 93  THR A C   1 
ATOM   652  O  O   . THR A 1 93  ? -6.739  4.498   22.250  1.00 49.87  ? 93  THR A O   1 
ATOM   653  C  CB  . THR A 1 93  ? -6.780  1.298   21.295  1.00 48.85  ? 93  THR A CB  1 
ATOM   654  O  OG1 . THR A 1 93  ? -7.775  0.383   20.827  1.00 50.44  ? 93  THR A OG1 1 
ATOM   655  C  CG2 . THR A 1 93  ? -6.774  1.305   22.825  1.00 39.37  ? 93  THR A CG2 1 
ATOM   656  N  N   . GLU A 1 94  ? -5.021  3.804   20.998  1.00 34.12  ? 94  GLU A N   1 
ATOM   657  C  CA  . GLU A 1 94  ? -4.115  4.811   21.492  1.00 43.98  ? 94  GLU A CA  1 
ATOM   658  C  C   . GLU A 1 94  ? -4.661  6.208   21.100  1.00 49.23  ? 94  GLU A C   1 
ATOM   659  O  O   . GLU A 1 94  ? -4.757  7.116   21.925  1.00 45.87  ? 94  GLU A O   1 
ATOM   660  C  CB  . GLU A 1 94  ? -2.742  4.578   20.856  1.00 38.73  ? 94  GLU A CB  1 
ATOM   661  C  CG  . GLU A 1 94  ? -1.832  5.788   20.868  1.00 53.39  ? 94  GLU A CG  1 
ATOM   662  C  CD  . GLU A 1 94  ? -1.024  5.920   22.137  1.00 70.14  ? 94  GLU A CD  1 
ATOM   663  O  OE1 . GLU A 1 94  ? -1.606  5.760   23.237  1.00 70.60  ? 94  GLU A OE1 1 
ATOM   664  O  OE2 . GLU A 1 94  ? 0.197   6.198   22.024  1.00 75.60  ? 94  GLU A OE2 1 
ATOM   665  N  N   . ASN A 1 95  ? -5.044  6.361   19.837  1.00 41.69  ? 95  ASN A N   1 
ATOM   666  C  CA  . ASN A 1 95  ? -5.538  7.641   19.330  1.00 43.41  ? 95  ASN A CA  1 
ATOM   667  C  C   . ASN A 1 95  ? -6.858  8.172   19.920  1.00 41.42  ? 95  ASN A C   1 
ATOM   668  O  O   . ASN A 1 95  ? -7.047  9.379   20.035  1.00 41.87  ? 95  ASN A O   1 
ATOM   669  C  CB  . ASN A 1 95  ? -5.676  7.548   17.818  1.00 30.43  ? 95  ASN A CB  1 
ATOM   670  C  CG  . ASN A 1 95  ? -5.607  8.887   17.160  1.00 47.09  ? 95  ASN A CG  1 
ATOM   671  O  OD1 . ASN A 1 95  ? -4.619  9.599   17.323  1.00 39.02  ? 95  ASN A OD1 1 
ATOM   672  N  ND2 . ASN A 1 95  ? -6.653  9.250   16.402  1.00 26.56  ? 95  ASN A ND2 1 
ATOM   673  N  N   . LYS A 1 96  ? -7.769  7.272   20.268  1.00 32.26  ? 96  LYS A N   1 
ATOM   674  C  CA  . LYS A 1 96  ? -9.069  7.644   20.809  1.00 46.07  ? 96  LYS A CA  1 
ATOM   675  C  C   . LYS A 1 96  ? -8.967  8.653   21.947  1.00 53.00  ? 96  LYS A C   1 
ATOM   676  O  O   . LYS A 1 96  ? -9.865  9.474   22.129  1.00 43.94  ? 96  LYS A O   1 
ATOM   677  C  CB  . LYS A 1 96  ? -9.812  6.388   21.304  1.00 49.17  ? 96  LYS A CB  1 
ATOM   678  C  CG  . LYS A 1 96  ? -11.168 6.669   21.937  0.00 53.59  ? 96  LYS A CG  1 
ATOM   679  C  CD  . LYS A 1 96  ? -11.867 5.385   22.364  0.00 57.36  ? 96  LYS A CD  1 
ATOM   680  C  CE  . LYS A 1 96  ? -12.159 4.487   21.170  0.00 59.89  ? 96  LYS A CE  1 
ATOM   681  N  NZ  . LYS A 1 96  ? -12.865 3.239   21.573  0.00 61.97  ? 96  LYS A NZ  1 
ATOM   682  N  N   . ASN A 1 97  ? -7.870  8.573   22.698  1.00 52.42  ? 97  ASN A N   1 
ATOM   683  C  CA  . ASN A 1 97  ? -7.623  9.432   23.846  1.00 52.32  ? 97  ASN A CA  1 
ATOM   684  C  C   . ASN A 1 97  ? -7.101  10.802  23.478  1.00 52.39  ? 97  ASN A C   1 
ATOM   685  O  O   . ASN A 1 97  ? -7.554  11.798  24.027  1.00 61.03  ? 97  ASN A O   1 
ATOM   686  C  CB  . ASN A 1 97  ? -6.589  8.785   24.779  1.00 57.21  ? 97  ASN A CB  1 
ATOM   687  C  CG  . ASN A 1 97  ? -7.031  7.442   25.289  1.00 76.27  ? 97  ASN A CG  1 
ATOM   688  O  OD1 . ASN A 1 97  ? -8.082  7.329   25.920  1.00 78.05  ? 97  ASN A OD1 1 
ATOM   689  N  ND2 . ASN A 1 97  ? -6.237  6.405   25.014  1.00 76.82  ? 97  ASN A ND2 1 
ATOM   690  N  N   . LYS A 1 98  ? -6.127  10.833  22.567  1.00 54.23  ? 98  LYS A N   1 
ATOM   691  C  CA  . LYS A 1 98  ? -5.463  12.062  22.137  1.00 53.44  ? 98  LYS A CA  1 
ATOM   692  C  C   . LYS A 1 98  ? -6.338  13.294  22.015  1.00 51.92  ? 98  LYS A C   1 
ATOM   693  O  O   . LYS A 1 98  ? -7.486  13.230  21.615  1.00 45.64  ? 98  LYS A O   1 
ATOM   694  C  CB  . LYS A 1 98  ? -4.685  11.825  20.848  1.00 41.64  ? 98  LYS A CB  1 
ATOM   695  C  CG  . LYS A 1 98  ? -3.550  10.845  21.036  1.00 44.52  ? 98  LYS A CG  1 
ATOM   696  C  CD  . LYS A 1 98  ? -2.616  10.869  19.845  1.00 55.36  ? 98  LYS A CD  1 
ATOM   697  C  CE  . LYS A 1 98  ? -1.432  9.945   20.070  1.00 57.85  ? 98  LYS A CE  1 
ATOM   698  N  NZ  . LYS A 1 98  ? -0.439  10.121  18.969  1.00 63.64  ? 98  LYS A NZ  1 
ATOM   699  N  N   . PRO A 1 99  ? -5.782  14.446  22.370  1.00 54.81  ? 99  PRO A N   1 
ATOM   700  C  CA  . PRO A 1 99  ? -6.487  15.731  22.323  1.00 50.75  ? 99  PRO A CA  1 
ATOM   701  C  C   . PRO A 1 99  ? -7.216  15.941  21.010  1.00 47.04  ? 99  PRO A C   1 
ATOM   702  O  O   . PRO A 1 99  ? -6.666  15.689  19.929  1.00 43.72  ? 99  PRO A O   1 
ATOM   703  C  CB  . PRO A 1 99  ? -5.366  16.758  22.506  1.00 49.12  ? 99  PRO A CB  1 
ATOM   704  C  CG  . PRO A 1 99  ? -4.304  16.000  23.245  1.00 54.53  ? 99  PRO A CG  1 
ATOM   705  C  CD  . PRO A 1 99  ? -4.339  14.639  22.584  1.00 48.08  ? 99  PRO A CD  1 
ATOM   706  N  N   . GLY A 1 100 ? -8.456  16.387  21.119  1.00 35.48  ? 100 GLY A N   1 
ATOM   707  C  CA  . GLY A 1 100 ? -9.257  16.678  19.946  1.00 34.00  ? 100 GLY A CA  1 
ATOM   708  C  C   . GLY A 1 100 ? -9.866  15.560  19.131  1.00 34.64  ? 100 GLY A C   1 
ATOM   709  O  O   . GLY A 1 100 ? -10.665 15.816  18.244  1.00 36.36  ? 100 GLY A O   1 
ATOM   710  N  N   . VAL A 1 101 ? -9.532  14.318  19.435  1.00 42.31  ? 101 VAL A N   1 
ATOM   711  C  CA  . VAL A 1 101 ? -10.044 13.212  18.636  1.00 41.41  ? 101 VAL A CA  1 
ATOM   712  C  C   . VAL A 1 101 ? -11.461 12.763  18.975  1.00 41.41  ? 101 VAL A C   1 
ATOM   713  O  O   . VAL A 1 101 ? -11.776 12.504  20.129  1.00 42.71  ? 101 VAL A O   1 
ATOM   714  C  CB  . VAL A 1 101 ? -9.081  12.009  18.711  1.00 31.57  ? 101 VAL A CB  1 
ATOM   715  C  CG1 . VAL A 1 101 ? -9.640  10.812  17.953  1.00 32.00  ? 101 VAL A CG1 1 
ATOM   716  C  CG2 . VAL A 1 101 ? -7.732  12.404  18.145  1.00 36.50  ? 101 VAL A CG2 1 
ATOM   717  N  N   . VAL A 1 102 ? -12.308 12.706  17.947  1.00 41.34  ? 102 VAL A N   1 
ATOM   718  C  CA  . VAL A 1 102 ? -13.692 12.262  18.076  1.00 38.81  ? 102 VAL A CA  1 
ATOM   719  C  C   . VAL A 1 102 ? -13.766 10.874  17.460  1.00 44.50  ? 102 VAL A C   1 
ATOM   720  O  O   . VAL A 1 102 ? -13.209 10.641  16.384  1.00 42.67  ? 102 VAL A O   1 
ATOM   721  C  CB  . VAL A 1 102 ? -14.664 13.126  17.272  1.00 45.52  ? 102 VAL A CB  1 
ATOM   722  C  CG1 . VAL A 1 102 ? -16.073 12.605  17.480  1.00 33.45  ? 102 VAL A CG1 1 
ATOM   723  C  CG2 . VAL A 1 102 ? -14.561 14.569  17.686  1.00 39.14  ? 102 VAL A CG2 1 
ATOM   724  N  N   . VAL A 1 103 ? -14.439 9.956   18.147  1.00 40.99  ? 103 VAL A N   1 
ATOM   725  C  CA  . VAL A 1 103 ? -14.616 8.586   17.667  1.00 38.44  ? 103 VAL A CA  1 
ATOM   726  C  C   . VAL A 1 103 ? -16.072 8.464   17.240  1.00 36.55  ? 103 VAL A C   1 
ATOM   727  O  O   . VAL A 1 103 ? -16.967 8.883   17.961  1.00 43.05  ? 103 VAL A O   1 
ATOM   728  C  CB  . VAL A 1 103 ? -14.339 7.578   18.771  1.00 39.77  ? 103 VAL A CB  1 
ATOM   729  C  CG1 . VAL A 1 103 ? -14.563 6.176   18.259  1.00 36.40  ? 103 VAL A CG1 1 
ATOM   730  C  CG2 . VAL A 1 103 ? -12.925 7.747   19.258  1.00 31.72  ? 103 VAL A CG2 1 
ATOM   731  N  N   . LEU A 1 104 ? -16.300 7.928   16.051  1.00 39.44  ? 104 LEU A N   1 
ATOM   732  C  CA  . LEU A 1 104 ? -17.647 7.774   15.512  1.00 31.18  ? 104 LEU A CA  1 
ATOM   733  C  C   . LEU A 1 104 ? -18.160 6.323   15.645  1.00 32.93  ? 104 LEU A C   1 
ATOM   734  O  O   . LEU A 1 104 ? -17.371 5.394   15.810  1.00 35.77  ? 104 LEU A O   1 
ATOM   735  C  CB  . LEU A 1 104 ? -17.621 8.166   14.045  1.00 35.77  ? 104 LEU A CB  1 
ATOM   736  C  CG  . LEU A 1 104 ? -17.372 9.630   13.743  1.00 44.08  ? 104 LEU A CG  1 
ATOM   737  C  CD1 . LEU A 1 104 ? -16.969 9.762   12.275  1.00 32.36  ? 104 LEU A CD1 1 
ATOM   738  C  CD2 . LEU A 1 104 ? -18.642 10.437  14.051  1.00 33.07  ? 104 LEU A CD2 1 
ATOM   739  N  N   . PRO A 1 105 ? -19.493 6.113   15.566  1.00 42.93  ? 105 PRO A N   1 
ATOM   740  C  CA  . PRO A 1 105 ? -20.052 4.763   15.680  1.00 38.73  ? 105 PRO A CA  1 
ATOM   741  C  C   . PRO A 1 105 ? -19.293 3.726   14.829  1.00 39.22  ? 105 PRO A C   1 
ATOM   742  O  O   . PRO A 1 105 ? -19.026 2.623   15.296  1.00 33.54  ? 105 PRO A O   1 
ATOM   743  C  CB  . PRO A 1 105 ? -21.492 4.952   15.214  1.00 37.22  ? 105 PRO A CB  1 
ATOM   744  C  CG  . PRO A 1 105 ? -21.813 6.329   15.658  1.00 37.21  ? 105 PRO A CG  1 
ATOM   745  C  CD  . PRO A 1 105 ? -20.565 7.103   15.330  1.00 34.43  ? 105 PRO A CD  1 
ATOM   746  N  N   . SER A 1 106 ? -18.926 4.098   13.597  1.00 40.27  ? 106 SER A N   1 
ATOM   747  C  CA  . SER A 1 106 ? -18.210 3.192   12.689  1.00 28.02  ? 106 SER A CA  1 
ATOM   748  C  C   . SER A 1 106 ? -16.737 2.919   13.034  1.00 32.53  ? 106 SER A C   1 
ATOM   749  O  O   . SER A 1 106 ? -16.050 2.115   12.361  1.00 34.70  ? 106 SER A O   1 
ATOM   750  C  CB  . SER A 1 106 ? -18.303 3.721   11.252  1.00 17.73  ? 106 SER A CB  1 
ATOM   751  O  OG  . SER A 1 106 ? -17.616 4.947   11.088  1.00 27.41  ? 106 SER A OG  1 
ATOM   752  N  N   . GLY A 1 107 ? -16.242 3.563   14.088  1.00 36.59  ? 107 GLY A N   1 
ATOM   753  C  CA  . GLY A 1 107 ? -14.848 3.361   14.469  1.00 34.70  ? 107 GLY A CA  1 
ATOM   754  C  C   . GLY A 1 107 ? -13.955 4.406   13.813  1.00 39.66  ? 107 GLY A C   1 
ATOM   755  O  O   . GLY A 1 107 ? -12.798 4.561   14.175  1.00 31.45  ? 107 GLY A O   1 
ATOM   756  N  N   . LEU A 1 108 ? -14.500 5.114   12.824  1.00 35.50  ? 108 LEU A N   1 
ATOM   757  C  CA  . LEU A 1 108 ? -13.769 6.178   12.155  1.00 31.70  ? 108 LEU A CA  1 
ATOM   758  C  C   . LEU A 1 108 ? -13.544 7.248   13.210  1.00 35.02  ? 108 LEU A C   1 
ATOM   759  O  O   . LEU A 1 108 ? -14.444 7.554   14.002  1.00 35.39  ? 108 LEU A O   1 
ATOM   760  C  CB  . LEU A 1 108 ? -14.608 6.761   11.012  1.00 25.84  ? 108 LEU A CB  1 
ATOM   761  C  CG  . LEU A 1 108 ? -14.104 8.025   10.326  1.00 35.21  ? 108 LEU A CG  1 
ATOM   762  C  CD1 . LEU A 1 108 ? -12.778 7.739   9.629   1.00 32.75  ? 108 LEU A CD1 1 
ATOM   763  C  CD2 . LEU A 1 108 ? -15.164 8.520   9.334   1.00 36.09  ? 108 LEU A CD2 1 
ATOM   764  N  N   . GLN A 1 109 ? -12.347 7.823   13.204  1.00 35.94  ? 109 GLN A N   1 
ATOM   765  C  CA  . GLN A 1 109 ? -11.979 8.873   14.138  1.00 30.32  ? 109 GLN A CA  1 
ATOM   766  C  C   . GLN A 1 109 ? -11.536 10.078  13.345  1.00 34.47  ? 109 GLN A C   1 
ATOM   767  O  O   . GLN A 1 109 ? -10.976 9.946   12.249  1.00 28.28  ? 109 GLN A O   1 
ATOM   768  C  CB  . GLN A 1 109 ? -10.801 8.426   15.039  1.00 25.33  ? 109 GLN A CB  1 
ATOM   769  C  CG  . GLN A 1 109 ? -11.029 7.052   15.709  1.00 31.93  ? 109 GLN A CG  1 
ATOM   770  C  CD  . GLN A 1 109 ? -9.980  6.674   16.758  1.00 43.11  ? 109 GLN A CD  1 
ATOM   771  O  OE1 . GLN A 1 109 ? -10.115 5.653   17.434  1.00 44.61  ? 109 GLN A OE1 1 
ATOM   772  N  NE2 . GLN A 1 109 ? -8.940  7.485   16.895  1.00 35.04  ? 109 GLN A NE2 1 
ATOM   773  N  N   . TYR A 1 110 ? -11.793 11.257  13.888  1.00 29.36  ? 110 TYR A N   1 
ATOM   774  C  CA  . TYR A 1 110 ? -11.337 12.472  13.248  1.00 31.49  ? 110 TYR A CA  1 
ATOM   775  C  C   . TYR A 1 110 ? -10.953 13.517  14.312  1.00 35.96  ? 110 TYR A C   1 
ATOM   776  O  O   . TYR A 1 110 ? -11.293 13.417  15.497  1.00 36.81  ? 110 TYR A O   1 
ATOM   777  C  CB  . TYR A 1 110 ? -12.391 13.039  12.286  1.00 33.05  ? 110 TYR A CB  1 
ATOM   778  C  CG  . TYR A 1 110 ? -13.576 13.673  12.963  1.00 34.97  ? 110 TYR A CG  1 
ATOM   779  C  CD1 . TYR A 1 110 ? -13.574 15.025  13.313  1.00 38.25  ? 110 TYR A CD1 1 
ATOM   780  C  CD2 . TYR A 1 110 ? -14.693 12.911  13.286  1.00 26.73  ? 110 TYR A CD2 1 
ATOM   781  C  CE1 . TYR A 1 110 ? -14.681 15.596  13.981  1.00 30.79  ? 110 TYR A CE1 1 
ATOM   782  C  CE2 . TYR A 1 110 ? -15.776 13.461  13.933  1.00 25.76  ? 110 TYR A CE2 1 
ATOM   783  C  CZ  . TYR A 1 110 ? -15.768 14.793  14.279  1.00 31.72  ? 110 TYR A CZ  1 
ATOM   784  O  OH  . TYR A 1 110 ? -16.861 15.284  14.931  1.00 34.24  ? 110 TYR A OH  1 
ATOM   785  N  N   . LYS A 1 111 ? -10.226 14.521  13.857  1.00 36.69  ? 111 LYS A N   1 
ATOM   786  C  CA  . LYS A 1 111 ? -9.760  15.598  14.702  1.00 41.83  ? 111 LYS A CA  1 
ATOM   787  C  C   . LYS A 1 111 ? -9.954  16.811  13.826  1.00 38.33  ? 111 LYS A C   1 
ATOM   788  O  O   . LYS A 1 111 ? -9.520  16.794  12.672  1.00 35.57  ? 111 LYS A O   1 
ATOM   789  C  CB  . LYS A 1 111 ? -8.272  15.397  14.987  1.00 24.70  ? 111 LYS A CB  1 
ATOM   790  C  CG  . LYS A 1 111 ? -7.594  16.544  15.663  1.00 38.58  ? 111 LYS A CG  1 
ATOM   791  C  CD  . LYS A 1 111 ? -6.122  16.229  15.712  1.00 38.18  ? 111 LYS A CD  1 
ATOM   792  C  CE  . LYS A 1 111 ? -5.355  17.285  16.428  1.00 39.10  ? 111 LYS A CE  1 
ATOM   793  N  NZ  . LYS A 1 111 ? -3.928  16.844  16.595  1.00 55.04  ? 111 LYS A NZ  1 
ATOM   794  N  N   . VAL A 1 112 ? -10.612 17.846  14.338  1.00 33.33  ? 112 VAL A N   1 
ATOM   795  C  CA  . VAL A 1 112 ? -10.802 19.045  13.530  1.00 31.61  ? 112 VAL A CA  1 
ATOM   796  C  C   . VAL A 1 112 ? -9.603  20.006  13.568  1.00 30.73  ? 112 VAL A C   1 
ATOM   797  O  O   . VAL A 1 112 ? -9.327  20.597  14.593  1.00 43.66  ? 112 VAL A O   1 
ATOM   798  C  CB  . VAL A 1 112 ? -12.056 19.823  13.975  1.00 40.58  ? 112 VAL A CB  1 
ATOM   799  C  CG1 . VAL A 1 112 ? -12.229 21.092  13.103  1.00 28.72  ? 112 VAL A CG1 1 
ATOM   800  C  CG2 . VAL A 1 112 ? -13.284 18.925  13.847  1.00 33.16  ? 112 VAL A CG2 1 
ATOM   801  N  N   . ILE A 1 113 ? -8.878  20.125  12.457  1.00 35.16  ? 113 ILE A N   1 
ATOM   802  C  CA  . ILE A 1 113 ? -7.762  21.064  12.359  1.00 28.03  ? 113 ILE A CA  1 
ATOM   803  C  C   . ILE A 1 113 ? -8.346  22.486  12.234  1.00 41.00  ? 113 ILE A C   1 
ATOM   804  O  O   . ILE A 1 113 ? -7.914  23.402  12.923  1.00 45.85  ? 113 ILE A O   1 
ATOM   805  C  CB  . ILE A 1 113 ? -6.922  20.816  11.113  1.00 34.66  ? 113 ILE A CB  1 
ATOM   806  C  CG1 . ILE A 1 113 ? -6.593  19.328  11.007  1.00 29.79  ? 113 ILE A CG1 1 
ATOM   807  C  CG2 . ILE A 1 113 ? -5.628  21.661  11.181  1.00 27.60  ? 113 ILE A CG2 1 
ATOM   808  C  CD1 . ILE A 1 113 ? -5.801  18.839  12.183  1.00 50.15  ? 113 ILE A CD1 1 
ATOM   809  N  N   . ASN A 1 114 ? -9.313  22.662  11.334  1.00 30.24  ? 114 ASN A N   1 
ATOM   810  C  CA  . ASN A 1 114 ? -9.966  23.948  11.129  1.00 28.27  ? 114 ASN A CA  1 
ATOM   811  C  C   . ASN A 1 114 ? -11.357 23.755  10.563  1.00 29.20  ? 114 ASN A C   1 
ATOM   812  O  O   . ASN A 1 114 ? -11.538 23.126  9.536   1.00 32.37  ? 114 ASN A O   1 
ATOM   813  C  CB  . ASN A 1 114 ? -9.183  24.832  10.175  1.00 29.04  ? 114 ASN A CB  1 
ATOM   814  C  CG  . ASN A 1 114 ? -9.947  26.083  9.818   1.00 39.61  ? 114 ASN A CG  1 
ATOM   815  O  OD1 . ASN A 1 114 ? -10.521 26.207  8.710   1.00 38.54  ? 114 ASN A OD1 1 
ATOM   816  N  ND2 . ASN A 1 114 ? -9.992  27.019  10.760  1.00 24.55  ? 114 ASN A ND2 1 
ATOM   817  N  N   . SER A 1 115 ? -12.335 24.343  11.213  1.00 26.12  ? 115 SER A N   1 
ATOM   818  C  CA  . SER A 1 115 ? -13.702 24.167  10.800  1.00 32.01  ? 115 SER A CA  1 
ATOM   819  C  C   . SER A 1 115 ? -14.174 25.150  9.730   1.00 32.30  ? 115 SER A C   1 
ATOM   820  O  O   . SER A 1 115 ? -13.997 26.364  9.846   1.00 37.06  ? 115 SER A O   1 
ATOM   821  C  CB  . SER A 1 115 ? -14.592 24.254  12.052  1.00 32.44  ? 115 SER A CB  1 
ATOM   822  O  OG  . SER A 1 115 ? -15.835 23.609  11.854  1.00 56.02  ? 115 SER A OG  1 
ATOM   823  N  N   . GLY A 1 116 ? -14.786 24.619  8.680   1.00 34.12  ? 116 GLY A N   1 
ATOM   824  C  CA  . GLY A 1 116 ? -15.288 25.476  7.619   1.00 34.50  ? 116 GLY A CA  1 
ATOM   825  C  C   . GLY A 1 116 ? -16.683 25.962  7.966   1.00 41.33  ? 116 GLY A C   1 
ATOM   826  O  O   . GLY A 1 116 ? -17.153 25.712  9.073   1.00 36.25  ? 116 GLY A O   1 
ATOM   827  N  N   . ASN A 1 117 ? -17.350 26.632  7.023   1.00 41.10  ? 117 ASN A N   1 
ATOM   828  C  CA  . ASN A 1 117 ? -18.701 27.130  7.246   1.00 38.93  ? 117 ASN A CA  1 
ATOM   829  C  C   . ASN A 1 117 ? -19.614 26.886  6.046   1.00 38.67  ? 117 ASN A C   1 
ATOM   830  O  O   . ASN A 1 117 ? -20.767 27.328  6.038   1.00 43.40  ? 117 ASN A O   1 
ATOM   831  C  CB  . ASN A 1 117 ? -18.686 28.632  7.604   1.00 27.73  ? 117 ASN A CB  1 
ATOM   832  C  CG  . ASN A 1 117 ? -18.009 29.500  6.533   1.00 35.85  ? 117 ASN A CG  1 
ATOM   833  O  OD1 . ASN A 1 117 ? -18.371 29.457  5.347   1.00 28.96  ? 117 ASN A OD1 1 
ATOM   834  N  ND2 . ASN A 1 117 ? -17.026 30.304  6.957   1.00 33.15  ? 117 ASN A ND2 1 
ATOM   835  N  N   . GLY A 1 118 ? -19.107 26.180  5.038   1.00 36.98  ? 118 GLY A N   1 
ATOM   836  C  CA  . GLY A 1 118 ? -19.918 25.893  3.862   1.00 28.78  ? 118 GLY A CA  1 
ATOM   837  C  C   . GLY A 1 118 ? -20.860 24.749  4.160   1.00 36.00  ? 118 GLY A C   1 
ATOM   838  O  O   . GLY A 1 118 ? -20.959 24.314  5.309   1.00 34.47  ? 118 GLY A O   1 
ATOM   839  N  N   . VAL A 1 119 ? -21.563 24.250  3.145   1.00 36.72  ? 119 VAL A N   1 
ATOM   840  C  CA  . VAL A 1 119 ? -22.486 23.129  3.340   1.00 29.44  ? 119 VAL A CA  1 
ATOM   841  C  C   . VAL A 1 119 ? -21.749 21.771  3.415   1.00 40.78  ? 119 VAL A C   1 
ATOM   842  O  O   . VAL A 1 119 ? -20.650 21.611  2.881   1.00 33.30  ? 119 VAL A O   1 
ATOM   843  C  CB  . VAL A 1 119 ? -23.487 23.012  2.166   1.00 36.71  ? 119 VAL A CB  1 
ATOM   844  C  CG1 . VAL A 1 119 ? -24.240 24.318  1.990   1.00 36.77  ? 119 VAL A CG1 1 
ATOM   845  C  CG2 . VAL A 1 119 ? -22.731 22.632  0.887   1.00 33.81  ? 119 VAL A CG2 1 
ATOM   846  N  N   . LYS A 1 120 ? -22.382 20.799  4.068   1.00 38.09  ? 120 LYS A N   1 
ATOM   847  C  CA  . LYS A 1 120 ? -21.845 19.457  4.186   1.00 36.87  ? 120 LYS A CA  1 
ATOM   848  C  C   . LYS A 1 120 ? -22.263 18.718  2.926   1.00 43.98  ? 120 LYS A C   1 
ATOM   849  O  O   . LYS A 1 120 ? -23.407 18.809  2.489   1.00 51.86  ? 120 LYS A O   1 
ATOM   850  C  CB  . LYS A 1 120 ? -22.441 18.772  5.393   1.00 33.72  ? 120 LYS A CB  1 
ATOM   851  C  CG  . LYS A 1 120 ? -22.112 19.430  6.721   1.00 39.30  ? 120 LYS A CG  1 
ATOM   852  C  CD  . LYS A 1 120 ? -22.657 18.578  7.859   1.00 36.38  ? 120 LYS A CD  1 
ATOM   853  C  CE  . LYS A 1 120 ? -22.216 19.096  9.235   1.00 39.17  ? 120 LYS A CE  1 
ATOM   854  N  NZ  . LYS A 1 120 ? -23.039 20.240  9.672   1.00 44.17  ? 120 LYS A NZ  1 
ATOM   855  N  N   . PRO A 1 121 ? -21.347 17.975  2.311   1.00 42.08  ? 121 PRO A N   1 
ATOM   856  C  CA  . PRO A 1 121 ? -21.764 17.274  1.092   1.00 40.20  ? 121 PRO A CA  1 
ATOM   857  C  C   . PRO A 1 121 ? -22.720 16.105  1.330   1.00 45.99  ? 121 PRO A C   1 
ATOM   858  O  O   . PRO A 1 121 ? -22.690 15.474  2.391   1.00 36.92  ? 121 PRO A O   1 
ATOM   859  C  CB  . PRO A 1 121 ? -20.433 16.834  0.491   1.00 50.37  ? 121 PRO A CB  1 
ATOM   860  C  CG  . PRO A 1 121 ? -19.575 16.630  1.711   1.00 34.58  ? 121 PRO A CG  1 
ATOM   861  C  CD  . PRO A 1 121 ? -19.908 17.816  2.555   1.00 31.81  ? 121 PRO A CD  1 
ATOM   862  N  N   . GLY A 1 122 ? -23.566 15.837  0.332   1.00 46.26  ? 122 GLY A N   1 
ATOM   863  C  CA  . GLY A 1 122 ? -24.523 14.742  0.400   1.00 33.78  ? 122 GLY A CA  1 
ATOM   864  C  C   . GLY A 1 122 ? -23.908 13.510  -0.234  1.00 44.25  ? 122 GLY A C   1 
ATOM   865  O  O   . GLY A 1 122 ? -22.838 13.585  -0.850  1.00 41.53  ? 122 GLY A O   1 
ATOM   866  N  N   . LYS A 1 123 ? -24.586 12.378  -0.116  1.00 39.66  ? 123 LYS A N   1 
ATOM   867  C  CA  . LYS A 1 123 ? -24.059 11.140  -0.645  1.00 43.30  ? 123 LYS A CA  1 
ATOM   868  C  C   . LYS A 1 123 ? -23.740 11.142  -2.124  1.00 46.27  ? 123 LYS A C   1 
ATOM   869  O  O   . LYS A 1 123 ? -22.788 10.494  -2.556  1.00 47.42  ? 123 LYS A O   1 
ATOM   870  C  CB  . LYS A 1 123 ? -25.022 10.003  -0.322  1.00 46.76  ? 123 LYS A CB  1 
ATOM   871  C  CG  . LYS A 1 123 ? -25.380 9.932   1.176   1.00 57.46  ? 123 LYS A CG  1 
ATOM   872  C  CD  . LYS A 1 123 ? -26.432 8.848   1.483   1.00 51.61  ? 123 LYS A CD  1 
ATOM   873  C  CE  . LYS A 1 123 ? -26.930 8.957   2.920   1.00 39.95  ? 123 LYS A CE  1 
ATOM   874  N  NZ  . LYS A 1 123 ? -25.871 8.622   3.934   1.00 43.70  ? 123 LYS A NZ  1 
ATOM   875  N  N   . SER A 1 124 ? -24.508 11.888  -2.907  1.00 49.14  ? 124 SER A N   1 
ATOM   876  C  CA  . SER A 1 124 ? -24.297 11.911  -4.357  1.00 47.19  ? 124 SER A CA  1 
ATOM   877  C  C   . SER A 1 124 ? -23.503 13.086  -4.927  1.00 56.36  ? 124 SER A C   1 
ATOM   878  O  O   . SER A 1 124 ? -23.173 13.078  -6.117  1.00 55.56  ? 124 SER A O   1 
ATOM   879  C  CB  . SER A 1 124 ? -25.649 11.876  -5.053  1.00 58.04  ? 124 SER A CB  1 
ATOM   880  O  OG  . SER A 1 124 ? -26.410 13.001  -4.649  1.00 64.28  ? 124 SER A OG  1 
ATOM   881  N  N   . ASP A 1 125 ? -23.203 14.086  -4.094  1.00 49.64  ? 125 ASP A N   1 
ATOM   882  C  CA  . ASP A 1 125 ? -22.477 15.274  -4.551  1.00 43.51  ? 125 ASP A CA  1 
ATOM   883  C  C   . ASP A 1 125 ? -21.051 15.011  -4.994  1.00 41.35  ? 125 ASP A C   1 
ATOM   884  O  O   . ASP A 1 125 ? -20.465 13.970  -4.708  1.00 45.85  ? 125 ASP A O   1 
ATOM   885  C  CB  . ASP A 1 125 ? -22.435 16.341  -3.458  1.00 47.30  ? 125 ASP A CB  1 
ATOM   886  C  CG  . ASP A 1 125 ? -23.802 16.675  -2.917  1.00 52.74  ? 125 ASP A CG  1 
ATOM   887  O  OD1 . ASP A 1 125 ? -24.796 16.428  -3.628  1.00 46.08  ? 125 ASP A OD1 1 
ATOM   888  O  OD2 . ASP A 1 125 ? -23.882 17.197  -1.787  1.00 46.06  ? 125 ASP A OD2 1 
ATOM   889  N  N   . THR A 1 126 ? -20.508 15.964  -5.728  1.00 40.42  ? 126 THR A N   1 
ATOM   890  C  CA  . THR A 1 126 ? -19.132 15.864  -6.157  1.00 43.58  ? 126 THR A CA  1 
ATOM   891  C  C   . THR A 1 126 ? -18.385 16.809  -5.227  1.00 36.87  ? 126 THR A C   1 
ATOM   892  O  O   . THR A 1 126 ? -18.861 17.874  -4.886  1.00 46.44  ? 126 THR A O   1 
ATOM   893  C  CB  . THR A 1 126 ? -18.958 16.279  -7.618  1.00 34.61  ? 126 THR A CB  1 
ATOM   894  O  OG1 . THR A 1 126 ? -19.377 15.199  -8.458  1.00 48.64  ? 126 THR A OG1 1 
ATOM   895  C  CG2 . THR A 1 126 ? -17.500 16.599  -7.915  1.00 32.50  ? 126 THR A CG2 1 
ATOM   896  N  N   . VAL A 1 127 ? -17.208 16.410  -4.815  1.00 41.71  ? 127 VAL A N   1 
ATOM   897  C  CA  . VAL A 1 127 ? -16.468 17.208  -3.868  1.00 37.32  ? 127 VAL A CA  1 
ATOM   898  C  C   . VAL A 1 127 ? -15.111 17.550  -4.446  1.00 36.71  ? 127 VAL A C   1 
ATOM   899  O  O   . VAL A 1 127 ? -14.590 16.822  -5.308  1.00 36.15  ? 127 VAL A O   1 
ATOM   900  C  CB  . VAL A 1 127 ? -16.365 16.371  -2.555  1.00 40.63  ? 127 VAL A CB  1 
ATOM   901  C  CG1 . VAL A 1 127 ? -14.992 16.405  -1.980  1.00 45.15  ? 127 VAL A CG1 1 
ATOM   902  C  CG2 . VAL A 1 127 ? -17.381 16.866  -1.580  1.00 32.30  ? 127 VAL A CG2 1 
ATOM   903  N  N   . THR A 1 128 ? -14.546 18.670  -4.012  1.00 39.95  ? 128 THR A N   1 
ATOM   904  C  CA  . THR A 1 128 ? -13.208 19.051  -4.479  1.00 38.24  ? 128 THR A CA  1 
ATOM   905  C  C   . THR A 1 128 ? -12.375 19.145  -3.213  1.00 41.47  ? 128 THR A C   1 
ATOM   906  O  O   . THR A 1 128 ? -12.777 19.812  -2.258  1.00 39.56  ? 128 THR A O   1 
ATOM   907  C  CB  . THR A 1 128 ? -13.219 20.406  -5.226  1.00 41.55  ? 128 THR A CB  1 
ATOM   908  O  OG1 . THR A 1 128 ? -14.046 20.300  -6.395  1.00 51.40  ? 128 THR A OG1 1 
ATOM   909  C  CG2 . THR A 1 128 ? -11.827 20.760  -5.672  1.00 30.37  ? 128 THR A CG2 1 
ATOM   910  N  N   . VAL A 1 129 ? -11.221 18.487  -3.193  1.00 34.94  ? 129 VAL A N   1 
ATOM   911  C  CA  . VAL A 1 129 ? -10.413 18.478  -1.980  1.00 34.22  ? 129 VAL A CA  1 
ATOM   912  C  C   . VAL A 1 129 ? -8.921  18.497  -2.241  1.00 33.50  ? 129 VAL A C   1 
ATOM   913  O  O   . VAL A 1 129 ? -8.463  18.352  -3.363  1.00 43.98  ? 129 VAL A O   1 
ATOM   914  C  CB  . VAL A 1 129 ? -10.663 17.172  -1.138  1.00 37.69  ? 129 VAL A CB  1 
ATOM   915  C  CG1 . VAL A 1 129 ? -12.132 16.987  -0.782  1.00 30.14  ? 129 VAL A CG1 1 
ATOM   916  C  CG2 . VAL A 1 129 ? -10.197 15.986  -1.928  1.00 33.61  ? 129 VAL A CG2 1 
ATOM   917  N  N   . GLU A 1 130 ? -8.176  18.647  -1.165  1.00 35.17  ? 130 GLU A N   1 
ATOM   918  C  CA  . GLU A 1 130 ? -6.729  18.584  -1.192  1.00 37.94  ? 130 GLU A CA  1 
ATOM   919  C  C   . GLU A 1 130 ? -6.468  17.607  -0.054  1.00 41.29  ? 130 GLU A C   1 
ATOM   920  O  O   . GLU A 1 130 ? -7.165  17.642  0.975   1.00 31.34  ? 130 GLU A O   1 
ATOM   921  C  CB  . GLU A 1 130 ? -6.114  19.955  -0.921  1.00 33.62  ? 130 GLU A CB  1 
ATOM   922  C  CG  . GLU A 1 130 ? -5.916  20.742  -2.186  1.00 35.51  ? 130 GLU A CG  1 
ATOM   923  C  CD  . GLU A 1 130 ? -5.450  22.170  -1.946  1.00 49.27  ? 130 GLU A CD  1 
ATOM   924  O  OE1 . GLU A 1 130 ? -5.250  22.904  -2.945  1.00 56.89  ? 130 GLU A OE1 1 
ATOM   925  O  OE2 . GLU A 1 130 ? -5.291  22.554  -0.770  1.00 49.81  ? 130 GLU A OE2 1 
ATOM   926  N  N   . TYR A 1 131 ? -5.512  16.702  -0.209  1.00 35.36  ? 131 TYR A N   1 
ATOM   927  C  CA  . TYR A 1 131 ? -5.318  15.752  0.886   1.00 27.43  ? 131 TYR A CA  1 
ATOM   928  C  C   . TYR A 1 131 ? -4.006  15.055  0.849   1.00 36.73  ? 131 TYR A C   1 
ATOM   929  O  O   . TYR A 1 131 ? -3.279  15.109  -0.144  1.00 40.28  ? 131 TYR A O   1 
ATOM   930  C  CB  . TYR A 1 131 ? -6.406  14.685  0.846   1.00 28.70  ? 131 TYR A CB  1 
ATOM   931  C  CG  . TYR A 1 131 ? -6.252  13.750  -0.325  1.00 31.96  ? 131 TYR A CG  1 
ATOM   932  C  CD1 . TYR A 1 131 ? -5.579  12.527  -0.199  1.00 46.97  ? 131 TYR A CD1 1 
ATOM   933  C  CD2 . TYR A 1 131 ? -6.738  14.104  -1.576  1.00 43.64  ? 131 TYR A CD2 1 
ATOM   934  C  CE1 . TYR A 1 131 ? -5.400  11.681  -1.306  1.00 35.06  ? 131 TYR A CE1 1 
ATOM   935  C  CE2 . TYR A 1 131 ? -6.569  13.278  -2.672  1.00 39.66  ? 131 TYR A CE2 1 
ATOM   936  C  CZ  . TYR A 1 131 ? -5.906  12.079  -2.537  1.00 38.55  ? 131 TYR A CZ  1 
ATOM   937  O  OH  . TYR A 1 131 ? -5.762  11.303  -3.654  1.00 45.92  ? 131 TYR A OH  1 
ATOM   938  N  N   . THR A 1 132 ? -3.710  14.383  1.951   1.00 40.28  ? 132 THR A N   1 
ATOM   939  C  CA  . THR A 1 132 ? -2.502  13.598  2.049   1.00 38.83  ? 132 THR A CA  1 
ATOM   940  C  C   . THR A 1 132 ? -2.865  12.371  2.856   1.00 39.17  ? 132 THR A C   1 
ATOM   941  O  O   . THR A 1 132 ? -3.437  12.475  3.942   1.00 42.04  ? 132 THR A O   1 
ATOM   942  C  CB  . THR A 1 132 ? -1.385  14.357  2.739   1.00 40.02  ? 132 THR A CB  1 
ATOM   943  O  OG1 . THR A 1 132 ? -1.058  15.512  1.961   1.00 61.04  ? 132 THR A OG1 1 
ATOM   944  C  CG2 . THR A 1 132 ? -0.135  13.484  2.835   1.00 44.33  ? 132 THR A CG2 1 
ATOM   945  N  N   . GLY A 1 133 ? -2.563  11.207  2.296   1.00 37.96  ? 133 GLY A N   1 
ATOM   946  C  CA  . GLY A 1 133 ? -2.858  9.949   2.955   1.00 35.69  ? 133 GLY A CA  1 
ATOM   947  C  C   . GLY A 1 133 ? -1.548  9.311   3.341   1.00 39.91  ? 133 GLY A C   1 
ATOM   948  O  O   . GLY A 1 133 ? -0.610  9.244   2.541   1.00 44.93  ? 133 GLY A O   1 
ATOM   949  N  N   . ARG A 1 134 ? -1.481  8.837   4.572   1.00 38.79  ? 134 ARG A N   1 
ATOM   950  C  CA  . ARG A 1 134 ? -0.257  8.236   5.040   1.00 38.82  ? 134 ARG A CA  1 
ATOM   951  C  C   . ARG A 1 134 ? -0.573  7.019   5.862   1.00 40.88  ? 134 ARG A C   1 
ATOM   952  O  O   . ARG A 1 134 ? -1.685  6.855   6.347   1.00 48.51  ? 134 ARG A O   1 
ATOM   953  C  CB  . ARG A 1 134 ? 0.544   9.240   5.875   1.00 37.72  ? 134 ARG A CB  1 
ATOM   954  C  CG  . ARG A 1 134 ? -0.156  9.730   7.136   1.00 40.27  ? 134 ARG A CG  1 
ATOM   955  C  CD  . ARG A 1 134 ? 0.838   10.444  8.044   1.00 43.07  ? 134 ARG A CD  1 
ATOM   956  N  NE  . ARG A 1 134 ? 0.342   10.718  9.399   1.00 48.85  ? 134 ARG A NE  1 
ATOM   957  C  CZ  . ARG A 1 134 ? -0.464  11.728  9.736   1.00 57.39  ? 134 ARG A CZ  1 
ATOM   958  N  NH1 . ARG A 1 134 ? -0.891  12.595  8.817   1.00 40.75  ? 134 ARG A NH1 1 
ATOM   959  N  NH2 . ARG A 1 134 ? -0.833  11.886  11.008  1.00 52.13  ? 134 ARG A NH2 1 
ATOM   960  N  N   . LEU A 1 135 ? 0.407   6.143   5.985   1.00 45.49  ? 135 LEU A N   1 
ATOM   961  C  CA  . LEU A 1 135 ? 0.246   4.944   6.778   1.00 45.07  ? 135 LEU A CA  1 
ATOM   962  C  C   . LEU A 1 135 ? 0.610   5.335   8.191   1.00 39.19  ? 135 LEU A C   1 
ATOM   963  O  O   . LEU A 1 135 ? 1.177   6.406   8.427   1.00 43.53  ? 135 LEU A O   1 
ATOM   964  C  CB  . LEU A 1 135 ? 1.190   3.857   6.287   1.00 47.24  ? 135 LEU A CB  1 
ATOM   965  C  CG  . LEU A 1 135 ? 1.022   3.554   4.804   1.00 48.90  ? 135 LEU A CG  1 
ATOM   966  C  CD1 . LEU A 1 135 ? 2.139   2.629   4.341   1.00 47.27  ? 135 LEU A CD1 1 
ATOM   967  C  CD2 . LEU A 1 135 ? -0.341  2.928   4.577   1.00 44.70  ? 135 LEU A CD2 1 
ATOM   968  N  N   . ILE A 1 136 ? 0.269   4.480   9.141   1.00 40.84  ? 136 ILE A N   1 
ATOM   969  C  CA  . ILE A 1 136 ? 0.587   4.764   10.525  1.00 50.64  ? 136 ILE A CA  1 
ATOM   970  C  C   . ILE A 1 136 ? 2.078   5.121   10.751  1.00 58.04  ? 136 ILE A C   1 
ATOM   971  O  O   . ILE A 1 136 ? 2.412   5.844   11.698  1.00 57.22  ? 136 ILE A O   1 
ATOM   972  C  CB  . ILE A 1 136 ? 0.184   3.581   11.375  1.00 39.74  ? 136 ILE A CB  1 
ATOM   973  C  CG1 . ILE A 1 136 ? -1.328  3.395   11.251  1.00 50.23  ? 136 ILE A CG1 1 
ATOM   974  C  CG2 . ILE A 1 136 ? 0.603   3.801   12.830  1.00 51.57  ? 136 ILE A CG2 1 
ATOM   975  C  CD1 . ILE A 1 136 ? -1.865  2.156   11.931  1.00 53.05  ? 136 ILE A CD1 1 
ATOM   976  N  N   . ASP A 1 137 ? 2.961   4.638   9.874   1.00 53.11  ? 137 ASP A N   1 
ATOM   977  C  CA  . ASP A 1 137 ? 4.384   4.918   10.013  1.00 47.91  ? 137 ASP A CA  1 
ATOM   978  C  C   . ASP A 1 137 ? 4.837   6.152   9.243   1.00 45.58  ? 137 ASP A C   1 
ATOM   979  O  O   . ASP A 1 137 ? 6.011   6.281   8.900   1.00 57.94  ? 137 ASP A O   1 
ATOM   980  C  CB  . ASP A 1 137 ? 5.241   3.698   9.602   1.00 42.47  ? 137 ASP A CB  1 
ATOM   981  C  CG  . ASP A 1 137 ? 5.269   3.458   8.092   1.00 49.08  ? 137 ASP A CG  1 
ATOM   982  O  OD1 . ASP A 1 137 ? 5.073   4.420   7.323   1.00 54.00  ? 137 ASP A OD1 1 
ATOM   983  O  OD2 . ASP A 1 137 ? 5.510   2.303   7.666   1.00 58.70  ? 137 ASP A OD2 1 
ATOM   984  N  N   . GLY A 1 138 ? 3.905   7.051   8.954   1.00 52.83  ? 138 GLY A N   1 
ATOM   985  C  CA  . GLY A 1 138 ? 4.251   8.283   8.257   1.00 36.32  ? 138 GLY A CA  1 
ATOM   986  C  C   . GLY A 1 138 ? 4.446   8.192   6.763   1.00 49.41  ? 138 GLY A C   1 
ATOM   987  O  O   . GLY A 1 138 ? 4.427   9.214   6.070   1.00 52.58  ? 138 GLY A O   1 
ATOM   988  N  N   . THR A 1 139 ? 4.634   6.987   6.245   1.00 40.63  ? 139 THR A N   1 
ATOM   989  C  CA  . THR A 1 139 ? 4.839   6.852   4.815   1.00 45.68  ? 139 THR A CA  1 
ATOM   990  C  C   . THR A 1 139 ? 3.655   7.379   4.034   1.00 43.34  ? 139 THR A C   1 
ATOM   991  O  O   . THR A 1 139 ? 2.557   6.842   4.118   1.00 53.54  ? 139 THR A O   1 
ATOM   992  C  CB  . THR A 1 139 ? 5.037   5.399   4.404   1.00 49.53  ? 139 THR A CB  1 
ATOM   993  O  OG1 . THR A 1 139 ? 6.222   4.902   5.021   1.00 52.02  ? 139 THR A OG1 1 
ATOM   994  C  CG2 . THR A 1 139 ? 5.150   5.285   2.877   1.00 41.39  ? 139 THR A CG2 1 
ATOM   995  N  N   . VAL A 1 140 ? 3.895   8.422   3.256   1.00 47.23  ? 140 VAL A N   1 
ATOM   996  C  CA  . VAL A 1 140 ? 2.872   9.029   2.428   1.00 36.07  ? 140 VAL A CA  1 
ATOM   997  C  C   . VAL A 1 140 ? 2.594   8.192   1.176   1.00 44.76  ? 140 VAL A C   1 
ATOM   998  O  O   . VAL A 1 140 ? 3.500   7.923   0.395   1.00 53.75  ? 140 VAL A O   1 
ATOM   999  C  CB  . VAL A 1 140 ? 3.322   10.423  2.015   1.00 46.93  ? 140 VAL A CB  1 
ATOM   1000 C  CG1 . VAL A 1 140 ? 2.313   11.031  1.070   1.00 51.81  ? 140 VAL A CG1 1 
ATOM   1001 C  CG2 . VAL A 1 140 ? 3.492   11.279  3.258   1.00 37.36  ? 140 VAL A CG2 1 
ATOM   1002 N  N   . PHE A 1 141 ? 1.345   7.772   0.981   1.00 40.77  ? 141 PHE A N   1 
ATOM   1003 C  CA  . PHE A 1 141 ? 1.011   6.974   -0.191  1.00 36.99  ? 141 PHE A CA  1 
ATOM   1004 C  C   . PHE A 1 141 ? 0.259   7.765   -1.213  1.00 42.30  ? 141 PHE A C   1 
ATOM   1005 O  O   . PHE A 1 141 ? 0.136   7.345   -2.352  1.00 52.41  ? 141 PHE A O   1 
ATOM   1006 C  CB  . PHE A 1 141 ? 0.188   5.734   0.186   1.00 35.55  ? 141 PHE A CB  1 
ATOM   1007 C  CG  . PHE A 1 141 ? -1.042  6.037   0.984   1.00 44.61  ? 141 PHE A CG  1 
ATOM   1008 C  CD1 . PHE A 1 141 ? -2.224  6.386   0.359   1.00 44.65  ? 141 PHE A CD1 1 
ATOM   1009 C  CD2 . PHE A 1 141 ? -1.022  5.959   2.377   1.00 39.93  ? 141 PHE A CD2 1 
ATOM   1010 C  CE1 . PHE A 1 141 ? -3.381  6.651   1.118   1.00 40.45  ? 141 PHE A CE1 1 
ATOM   1011 C  CE2 . PHE A 1 141 ? -2.159  6.221   3.124   1.00 39.78  ? 141 PHE A CE2 1 
ATOM   1012 C  CZ  . PHE A 1 141 ? -3.340  6.565   2.494   1.00 38.72  ? 141 PHE A CZ  1 
ATOM   1013 N  N   . ASP A 1 142 ? -0.275  8.907   -0.814  1.00 52.68  ? 142 ASP A N   1 
ATOM   1014 C  CA  . ASP A 1 142 ? -1.009  9.720   -1.768  1.00 43.20  ? 142 ASP A CA  1 
ATOM   1015 C  C   . ASP A 1 142 ? -1.220  11.133  -1.259  1.00 43.63  ? 142 ASP A C   1 
ATOM   1016 O  O   . ASP A 1 142 ? -1.323  11.367  -0.057  1.00 55.57  ? 142 ASP A O   1 
ATOM   1017 C  CB  . ASP A 1 142 ? -2.345  9.071   -2.091  1.00 50.38  ? 142 ASP A CB  1 
ATOM   1018 C  CG  . ASP A 1 142 ? -2.903  9.556   -3.396  1.00 57.70  ? 142 ASP A CG  1 
ATOM   1019 O  OD1 . ASP A 1 142 ? -3.959  9.046   -3.812  1.00 68.19  ? 142 ASP A OD1 1 
ATOM   1020 O  OD2 . ASP A 1 142 ? -2.272  10.449  -4.009  1.00 73.97  ? 142 ASP A OD2 1 
ATOM   1021 N  N   . SER A 1 143 ? -1.300  12.083  -2.179  1.00 43.26  ? 143 SER A N   1 
ATOM   1022 C  CA  . SER A 1 143 ? -1.454  13.464  -1.786  1.00 46.20  ? 143 SER A CA  1 
ATOM   1023 C  C   . SER A 1 143 ? -1.632  14.398  -2.985  1.00 45.75  ? 143 SER A C   1 
ATOM   1024 O  O   . SER A 1 143 ? -1.129  14.128  -4.057  1.00 49.25  ? 143 SER A O   1 
ATOM   1025 C  CB  . SER A 1 143 ? -0.218  13.880  -1.001  1.00 39.18  ? 143 SER A CB  1 
ATOM   1026 O  OG  . SER A 1 143 ? -0.106  15.283  -1.031  1.00 49.74  ? 143 SER A OG  1 
ATOM   1027 N  N   . THR A 1 144 ? -2.339  15.503  -2.808  1.00 42.71  ? 144 THR A N   1 
ATOM   1028 C  CA  . THR A 1 144 ? -2.518  16.404  -3.917  1.00 42.16  ? 144 THR A CA  1 
ATOM   1029 C  C   . THR A 1 144 ? -1.364  17.410  -3.951  1.00 48.52  ? 144 THR A C   1 
ATOM   1030 O  O   . THR A 1 144 ? -1.255  18.212  -4.867  1.00 43.28  ? 144 THR A O   1 
ATOM   1031 C  CB  . THR A 1 144 ? -3.873  17.136  -3.835  1.00 45.60  ? 144 THR A CB  1 
ATOM   1032 O  OG1 . THR A 1 144 ? -4.037  17.696  -2.537  1.00 37.36  ? 144 THR A OG1 1 
ATOM   1033 C  CG2 . THR A 1 144 ? -5.016  16.179  -4.109  1.00 33.12  ? 144 THR A CG2 1 
ATOM   1034 N  N   . GLU A 1 145 ? -0.493  17.348  -2.949  1.00 51.35  ? 145 GLU A N   1 
ATOM   1035 C  CA  . GLU A 1 145 ? 0.667   18.237  -2.870  1.00 52.46  ? 145 GLU A CA  1 
ATOM   1036 C  C   . GLU A 1 145 ? 1.586   17.990  -4.057  1.00 62.15  ? 145 GLU A C   1 
ATOM   1037 O  O   . GLU A 1 145 ? 2.048   18.924  -4.707  1.00 73.71  ? 145 GLU A O   1 
ATOM   1038 C  CB  . GLU A 1 145 ? 1.448   17.949  -1.593  1.00 68.12  ? 145 GLU A CB  1 
ATOM   1039 C  CG  . GLU A 1 145 ? 1.898   19.158  -0.824  1.00 78.30  ? 145 GLU A CG  1 
ATOM   1040 C  CD  . GLU A 1 145 ? 1.701   18.950  0.662   1.00 96.65  ? 145 GLU A CD  1 
ATOM   1041 O  OE1 . GLU A 1 145 ? 2.512   18.213  1.274   1.00 96.79  ? 145 GLU A OE1 1 
ATOM   1042 O  OE2 . GLU A 1 145 ? 0.715   19.503  1.209   1.00 93.19  ? 145 GLU A OE2 1 
ATOM   1043 N  N   . LYS A 1 146 ? 1.857   16.716  -4.319  1.00 69.60  ? 146 LYS A N   1 
ATOM   1044 C  CA  . LYS A 1 146 ? 2.721   16.317  -5.420  1.00 78.12  ? 146 LYS A CA  1 
ATOM   1045 C  C   . LYS A 1 146 ? 2.209   16.913  -6.727  1.00 82.64  ? 146 LYS A C   1 
ATOM   1046 O  O   . LYS A 1 146 ? 2.927   17.642  -7.410  1.00 93.12  ? 146 LYS A O   1 
ATOM   1047 C  CB  . LYS A 1 146 ? 2.779   14.786  -5.524  1.00 57.00  ? 146 LYS A CB  1 
ATOM   1048 C  CG  . LYS A 1 146 ? 3.365   14.107  -4.296  0.00 58.94  ? 146 LYS A CG  1 
ATOM   1049 C  CD  . LYS A 1 146 ? 3.442   12.599  -4.473  0.00 53.14  ? 146 LYS A CD  1 
ATOM   1050 C  CE  . LYS A 1 146 ? 4.032   11.932  -3.241  0.00 51.04  ? 146 LYS A CE  1 
ATOM   1051 N  NZ  . LYS A 1 146 ? 4.129   10.457  -3.398  0.00 47.90  ? 146 LYS A NZ  1 
ATOM   1052 N  N   . THR A 1 147 ? 0.965   16.611  -7.069  1.00 82.57  ? 147 THR A N   1 
ATOM   1053 C  CA  . THR A 1 147 ? 0.386   17.126  -8.296  1.00 78.59  ? 147 THR A CA  1 
ATOM   1054 C  C   . THR A 1 147 ? 0.139   18.627  -8.220  1.00 80.71  ? 147 THR A C   1 
ATOM   1055 O  O   . THR A 1 147 ? -0.023  19.283  -9.245  1.00 86.71  ? 147 THR A O   1 
ATOM   1056 C  CB  . THR A 1 147 ? -0.942  16.430  -8.611  1.00 80.11  ? 147 THR A CB  1 
ATOM   1057 O  OG1 . THR A 1 147 ? -1.727  17.272  -9.460  1.00 83.93  ? 147 THR A OG1 1 
ATOM   1058 C  CG2 . THR A 1 147 ? -1.711  16.134  -7.327  1.00 80.89  ? 147 THR A CG2 1 
ATOM   1059 N  N   . GLY A 1 148 ? 0.115   19.169  -7.005  1.00 78.67  ? 148 GLY A N   1 
ATOM   1060 C  CA  . GLY A 1 148 ? -0.138  20.590  -6.837  1.00 68.33  ? 148 GLY A CA  1 
ATOM   1061 C  C   . GLY A 1 148 ? -1.572  20.974  -7.183  1.00 69.56  ? 148 GLY A C   1 
ATOM   1062 O  O   . GLY A 1 148 ? -1.967  22.127  -7.008  1.00 76.44  ? 148 GLY A O   1 
ATOM   1063 N  N   . LYS A 1 149 ? -2.361  20.011  -7.659  1.00 58.15  ? 149 LYS A N   1 
ATOM   1064 C  CA  . LYS A 1 149 ? -3.754  20.275  -8.036  1.00 63.10  ? 149 LYS A CA  1 
ATOM   1065 C  C   . LYS A 1 149 ? -4.830  19.498  -7.229  1.00 58.49  ? 149 LYS A C   1 
ATOM   1066 O  O   . LYS A 1 149 ? -4.733  18.276  -7.054  1.00 66.56  ? 149 LYS A O   1 
ATOM   1067 C  CB  . LYS A 1 149 ? -3.921  19.980  -9.533  1.00 61.90  ? 149 LYS A CB  1 
ATOM   1068 C  CG  . LYS A 1 149 ? -2.994  20.784  -10.431 0.00 54.51  ? 149 LYS A CG  1 
ATOM   1069 C  CD  . LYS A 1 149 ? -3.191  20.423  -11.894 0.00 49.74  ? 149 LYS A CD  1 
ATOM   1070 C  CE  . LYS A 1 149 ? -2.240  21.205  -12.787 0.00 46.51  ? 149 LYS A CE  1 
ATOM   1071 N  NZ  . LYS A 1 149 ? -2.417  20.864  -14.226 0.00 43.82  ? 149 LYS A NZ  1 
ATOM   1072 N  N   . PRO A 1 150 ? -5.880  20.200  -6.748  1.00 51.52  ? 150 PRO A N   1 
ATOM   1073 C  CA  . PRO A 1 150 ? -6.955  19.565  -5.973  1.00 40.68  ? 150 PRO A CA  1 
ATOM   1074 C  C   . PRO A 1 150 ? -7.551  18.411  -6.748  1.00 40.67  ? 150 PRO A C   1 
ATOM   1075 O  O   . PRO A 1 150 ? -7.482  18.388  -7.973  1.00 44.01  ? 150 PRO A O   1 
ATOM   1076 C  CB  . PRO A 1 150 ? -7.985  20.681  -5.816  1.00 35.72  ? 150 PRO A CB  1 
ATOM   1077 C  CG  . PRO A 1 150 ? -7.164  21.935  -5.835  1.00 45.18  ? 150 PRO A CG  1 
ATOM   1078 C  CD  . PRO A 1 150 ? -6.154  21.641  -6.934  1.00 46.09  ? 150 PRO A CD  1 
ATOM   1079 N  N   . ALA A 1 151 ? -8.154  17.471  -6.031  1.00 43.88  ? 151 ALA A N   1 
ATOM   1080 C  CA  . ALA A 1 151 ? -8.818  16.329  -6.651  1.00 42.20  ? 151 ALA A CA  1 
ATOM   1081 C  C   . ALA A 1 151 ? -10.322 16.510  -6.503  1.00 42.50  ? 151 ALA A C   1 
ATOM   1082 O  O   . ALA A 1 151 ? -10.801 17.198  -5.587  1.00 37.45  ? 151 ALA A O   1 
ATOM   1083 C  CB  . ALA A 1 151 ? -8.387  15.037  -6.000  1.00 43.31  ? 151 ALA A CB  1 
ATOM   1084 N  N   . THR A 1 152 ? -11.057 15.916  -7.434  1.00 44.16  ? 152 THR A N   1 
ATOM   1085 C  CA  . THR A 1 152 ? -12.509 15.981  -7.443  1.00 46.96  ? 152 THR A CA  1 
ATOM   1086 C  C   . THR A 1 152 ? -13.052 14.555  -7.473  1.00 48.91  ? 152 THR A C   1 
ATOM   1087 O  O   . THR A 1 152 ? -12.665 13.769  -8.334  1.00 51.90  ? 152 THR A O   1 
ATOM   1088 C  CB  . THR A 1 152 ? -12.995 16.767  -8.674  1.00 53.79  ? 152 THR A CB  1 
ATOM   1089 O  OG1 . THR A 1 152 ? -12.601 18.136  -8.534  1.00 58.21  ? 152 THR A OG1 1 
ATOM   1090 C  CG2 . THR A 1 152 ? -14.503 16.710  -8.802  1.00 51.19  ? 152 THR A CG2 1 
ATOM   1091 N  N   . PHE A 1 153 ? -13.914 14.219  -6.514  1.00 49.25  ? 153 PHE A N   1 
ATOM   1092 C  CA  . PHE A 1 153 ? -14.500 12.880  -6.420  1.00 46.34  ? 153 PHE A CA  1 
ATOM   1093 C  C   . PHE A 1 153 ? -15.972 12.992  -6.139  1.00 52.20  ? 153 PHE A C   1 
ATOM   1094 O  O   . PHE A 1 153 ? -16.439 14.033  -5.667  1.00 58.02  ? 153 PHE A O   1 
ATOM   1095 C  CB  . PHE A 1 153 ? -13.951 12.074  -5.238  1.00 45.64  ? 153 PHE A CB  1 
ATOM   1096 C  CG  . PHE A 1 153 ? -12.488 12.154  -5.067  1.00 52.20  ? 153 PHE A CG  1 
ATOM   1097 C  CD1 . PHE A 1 153 ? -11.928 13.198  -4.353  1.00 40.56  ? 153 PHE A CD1 1 
ATOM   1098 C  CD2 . PHE A 1 153 ? -11.659 11.161  -5.592  1.00 60.60  ? 153 PHE A CD2 1 
ATOM   1099 C  CE1 . PHE A 1 153 ? -10.543 13.258  -4.151  1.00 59.35  ? 153 PHE A CE1 1 
ATOM   1100 C  CE2 . PHE A 1 153 ? -10.272 11.208  -5.398  1.00 66.45  ? 153 PHE A CE2 1 
ATOM   1101 C  CZ  . PHE A 1 153 ? -9.714  12.263  -4.673  1.00 68.33  ? 153 PHE A CZ  1 
ATOM   1102 N  N   . GLN A 1 154 ? -16.697 11.908  -6.414  1.00 53.50  ? 154 GLN A N   1 
ATOM   1103 C  CA  . GLN A 1 154 ? -18.102 11.867  -6.088  1.00 42.43  ? 154 GLN A CA  1 
ATOM   1104 C  C   . GLN A 1 154 ? -18.071 11.210  -4.702  1.00 45.83  ? 154 GLN A C   1 
ATOM   1105 O  O   . GLN A 1 154 ? -17.423 10.169  -4.489  1.00 41.22  ? 154 GLN A O   1 
ATOM   1106 C  CB  . GLN A 1 154 ? -18.894 11.025  -7.085  1.00 48.53  ? 154 GLN A CB  1 
ATOM   1107 C  CG  . GLN A 1 154 ? -20.380 10.910  -6.677  1.00 68.85  ? 154 GLN A CG  1 
ATOM   1108 C  CD  . GLN A 1 154 ? -21.312 10.459  -7.805  1.00 74.43  ? 154 GLN A CD  1 
ATOM   1109 O  OE1 . GLN A 1 154 ? -20.869 9.888   -8.809  1.00 77.04  ? 154 GLN A OE1 1 
ATOM   1110 N  NE2 . GLN A 1 154 ? -22.617 10.704  -7.628  1.00 57.92  ? 154 GLN A NE2 1 
ATOM   1111 N  N   . VAL A 1 155 ? -18.752 11.835  -3.755  1.00 30.98  ? 155 VAL A N   1 
ATOM   1112 C  CA  . VAL A 1 155 ? -18.777 11.356  -2.395  1.00 37.75  ? 155 VAL A CA  1 
ATOM   1113 C  C   . VAL A 1 155 ? -18.943 9.853   -2.204  1.00 47.74  ? 155 VAL A C   1 
ATOM   1114 O  O   . VAL A 1 155 ? -18.319 9.263   -1.324  1.00 52.16  ? 155 VAL A O   1 
ATOM   1115 C  CB  . VAL A 1 155 ? -19.864 12.066  -1.627  1.00 41.07  ? 155 VAL A CB  1 
ATOM   1116 C  CG1 . VAL A 1 155 ? -19.989 11.465  -0.215  1.00 35.14  ? 155 VAL A CG1 1 
ATOM   1117 C  CG2 . VAL A 1 155 ? -19.544 13.558  -1.589  1.00 34.63  ? 155 VAL A CG2 1 
ATOM   1118 N  N   . SER A 1 156 ? -19.780 9.228   -3.018  1.00 51.27  ? 156 SER A N   1 
ATOM   1119 C  CA  . SER A 1 156 ? -20.020 7.795   -2.880  1.00 51.67  ? 156 SER A CA  1 
ATOM   1120 C  C   . SER A 1 156 ? -18.971 6.914   -3.569  1.00 53.75  ? 156 SER A C   1 
ATOM   1121 O  O   . SER A 1 156 ? -18.921 5.729   -3.300  1.00 49.29  ? 156 SER A O   1 
ATOM   1122 C  CB  . SER A 1 156 ? -21.409 7.438   -3.426  1.00 58.79  ? 156 SER A CB  1 
ATOM   1123 O  OG  . SER A 1 156 ? -21.444 7.534   -4.854  1.00 53.77  ? 156 SER A OG  1 
ATOM   1124 N  N   . GLN A 1 157 ? -18.148 7.472   -4.454  1.00 42.72  ? 157 GLN A N   1 
ATOM   1125 C  CA  . GLN A 1 157 ? -17.139 6.658   -5.135  1.00 47.78  ? 157 GLN A CA  1 
ATOM   1126 C  C   . GLN A 1 157 ? -15.870 6.527   -4.321  1.00 45.14  ? 157 GLN A C   1 
ATOM   1127 O  O   . GLN A 1 157 ? -14.918 5.926   -4.786  1.00 55.42  ? 157 GLN A O   1 
ATOM   1128 C  CB  . GLN A 1 157 ? -16.713 7.260   -6.484  1.00 51.99  ? 157 GLN A CB  1 
ATOM   1129 C  CG  . GLN A 1 157 ? -17.800 7.883   -7.324  1.00 74.51  ? 157 GLN A CG  1 
ATOM   1130 C  CD  . GLN A 1 157 ? -18.801 6.877   -7.804  1.00 74.18  ? 157 GLN A CD  1 
ATOM   1131 O  OE1 . GLN A 1 157 ? -19.556 6.305   -7.012  1.00 73.83  ? 157 GLN A OE1 1 
ATOM   1132 N  NE2 . GLN A 1 157 ? -18.817 6.644   -9.112  1.00 81.49  ? 157 GLN A NE2 1 
ATOM   1133 N  N   . VAL A 1 158 ? -15.815 7.118   -3.137  1.00 41.50  ? 158 VAL A N   1 
ATOM   1134 C  CA  . VAL A 1 158 ? -14.588 7.012   -2.365  1.00 31.09  ? 158 VAL A CA  1 
ATOM   1135 C  C   . VAL A 1 158 ? -14.671 5.919   -1.298  1.00 36.13  ? 158 VAL A C   1 
ATOM   1136 O  O   . VAL A 1 158 ? -15.733 5.310   -1.107  1.00 42.44  ? 158 VAL A O   1 
ATOM   1137 C  CB  . VAL A 1 158 ? -14.167 8.401   -1.747  1.00 40.57  ? 158 VAL A CB  1 
ATOM   1138 C  CG1 . VAL A 1 158 ? -13.569 9.274   -2.821  1.00 43.70  ? 158 VAL A CG1 1 
ATOM   1139 C  CG2 . VAL A 1 158 ? -15.357 9.135   -1.150  1.00 35.75  ? 158 VAL A CG2 1 
ATOM   1140 N  N   . ILE A 1 159 ? -13.554 5.658   -0.616  1.00 29.26  ? 159 ILE A N   1 
ATOM   1141 C  CA  . ILE A 1 159 ? -13.531 4.628   0.402   1.00 25.77  ? 159 ILE A CA  1 
ATOM   1142 C  C   . ILE A 1 159 ? -14.494 5.023   1.523   1.00 29.40  ? 159 ILE A C   1 
ATOM   1143 O  O   . ILE A 1 159 ? -14.692 6.211   1.779   1.00 32.58  ? 159 ILE A O   1 
ATOM   1144 C  CB  . ILE A 1 159 ? -12.097 4.392   0.939   1.00 31.21  ? 159 ILE A CB  1 
ATOM   1145 C  CG1 . ILE A 1 159 ? -11.548 5.657   1.562   1.00 20.10  ? 159 ILE A CG1 1 
ATOM   1146 C  CG2 . ILE A 1 159 ? -11.186 3.885   -0.200  1.00 32.51  ? 159 ILE A CG2 1 
ATOM   1147 C  CD1 . ILE A 1 159 ? -10.261 5.434   2.338   1.00 25.35  ? 159 ILE A CD1 1 
ATOM   1148 N  N   . PRO A 1 160 ? -15.108 4.035   2.198   1.00 28.86  ? 160 PRO A N   1 
ATOM   1149 C  CA  . PRO A 1 160 ? -16.073 4.288   3.290   1.00 31.61  ? 160 PRO A CA  1 
ATOM   1150 C  C   . PRO A 1 160 ? -15.721 5.351   4.318   1.00 33.97  ? 160 PRO A C   1 
ATOM   1151 O  O   . PRO A 1 160 ? -16.564 6.203   4.624   1.00 39.95  ? 160 PRO A O   1 
ATOM   1152 C  CB  . PRO A 1 160 ? -16.277 2.902   3.909   1.00 25.04  ? 160 PRO A CB  1 
ATOM   1153 C  CG  . PRO A 1 160 ? -16.189 2.002   2.727   1.00 22.78  ? 160 PRO A CG  1 
ATOM   1154 C  CD  . PRO A 1 160 ? -14.916 2.583   2.017   1.00 25.88  ? 160 PRO A CD  1 
ATOM   1155 N  N   . GLY A 1 161 ? -14.512 5.294   4.870   1.00 33.14  ? 161 GLY A N   1 
ATOM   1156 C  CA  . GLY A 1 161 ? -14.090 6.313   5.822   1.00 34.37  ? 161 GLY A CA  1 
ATOM   1157 C  C   . GLY A 1 161 ? -14.269 7.724   5.249   1.00 39.08  ? 161 GLY A C   1 
ATOM   1158 O  O   . GLY A 1 161 ? -14.762 8.634   5.934   1.00 32.38  ? 161 GLY A O   1 
ATOM   1159 N  N   . TRP A 1 162 ? -13.876 7.920   3.990   1.00 30.66  ? 162 TRP A N   1 
ATOM   1160 C  CA  . TRP A 1 162 ? -14.026 9.235   3.351   1.00 32.46  ? 162 TRP A CA  1 
ATOM   1161 C  C   . TRP A 1 162 ? -15.499 9.623   3.200   1.00 37.33  ? 162 TRP A C   1 
ATOM   1162 O  O   . TRP A 1 162 ? -15.889 10.755  3.467   1.00 51.09  ? 162 TRP A O   1 
ATOM   1163 C  CB  . TRP A 1 162 ? -13.385 9.228   1.978   1.00 28.32  ? 162 TRP A CB  1 
ATOM   1164 C  CG  . TRP A 1 162 ? -11.934 9.596   1.990   1.00 43.04  ? 162 TRP A CG  1 
ATOM   1165 C  CD1 . TRP A 1 162 ? -10.951 9.088   2.802   1.00 35.64  ? 162 TRP A CD1 1 
ATOM   1166 C  CD2 . TRP A 1 162 ? -11.291 10.527  1.118   1.00 34.58  ? 162 TRP A CD2 1 
ATOM   1167 N  NE1 . TRP A 1 162 ? -9.736  9.654   2.487   1.00 40.87  ? 162 TRP A NE1 1 
ATOM   1168 C  CE2 . TRP A 1 162 ? -9.918  10.537  1.453   1.00 39.87  ? 162 TRP A CE2 1 
ATOM   1169 C  CE3 . TRP A 1 162 ? -11.740 11.352  0.082   1.00 37.31  ? 162 TRP A CE3 1 
ATOM   1170 C  CZ2 . TRP A 1 162 ? -8.995  11.331  0.782   1.00 30.86  ? 162 TRP A CZ2 1 
ATOM   1171 C  CZ3 . TRP A 1 162 ? -10.825 12.138  -0.581  1.00 49.04  ? 162 TRP A CZ3 1 
ATOM   1172 C  CH2 . TRP A 1 162 ? -9.462  12.123  -0.227  1.00 33.60  ? 162 TRP A CH2 1 
ATOM   1173 N  N   . THR A 1 163 ? -16.299 8.662   2.752   1.00 31.86  ? 163 THR A N   1 
ATOM   1174 C  CA  . THR A 1 163 ? -17.737 8.811   2.570   1.00 26.01  ? 163 THR A CA  1 
ATOM   1175 C  C   . THR A 1 163 ? -18.352 9.176   3.939   1.00 31.70  ? 163 THR A C   1 
ATOM   1176 O  O   . THR A 1 163 ? -19.197 10.055  4.025   1.00 35.55  ? 163 THR A O   1 
ATOM   1177 C  CB  . THR A 1 163 ? -18.324 7.468   2.039   1.00 34.93  ? 163 THR A CB  1 
ATOM   1178 O  OG1 . THR A 1 163 ? -17.756 7.173   0.760   1.00 40.52  ? 163 THR A OG1 1 
ATOM   1179 C  CG2 . THR A 1 163 ? -19.795 7.534   1.883   1.00 30.54  ? 163 THR A CG2 1 
ATOM   1180 N  N   . GLU A 1 164 ? -17.928 8.494   5.000   1.00 34.66  ? 164 GLU A N   1 
ATOM   1181 C  CA  . GLU A 1 164 ? -18.431 8.794   6.333   1.00 35.59  ? 164 GLU A CA  1 
ATOM   1182 C  C   . GLU A 1 164 ? -17.988 10.185  6.764   1.00 35.86  ? 164 GLU A C   1 
ATOM   1183 O  O   . GLU A 1 164 ? -18.788 10.943  7.272   1.00 35.62  ? 164 GLU A O   1 
ATOM   1184 C  CB  . GLU A 1 164 ? -17.910 7.785   7.359   1.00 34.35  ? 164 GLU A CB  1 
ATOM   1185 C  CG  . GLU A 1 164 ? -18.363 6.331   7.155   1.00 41.70  ? 164 GLU A CG  1 
ATOM   1186 C  CD  . GLU A 1 164 ? -19.805 6.072   7.605   1.00 46.30  ? 164 GLU A CD  1 
ATOM   1187 O  OE1 . GLU A 1 164 ? -20.473 7.032   8.036   1.00 40.29  ? 164 GLU A OE1 1 
ATOM   1188 O  OE2 . GLU A 1 164 ? -20.279 4.908   7.522   1.00 44.32  ? 164 GLU A OE2 1 
ATOM   1189 N  N   . ALA A 1 165 ? -16.714 10.524  6.567   1.00 37.08  ? 165 ALA A N   1 
ATOM   1190 C  CA  . ALA A 1 165 ? -16.208 11.835  7.004   1.00 31.12  ? 165 ALA A CA  1 
ATOM   1191 C  C   . ALA A 1 165 ? -16.746 13.042  6.237   1.00 34.69  ? 165 ALA A C   1 
ATOM   1192 O  O   . ALA A 1 165 ? -17.201 14.028  6.845   1.00 39.60  ? 165 ALA A O   1 
ATOM   1193 C  CB  . ALA A 1 165 ? -14.689 11.844  6.971   1.00 27.33  ? 165 ALA A CB  1 
ATOM   1194 N  N   . LEU A 1 166 ? -16.674 12.987  4.910   1.00 29.32  ? 166 LEU A N   1 
ATOM   1195 C  CA  . LEU A 1 166 ? -17.174 14.083  4.073   1.00 26.16  ? 166 LEU A CA  1 
ATOM   1196 C  C   . LEU A 1 166 ? -18.619 14.514  4.401   1.00 35.75  ? 166 LEU A C   1 
ATOM   1197 O  O   . LEU A 1 166 ? -18.920 15.704  4.373   1.00 32.03  ? 166 LEU A O   1 
ATOM   1198 C  CB  . LEU A 1 166 ? -17.060 13.699  2.604   1.00 20.75  ? 166 LEU A CB  1 
ATOM   1199 C  CG  . LEU A 1 166 ? -15.619 13.609  2.090   1.00 24.38  ? 166 LEU A CG  1 
ATOM   1200 C  CD1 . LEU A 1 166 ? -15.588 12.890  0.778   1.00 29.22  ? 166 LEU A CD1 1 
ATOM   1201 C  CD2 . LEU A 1 166 ? -15.068 14.994  1.910   1.00 26.79  ? 166 LEU A CD2 1 
ATOM   1202 N  N   . GLN A 1 167 ? -19.507 13.571  4.730   1.00 31.95  ? 167 GLN A N   1 
ATOM   1203 C  CA  . GLN A 1 167 ? -20.897 13.935  5.037   1.00 32.91  ? 167 GLN A CA  1 
ATOM   1204 C  C   . GLN A 1 167 ? -21.043 14.725  6.297   1.00 33.04  ? 167 GLN A C   1 
ATOM   1205 O  O   . GLN A 1 167 ? -22.108 15.251  6.554   1.00 39.24  ? 167 GLN A O   1 
ATOM   1206 C  CB  . GLN A 1 167 ? -21.802 12.705  5.146   1.00 29.82  ? 167 GLN A CB  1 
ATOM   1207 C  CG  . GLN A 1 167 ? -22.066 12.020  3.823   1.00 33.01  ? 167 GLN A CG  1 
ATOM   1208 C  CD  . GLN A 1 167 ? -22.901 10.775  3.990   1.00 46.80  ? 167 GLN A CD  1 
ATOM   1209 O  OE1 . GLN A 1 167 ? -24.142 10.826  4.057   1.00 38.58  ? 167 GLN A OE1 1 
ATOM   1210 N  NE2 . GLN A 1 167 ? -22.226 9.640   4.072   1.00 39.31  ? 167 GLN A NE2 1 
ATOM   1211 N  N   . LEU A 1 168 ? -19.976 14.788  7.084   1.00 36.57  ? 168 LEU A N   1 
ATOM   1212 C  CA  . LEU A 1 168 ? -19.963 15.526  8.347   1.00 31.85  ? 168 LEU A CA  1 
ATOM   1213 C  C   . LEU A 1 168 ? -19.200 16.865  8.240   1.00 29.02  ? 168 LEU A C   1 
ATOM   1214 O  O   . LEU A 1 168 ? -19.389 17.771  9.043   1.00 37.87  ? 168 LEU A O   1 
ATOM   1215 C  CB  . LEU A 1 168 ? -19.325 14.646  9.435   1.00 31.69  ? 168 LEU A CB  1 
ATOM   1216 C  CG  . LEU A 1 168 ? -20.059 13.307  9.686   1.00 41.09  ? 168 LEU A CG  1 
ATOM   1217 C  CD1 . LEU A 1 168 ? -19.269 12.456  10.627  1.00 36.14  ? 168 LEU A CD1 1 
ATOM   1218 C  CD2 . LEU A 1 168 ? -21.432 13.542  10.266  1.00 30.81  ? 168 LEU A CD2 1 
ATOM   1219 N  N   . MET A 1 169 ? -18.360 16.991  7.223   1.00 24.91  ? 169 MET A N   1 
ATOM   1220 C  CA  . MET A 1 169 ? -17.548 18.179  7.046   1.00 29.75  ? 169 MET A CA  1 
ATOM   1221 C  C   . MET A 1 169 ? -18.126 19.375  6.311   1.00 40.50  ? 169 MET A C   1 
ATOM   1222 O  O   . MET A 1 169 ? -18.557 19.276  5.157   1.00 41.59  ? 169 MET A O   1 
ATOM   1223 C  CB  . MET A 1 169 ? -16.246 17.799  6.349   1.00 31.91  ? 169 MET A CB  1 
ATOM   1224 C  CG  . MET A 1 169 ? -15.408 16.810  7.106   1.00 29.08  ? 169 MET A CG  1 
ATOM   1225 S  SD  . MET A 1 169 ? -14.074 16.248  6.055   1.00 29.94  ? 169 MET A SD  1 
ATOM   1226 C  CE  . MET A 1 169 ? -13.091 17.654  6.019   1.00 16.95  ? 169 MET A CE  1 
ATOM   1227 N  N   . PRO A 1 170 ? -18.130 20.532  6.974   1.00 33.67  ? 170 PRO A N   1 
ATOM   1228 C  CA  . PRO A 1 170 ? -18.654 21.738  6.333   1.00 36.77  ? 170 PRO A CA  1 
ATOM   1229 C  C   . PRO A 1 170 ? -17.652 22.115  5.246   1.00 33.05  ? 170 PRO A C   1 
ATOM   1230 O  O   . PRO A 1 170 ? -16.452 21.989  5.459   1.00 33.04  ? 170 PRO A O   1 
ATOM   1231 C  CB  . PRO A 1 170 ? -18.660 22.760  7.472   1.00 38.57  ? 170 PRO A CB  1 
ATOM   1232 C  CG  . PRO A 1 170 ? -18.906 21.896  8.696   1.00 35.69  ? 170 PRO A CG  1 
ATOM   1233 C  CD  . PRO A 1 170 ? -17.984 20.717  8.426   1.00 38.86  ? 170 PRO A CD  1 
ATOM   1234 N  N   . ALA A 1 171 ? -18.132 22.565  4.087   1.00 34.32  ? 171 ALA A N   1 
ATOM   1235 C  CA  . ALA A 1 171 ? -17.232 22.963  3.009   1.00 33.24  ? 171 ALA A CA  1 
ATOM   1236 C  C   . ALA A 1 171 ? -16.269 23.960  3.609   1.00 32.62  ? 171 ALA A C   1 
ATOM   1237 O  O   . ALA A 1 171 ? -16.680 24.841  4.395   1.00 29.18  ? 171 ALA A O   1 
ATOM   1238 C  CB  . ALA A 1 171 ? -18.009 23.637  1.859   1.00 30.92  ? 171 ALA A CB  1 
ATOM   1239 N  N   . GLY A 1 172 ? -14.995 23.821  3.251   1.00 27.83  ? 172 GLY A N   1 
ATOM   1240 C  CA  . GLY A 1 172 ? -13.992 24.749  3.753   1.00 32.95  ? 172 GLY A CA  1 
ATOM   1241 C  C   . GLY A 1 172 ? -13.159 24.234  4.912   1.00 40.84  ? 172 GLY A C   1 
ATOM   1242 O  O   . GLY A 1 172 ? -12.120 24.807  5.227   1.00 32.49  ? 172 GLY A O   1 
ATOM   1243 N  N   . SER A 1 173 ? -13.604 23.142  5.520   1.00 31.52  ? 173 SER A N   1 
ATOM   1244 C  CA  . SER A 1 173 ? -12.942 22.550  6.671   1.00 30.18  ? 173 SER A CA  1 
ATOM   1245 C  C   . SER A 1 173 ? -11.689 21.777  6.301   1.00 33.21  ? 173 SER A C   1 
ATOM   1246 O  O   . SER A 1 173 ? -11.479 21.440  5.134   1.00 39.13  ? 173 SER A O   1 
ATOM   1247 C  CB  . SER A 1 173 ? -13.904 21.561  7.376   1.00 27.46  ? 173 SER A CB  1 
ATOM   1248 O  OG  . SER A 1 173 ? -15.177 22.118  7.651   1.00 34.04  ? 173 SER A OG  1 
ATOM   1249 N  N   . THR A 1 174 ? -10.865 21.500  7.313   1.00 32.72  ? 174 THR A N   1 
ATOM   1250 C  CA  . THR A 1 174 ? -9.657  20.674  7.174   1.00 33.52  ? 174 THR A CA  1 
ATOM   1251 C  C   . THR A 1 174 ? -9.620  19.725  8.395   1.00 35.52  ? 174 THR A C   1 
ATOM   1252 O  O   . THR A 1 174 ? -9.421  20.140  9.528   1.00 36.63  ? 174 THR A O   1 
ATOM   1253 C  CB  . THR A 1 174 ? -8.357  21.488  7.144   1.00 28.10  ? 174 THR A CB  1 
ATOM   1254 O  OG1 . THR A 1 174 ? -8.316  22.267  5.955   1.00 29.09  ? 174 THR A OG1 1 
ATOM   1255 C  CG2 . THR A 1 174 ? -7.143  20.561  7.127   1.00 25.22  ? 174 THR A CG2 1 
ATOM   1256 N  N   . TRP A 1 175 ? -9.835  18.446  8.150   1.00 35.51  ? 175 TRP A N   1 
ATOM   1257 C  CA  . TRP A 1 175 ? -9.863  17.464  9.207   1.00 28.69  ? 175 TRP A CA  1 
ATOM   1258 C  C   . TRP A 1 175 ? -8.734  16.477  8.988   1.00 37.65  ? 175 TRP A C   1 
ATOM   1259 O  O   . TRP A 1 175 ? -8.168  16.409  7.907   1.00 31.76  ? 175 TRP A O   1 
ATOM   1260 C  CB  . TRP A 1 175 ? -11.159 16.664  9.128   1.00 26.35  ? 175 TRP A CB  1 
ATOM   1261 C  CG  . TRP A 1 175 ? -12.449 17.330  9.583   1.00 32.62  ? 175 TRP A CG  1 
ATOM   1262 C  CD1 . TRP A 1 175 ? -12.677 18.652  9.824   1.00 23.00  ? 175 TRP A CD1 1 
ATOM   1263 C  CD2 . TRP A 1 175 ? -13.656 16.651  9.912   1.00 22.37  ? 175 TRP A CD2 1 
ATOM   1264 N  NE1 . TRP A 1 175 ? -13.940 18.836  10.295  1.00 32.53  ? 175 TRP A NE1 1 
ATOM   1265 C  CE2 . TRP A 1 175 ? -14.571 17.623  10.359  1.00 28.78  ? 175 TRP A CE2 1 
ATOM   1266 C  CE3 . TRP A 1 175 ? -14.048 15.308  9.883   1.00 23.91  ? 175 TRP A CE3 1 
ATOM   1267 C  CZ2 . TRP A 1 175 ? -15.859 17.300  10.778  1.00 33.06  ? 175 TRP A CZ2 1 
ATOM   1268 C  CZ3 . TRP A 1 175 ? -15.324 14.980  10.306  1.00 31.34  ? 175 TRP A CZ3 1 
ATOM   1269 C  CH2 . TRP A 1 175 ? -16.222 15.974  10.748  1.00 33.21  ? 175 TRP A CH2 1 
ATOM   1270 N  N   . GLU A 1 176 ? -8.404  15.724  10.031  1.00 33.92  ? 176 GLU A N   1 
ATOM   1271 C  CA  . GLU A 1 176 ? -7.428  14.657  9.902   1.00 38.20  ? 176 GLU A CA  1 
ATOM   1272 C  C   . GLU A 1 176 ? -8.266  13.473  10.313  1.00 35.36  ? 176 GLU A C   1 
ATOM   1273 O  O   . GLU A 1 176 ? -8.849  13.461  11.413  1.00 33.21  ? 176 GLU A O   1 
ATOM   1274 C  CB  . GLU A 1 176 ? -6.237  14.798  10.855  1.00 39.77  ? 176 GLU A CB  1 
ATOM   1275 C  CG  . GLU A 1 176 ? -5.228  13.675  10.658  1.00 38.36  ? 176 GLU A CG  1 
ATOM   1276 C  CD  . GLU A 1 176 ? -3.874  13.941  11.310  1.00 51.77  ? 176 GLU A CD  1 
ATOM   1277 O  OE1 . GLU A 1 176 ? -3.828  14.036  12.548  1.00 44.03  ? 176 GLU A OE1 1 
ATOM   1278 O  OE2 . GLU A 1 176 ? -2.851  14.051  10.586  1.00 51.21  ? 176 GLU A OE2 1 
ATOM   1279 N  N   . ILE A 1 177 ? -8.371  12.491  9.430   1.00 29.00  ? 177 ILE A N   1 
ATOM   1280 C  CA  . ILE A 1 177 ? -9.170  11.322  9.762   1.00 29.22  ? 177 ILE A CA  1 
ATOM   1281 C  C   . ILE A 1 177 ? -8.260  10.114  9.943   1.00 28.67  ? 177 ILE A C   1 
ATOM   1282 O  O   . ILE A 1 177 ? -7.144  10.048  9.377   1.00 31.50  ? 177 ILE A O   1 
ATOM   1283 C  CB  . ILE A 1 177 ? -10.306 11.064  8.705   1.00 30.12  ? 177 ILE A CB  1 
ATOM   1284 C  CG1 . ILE A 1 177 ? -9.747  10.713  7.327   1.00 35.38  ? 177 ILE A CG1 1 
ATOM   1285 C  CG2 . ILE A 1 177 ? -11.114 12.326  8.522   1.00 28.52  ? 177 ILE A CG2 1 
ATOM   1286 C  CD1 . ILE A 1 177 ? -10.839 10.196  6.381   1.00 31.77  ? 177 ILE A CD1 1 
ATOM   1287 N  N   . TYR A 1 178 ? -8.716  9.185   10.782  1.00 29.43  ? 178 TYR A N   1 
ATOM   1288 C  CA  . TYR A 1 178 ? -7.962  7.982   11.109  1.00 29.13  ? 178 TYR A CA  1 
ATOM   1289 C  C   . TYR A 1 178 ? -8.921  6.886   10.749  1.00 32.66  ? 178 TYR A C   1 
ATOM   1290 O  O   . TYR A 1 178 ? -9.928  6.687   11.408  1.00 33.12  ? 178 TYR A O   1 
ATOM   1291 C  CB  . TYR A 1 178 ? -7.622  7.990   12.604  1.00 34.78  ? 178 TYR A CB  1 
ATOM   1292 C  CG  . TYR A 1 178 ? -7.027  9.317   13.052  1.00 29.67  ? 178 TYR A CG  1 
ATOM   1293 C  CD1 . TYR A 1 178 ? -7.828  10.317  13.622  1.00 36.49  ? 178 TYR A CD1 1 
ATOM   1294 C  CD2 . TYR A 1 178 ? -5.682  9.595   12.852  1.00 29.44  ? 178 TYR A CD2 1 
ATOM   1295 C  CE1 . TYR A 1 178 ? -7.285  11.565  13.979  1.00 30.22  ? 178 TYR A CE1 1 
ATOM   1296 C  CE2 . TYR A 1 178 ? -5.141  10.832  13.199  1.00 43.75  ? 178 TYR A CE2 1 
ATOM   1297 C  CZ  . TYR A 1 178 ? -5.949  11.805  13.760  1.00 33.22  ? 178 TYR A CZ  1 
ATOM   1298 O  OH  . TYR A 1 178 ? -5.406  13.012  14.084  1.00 42.99  ? 178 TYR A OH  1 
ATOM   1299 N  N   . VAL A 1 179 ? -8.566  6.170   9.695   1.00 34.71  ? 179 VAL A N   1 
ATOM   1300 C  CA  . VAL A 1 179 ? -9.413  5.174   9.110   1.00 25.43  ? 179 VAL A CA  1 
ATOM   1301 C  C   . VAL A 1 179 ? -9.178  3.680   9.323   1.00 31.78  ? 179 VAL A C   1 
ATOM   1302 O  O   . VAL A 1 179 ? -8.165  3.118   8.884   1.00 32.68  ? 179 VAL A O   1 
ATOM   1303 C  CB  . VAL A 1 179 ? -9.471  5.455   7.585   1.00 28.54  ? 179 VAL A CB  1 
ATOM   1304 C  CG1 . VAL A 1 179 ? -10.583 4.681   6.950   1.00 23.15  ? 179 VAL A CG1 1 
ATOM   1305 C  CG2 . VAL A 1 179 ? -9.672  6.953   7.335   1.00 23.14  ? 179 VAL A CG2 1 
ATOM   1306 N  N   . PRO A 1 180 ? -10.135 3.009   9.986   1.00 27.75  ? 180 PRO A N   1 
ATOM   1307 C  CA  . PRO A 1 180 ? -10.057 1.563   10.253  1.00 34.85  ? 180 PRO A CA  1 
ATOM   1308 C  C   . PRO A 1 180 ? -9.938  0.872   8.887   1.00 30.81  ? 180 PRO A C   1 
ATOM   1309 O  O   . PRO A 1 180 ? -10.504 1.344   7.900   1.00 40.50  ? 180 PRO A O   1 
ATOM   1310 C  CB  . PRO A 1 180 ? -11.390 1.271   10.945  1.00 31.87  ? 180 PRO A CB  1 
ATOM   1311 C  CG  . PRO A 1 180 ? -11.672 2.545   11.680  1.00 39.80  ? 180 PRO A CG  1 
ATOM   1312 C  CD  . PRO A 1 180 ? -11.304 3.604   10.660  1.00 30.03  ? 180 PRO A CD  1 
ATOM   1313 N  N   . SER A 1 181 ? -9.212  -0.229  8.810   1.00 35.02  ? 181 SER A N   1 
ATOM   1314 C  CA  . SER A 1 181 ? -9.030  -0.885  7.516   1.00 29.88  ? 181 SER A CA  1 
ATOM   1315 C  C   . SER A 1 181 ? -10.360 -1.276  6.870   1.00 35.49  ? 181 SER A C   1 
ATOM   1316 O  O   . SER A 1 181 ? -10.478 -1.261  5.665   1.00 35.06  ? 181 SER A O   1 
ATOM   1317 C  CB  . SER A 1 181 ? -8.125  -2.114  7.665   1.00 32.45  ? 181 SER A CB  1 
ATOM   1318 O  OG  . SER A 1 181 ? -8.752  -3.143  8.420   1.00 35.44  ? 181 SER A OG  1 
ATOM   1319 N  N   . GLY A 1 182 ? -11.368 -1.612  7.667   1.00 37.40  ? 182 GLY A N   1 
ATOM   1320 C  CA  . GLY A 1 182 ? -12.649 -1.981  7.093   1.00 26.80  ? 182 GLY A CA  1 
ATOM   1321 C  C   . GLY A 1 182 ? -13.337 -0.833  6.369   1.00 36.46  ? 182 GLY A C   1 
ATOM   1322 O  O   . GLY A 1 182 ? -14.292 -1.054  5.634   1.00 37.64  ? 182 GLY A O   1 
ATOM   1323 N  N   . LEU A 1 183 ? -12.856 0.392   6.570   1.00 28.65  ? 183 LEU A N   1 
ATOM   1324 C  CA  . LEU A 1 183 ? -13.429 1.564   5.922   1.00 34.59  ? 183 LEU A CA  1 
ATOM   1325 C  C   . LEU A 1 183 ? -12.479 2.129   4.864   1.00 39.87  ? 183 LEU A C   1 
ATOM   1326 O  O   . LEU A 1 183 ? -12.761 3.161   4.251   1.00 40.41  ? 183 LEU A O   1 
ATOM   1327 C  CB  . LEU A 1 183 ? -13.757 2.660   6.954   1.00 33.48  ? 183 LEU A CB  1 
ATOM   1328 C  CG  . LEU A 1 183 ? -14.706 2.360   8.122   1.00 38.08  ? 183 LEU A CG  1 
ATOM   1329 C  CD1 . LEU A 1 183 ? -15.046 3.659   8.850   1.00 36.06  ? 183 LEU A CD1 1 
ATOM   1330 C  CD2 . LEU A 1 183 ? -15.984 1.718   7.617   1.00 39.46  ? 183 LEU A CD2 1 
ATOM   1331 N  N   . ALA A 1 184 ? -11.341 1.465   4.676   1.00 38.32  ? 184 ALA A N   1 
ATOM   1332 C  CA  . ALA A 1 184 ? -10.371 1.877   3.664   1.00 40.60  ? 184 ALA A CA  1 
ATOM   1333 C  C   . ALA A 1 184 ? -10.349 0.753   2.649   1.00 32.41  ? 184 ALA A C   1 
ATOM   1334 O  O   . ALA A 1 184 ? -11.352 0.530   1.988   1.00 37.26  ? 184 ALA A O   1 
ATOM   1335 C  CB  . ALA A 1 184 ? -8.981  2.089   4.281   1.00 24.17  ? 184 ALA A CB  1 
ATOM   1336 N  N   . TYR A 1 185 ? -9.231  0.029   2.539   1.00 36.49  ? 185 TYR A N   1 
ATOM   1337 C  CA  . TYR A 1 185 ? -9.142  -1.077  1.587   1.00 32.72  ? 185 TYR A CA  1 
ATOM   1338 C  C   . TYR A 1 185 ? -9.325  -2.502  2.112   1.00 40.99  ? 185 TYR A C   1 
ATOM   1339 O  O   . TYR A 1 185 ? -9.307  -3.445  1.339   1.00 45.90  ? 185 TYR A O   1 
ATOM   1340 C  CB  . TYR A 1 185 ? -7.827  -0.978  0.827   1.00 35.10  ? 185 TYR A CB  1 
ATOM   1341 C  CG  . TYR A 1 185 ? -7.732  0.333   0.130   1.00 30.43  ? 185 TYR A CG  1 
ATOM   1342 C  CD1 . TYR A 1 185 ? -7.041  1.397   0.697   1.00 25.46  ? 185 TYR A CD1 1 
ATOM   1343 C  CD2 . TYR A 1 185 ? -8.410  0.546   -1.068  1.00 32.69  ? 185 TYR A CD2 1 
ATOM   1344 C  CE1 . TYR A 1 185 ? -7.023  2.663   0.086   1.00 27.56  ? 185 TYR A CE1 1 
ATOM   1345 C  CE2 . TYR A 1 185 ? -8.402  1.798   -1.685  1.00 26.57  ? 185 TYR A CE2 1 
ATOM   1346 C  CZ  . TYR A 1 185 ? -7.717  2.845   -1.108  1.00 29.84  ? 185 TYR A CZ  1 
ATOM   1347 O  OH  . TYR A 1 185 ? -7.780  4.078   -1.706  1.00 37.96  ? 185 TYR A OH  1 
ATOM   1348 N  N   . GLY A 1 186 ? -9.472  -2.674  3.419   1.00 38.72  ? 186 GLY A N   1 
ATOM   1349 C  CA  . GLY A 1 186 ? -9.691  -4.004  3.953   1.00 40.65  ? 186 GLY A CA  1 
ATOM   1350 C  C   . GLY A 1 186 ? -8.601  -5.064  3.886   1.00 44.16  ? 186 GLY A C   1 
ATOM   1351 O  O   . GLY A 1 186 ? -7.404  -4.777  3.774   1.00 42.68  ? 186 GLY A O   1 
ATOM   1352 N  N   . PRO A 1 187 ? -9.015  -6.328  3.959   1.00 41.37  ? 187 PRO A N   1 
ATOM   1353 C  CA  . PRO A 1 187 ? -8.157  -7.519  3.927   1.00 46.52  ? 187 PRO A CA  1 
ATOM   1354 C  C   . PRO A 1 187 ? -7.437  -7.720  2.603   1.00 53.03  ? 187 PRO A C   1 
ATOM   1355 O  O   . PRO A 1 187 ? -6.415  -8.393  2.541   1.00 59.59  ? 187 PRO A O   1 
ATOM   1356 C  CB  . PRO A 1 187 ? -9.131  -8.655  4.234   1.00 42.18  ? 187 PRO A CB  1 
ATOM   1357 C  CG  . PRO A 1 187 ? -10.401 -8.174  3.576   1.00 46.82  ? 187 PRO A CG  1 
ATOM   1358 C  CD  . PRO A 1 187 ? -10.445 -6.695  3.921   1.00 39.98  ? 187 PRO A CD  1 
ATOM   1359 N  N   . ARG A 1 188 ? -7.987  -7.145  1.542   1.00 63.76  ? 188 ARG A N   1 
ATOM   1360 C  CA  . ARG A 1 188 ? -7.387  -7.256  0.220   1.00 66.23  ? 188 ARG A CA  1 
ATOM   1361 C  C   . ARG A 1 188 ? -6.486  -6.054  0.081   1.00 72.99  ? 188 ARG A C   1 
ATOM   1362 O  O   . ARG A 1 188 ? -6.654  -5.090  0.817   1.00 80.96  ? 188 ARG A O   1 
ATOM   1363 C  CB  . ARG A 1 188 ? -8.466  -7.192  -0.870  1.00 67.41  ? 188 ARG A CB  1 
ATOM   1364 C  CG  . ARG A 1 188 ? -9.490  -8.310  -0.844  0.00 56.10  ? 188 ARG A CG  1 
ATOM   1365 C  CD  . ARG A 1 188 ? -10.443 -8.166  -2.021  0.00 49.26  ? 188 ARG A CD  1 
ATOM   1366 N  NE  . ARG A 1 188 ? -11.437 -9.233  -2.077  0.00 41.62  ? 188 ARG A NE  1 
ATOM   1367 C  CZ  . ARG A 1 188 ? -12.347 -9.350  -3.038  0.00 37.80  ? 188 ARG A CZ  1 
ATOM   1368 N  NH1 . ARG A 1 188 ? -12.390 -8.465  -4.025  0.00 35.13  ? 188 ARG A NH1 1 
ATOM   1369 N  NH2 . ARG A 1 188 ? -13.214 -10.353 -3.014  0.00 35.13  ? 188 ARG A NH2 1 
ATOM   1370 N  N   . SER A 1 189 ? -5.527  -6.112  -0.837  1.00 84.86  ? 189 SER A N   1 
ATOM   1371 C  CA  . SER A 1 189 ? -4.635  -4.981  -1.080  1.00 91.82  ? 189 SER A CA  1 
ATOM   1372 C  C   . SER A 1 189 ? -3.247  -5.363  -1.567  1.00 99.21  ? 189 SER A C   1 
ATOM   1373 O  O   . SER A 1 189 ? -2.249  -5.251  -0.836  1.00 93.66  ? 189 SER A O   1 
ATOM   1374 C  CB  . SER A 1 189 ? -4.500  -4.093  0.161   1.00 94.66  ? 189 SER A CB  1 
ATOM   1375 O  OG  . SER A 1 189 ? -4.260  -2.751  -0.223  1.00 97.25  ? 189 SER A OG  1 
ATOM   1376 N  N   . VAL A 1 190 ? -3.197  -5.827  -2.811  1.00 100.38 ? 190 VAL A N   1 
ATOM   1377 C  CA  . VAL A 1 190 ? -1.933  -6.180  -3.459  1.00 100.38 ? 190 VAL A CA  1 
ATOM   1378 C  C   . VAL A 1 190 ? -1.628  -4.922  -4.294  1.00 100.38 ? 190 VAL A C   1 
ATOM   1379 O  O   . VAL A 1 190 ? -1.119  -4.989  -5.422  1.00 99.93  ? 190 VAL A O   1 
ATOM   1380 C  CB  . VAL A 1 190 ? -2.089  -7.440  -4.378  1.00 100.38 ? 190 VAL A CB  1 
ATOM   1381 C  CG1 . VAL A 1 190 ? -0.716  -7.904  -4.875  1.00 100.38 ? 190 VAL A CG1 1 
ATOM   1382 C  CG2 . VAL A 1 190 ? -2.790  -8.570  -3.613  1.00 95.95  ? 190 VAL A CG2 1 
ATOM   1383 N  N   . GLY A 1 191 ? -1.978  -3.775  -3.703  1.00 100.38 ? 191 GLY A N   1 
ATOM   1384 C  CA  . GLY A 1 191 ? -1.784  -2.484  -4.337  1.00 100.38 ? 191 GLY A CA  1 
ATOM   1385 C  C   . GLY A 1 191 ? -0.494  -1.802  -3.921  1.00 98.28  ? 191 GLY A C   1 
ATOM   1386 O  O   . GLY A 1 191 ? 0.448   -2.461  -3.472  1.00 100.08 ? 191 GLY A O   1 
ATOM   1387 N  N   . GLY A 1 192 ? -0.465  -0.479  -4.070  1.00 91.66  ? 192 GLY A N   1 
ATOM   1388 C  CA  . GLY A 1 192 ? 0.715   0.297   -3.730  1.00 76.79  ? 192 GLY A CA  1 
ATOM   1389 C  C   . GLY A 1 192 ? 1.290   0.083   -2.343  1.00 75.07  ? 192 GLY A C   1 
ATOM   1390 O  O   . GLY A 1 192 ? 1.438   -1.052  -1.881  1.00 72.34  ? 192 GLY A O   1 
ATOM   1391 N  N   . PRO A 1 193 ? 1.642   1.176   -1.654  1.00 71.35  ? 193 PRO A N   1 
ATOM   1392 C  CA  . PRO A 1 193 ? 2.210   1.093   -0.302  1.00 59.02  ? 193 PRO A CA  1 
ATOM   1393 C  C   . PRO A 1 193 ? 1.211   0.520   0.702   1.00 52.67  ? 193 PRO A C   1 
ATOM   1394 O  O   . PRO A 1 193 ? 1.589   0.088   1.792   1.00 53.50  ? 193 PRO A O   1 
ATOM   1395 C  CB  . PRO A 1 193 ? 2.578   2.545   0.007   1.00 67.42  ? 193 PRO A CB  1 
ATOM   1396 C  CG  . PRO A 1 193 ? 2.815   3.143   -1.370  1.00 61.49  ? 193 PRO A CG  1 
ATOM   1397 C  CD  . PRO A 1 193 ? 1.684   2.556   -2.165  1.00 65.41  ? 193 PRO A CD  1 
ATOM   1398 N  N   . ILE A 1 194 ? -0.065  0.517   0.320   1.00 49.23  ? 194 ILE A N   1 
ATOM   1399 C  CA  . ILE A 1 194 ? -1.131  0.009   1.189   1.00 53.74  ? 194 ILE A CA  1 
ATOM   1400 C  C   . ILE A 1 194 ? -1.180  -1.532  1.165   1.00 56.35  ? 194 ILE A C   1 
ATOM   1401 O  O   . ILE A 1 194 ? -1.355  -2.159  0.108   1.00 50.36  ? 194 ILE A O   1 
ATOM   1402 C  CB  . ILE A 1 194 ? -2.571  0.554   0.778   1.00 56.02  ? 194 ILE A CB  1 
ATOM   1403 C  CG1 . ILE A 1 194 ? -2.629  2.095   0.754   1.00 37.20  ? 194 ILE A CG1 1 
ATOM   1404 C  CG2 . ILE A 1 194 ? -3.598  0.036   1.749   1.00 40.10  ? 194 ILE A CG2 1 
ATOM   1405 C  CD1 . ILE A 1 194 ? -2.318  2.704   2.059   1.00 50.51  ? 194 ILE A CD1 1 
ATOM   1406 N  N   . GLY A 1 195 ? -1.036  -2.140  2.335   1.00 46.37  ? 195 GLY A N   1 
ATOM   1407 C  CA  . GLY A 1 195 ? -1.098  -3.583  2.406   1.00 45.35  ? 195 GLY A CA  1 
ATOM   1408 C  C   . GLY A 1 195 ? -2.430  -4.083  2.940   1.00 54.27  ? 195 GLY A C   1 
ATOM   1409 O  O   . GLY A 1 195 ? -3.419  -3.343  2.986   1.00 48.29  ? 195 GLY A O   1 
ATOM   1410 N  N   . PRO A 1 196 ? -2.488  -5.355  3.353   1.00 50.80  ? 196 PRO A N   1 
ATOM   1411 C  CA  . PRO A 1 196 ? -3.750  -5.885  3.876   1.00 54.11  ? 196 PRO A CA  1 
ATOM   1412 C  C   . PRO A 1 196 ? -4.071  -5.399  5.287   1.00 48.46  ? 196 PRO A C   1 
ATOM   1413 O  O   . PRO A 1 196 ? -3.167  -5.240  6.130   1.00 42.26  ? 196 PRO A O   1 
ATOM   1414 C  CB  . PRO A 1 196 ? -3.547  -7.406  3.788   1.00 50.15  ? 196 PRO A CB  1 
ATOM   1415 C  CG  . PRO A 1 196 ? -2.064  -7.560  4.014   1.00 50.05  ? 196 PRO A CG  1 
ATOM   1416 C  CD  . PRO A 1 196 ? -1.495  -6.429  3.165   1.00 43.78  ? 196 PRO A CD  1 
ATOM   1417 N  N   . ASN A 1 197 ? -5.364  -5.173  5.532   1.00 41.30  ? 197 ASN A N   1 
ATOM   1418 C  CA  . ASN A 1 197 ? -5.872  -4.692  6.822   1.00 31.85  ? 197 ASN A CA  1 
ATOM   1419 C  C   . ASN A 1 197 ? -5.077  -3.542  7.385   1.00 35.74  ? 197 ASN A C   1 
ATOM   1420 O  O   . ASN A 1 197 ? -4.709  -3.531  8.567   1.00 35.14  ? 197 ASN A O   1 
ATOM   1421 C  CB  . ASN A 1 197 ? -5.911  -5.807  7.855   1.00 39.30  ? 197 ASN A CB  1 
ATOM   1422 C  CG  . ASN A 1 197 ? -6.839  -6.910  7.456   1.00 48.75  ? 197 ASN A CG  1 
ATOM   1423 O  OD1 . ASN A 1 197 ? -7.733  -6.716  6.620   1.00 36.99  ? 197 ASN A OD1 1 
ATOM   1424 N  ND2 . ASN A 1 197 ? -6.648  -8.078  8.052   1.00 40.12  ? 197 ASN A ND2 1 
ATOM   1425 N  N   . GLU A 1 198 ? -4.822  -2.566  6.531   1.00 41.57  ? 198 GLU A N   1 
ATOM   1426 C  CA  . GLU A 1 198 ? -4.062  -1.403  6.929   1.00 43.59  ? 198 GLU A CA  1 
ATOM   1427 C  C   . GLU A 1 198 ? -4.968  -0.232  7.299   1.00 42.37  ? 198 GLU A C   1 
ATOM   1428 O  O   . GLU A 1 198 ? -5.837  0.167   6.516   1.00 34.81  ? 198 GLU A O   1 
ATOM   1429 C  CB  . GLU A 1 198 ? -3.125  -1.000  5.787   1.00 48.69  ? 198 GLU A CB  1 
ATOM   1430 C  CG  . GLU A 1 198 ? -2.014  -0.081  6.227   1.00 60.58  ? 198 GLU A CG  1 
ATOM   1431 C  CD  . GLU A 1 198 ? -0.667  -0.503  5.685   1.00 59.62  ? 198 GLU A CD  1 
ATOM   1432 O  OE1 . GLU A 1 198 ? 0.355   -0.125  6.299   1.00 67.52  ? 198 GLU A OE1 1 
ATOM   1433 O  OE2 . GLU A 1 198 ? -0.628  -1.202  4.647   1.00 63.51  ? 198 GLU A OE2 1 
ATOM   1434 N  N   . THR A 1 199 ? -4.762  0.293   8.503   1.00 37.03  ? 199 THR A N   1 
ATOM   1435 C  CA  . THR A 1 199 ? -5.491  1.451   9.006   1.00 38.45  ? 199 THR A CA  1 
ATOM   1436 C  C   . THR A 1 199 ? -4.729  2.643   8.458   1.00 44.62  ? 199 THR A C   1 
ATOM   1437 O  O   . THR A 1 199 ? -3.494  2.662   8.524   1.00 40.07  ? 199 THR A O   1 
ATOM   1438 C  CB  . THR A 1 199 ? -5.487  1.472   10.539  1.00 39.20  ? 199 THR A CB  1 
ATOM   1439 O  OG1 . THR A 1 199 ? -6.500  0.581   10.999  1.00 40.87  ? 199 THR A OG1 1 
ATOM   1440 C  CG2 . THR A 1 199 ? -5.760  2.882   11.099  1.00 23.57  ? 199 THR A CG2 1 
ATOM   1441 N  N   . LEU A 1 200 ? -5.465  3.622   7.928   1.00 41.72  ? 200 LEU A N   1 
ATOM   1442 C  CA  . LEU A 1 200 ? -4.885  4.810   7.292   1.00 30.25  ? 200 LEU A CA  1 
ATOM   1443 C  C   . LEU A 1 200 ? -5.188  6.149   7.933   1.00 36.91  ? 200 LEU A C   1 
ATOM   1444 O  O   . LEU A 1 200 ? -6.188  6.319   8.640   1.00 42.61  ? 200 LEU A O   1 
ATOM   1445 C  CB  . LEU A 1 200 ? -5.344  4.878   5.839   1.00 33.34  ? 200 LEU A CB  1 
ATOM   1446 C  CG  . LEU A 1 200 ? -5.291  3.541   5.112   1.00 44.87  ? 200 LEU A CG  1 
ATOM   1447 C  CD1 . LEU A 1 200 ? -5.905  3.645   3.715   1.00 36.57  ? 200 LEU A CD1 1 
ATOM   1448 C  CD2 . LEU A 1 200 ? -3.848  3.121   5.038   1.00 34.90  ? 200 LEU A CD2 1 
ATOM   1449 N  N   . ILE A 1 201 ? -4.324  7.119   7.642   1.00 34.53  ? 201 ILE A N   1 
ATOM   1450 C  CA  . ILE A 1 201 ? -4.493  8.458   8.165   1.00 33.80  ? 201 ILE A CA  1 
ATOM   1451 C  C   . ILE A 1 201 ? -4.550  9.461   7.036   1.00 36.14  ? 201 ILE A C   1 
ATOM   1452 O  O   . ILE A 1 201 ? -3.722  9.423   6.110   1.00 30.32  ? 201 ILE A O   1 
ATOM   1453 C  CB  . ILE A 1 201 ? -3.354  8.841   9.079   1.00 44.86  ? 201 ILE A CB  1 
ATOM   1454 C  CG1 . ILE A 1 201 ? -3.189  7.772   10.167  1.00 35.58  ? 201 ILE A CG1 1 
ATOM   1455 C  CG2 . ILE A 1 201 ? -3.635  10.221  9.688   1.00 37.84  ? 201 ILE A CG2 1 
ATOM   1456 C  CD1 . ILE A 1 201 ? -1.965  8.031   11.056  1.00 40.07  ? 201 ILE A CD1 1 
ATOM   1457 N  N   . PHE A 1 202 ? -5.534  10.353  7.108   1.00 30.81  ? 202 PHE A N   1 
ATOM   1458 C  CA  . PHE A 1 202 ? -5.682  11.364  6.074   1.00 29.02  ? 202 PHE A CA  1 
ATOM   1459 C  C   . PHE A 1 202 ? -5.881  12.761  6.606   1.00 36.25  ? 202 PHE A C   1 
ATOM   1460 O  O   . PHE A 1 202 ? -6.602  12.988  7.596   1.00 35.77  ? 202 PHE A O   1 
ATOM   1461 C  CB  . PHE A 1 202 ? -6.905  11.115  5.187   1.00 28.15  ? 202 PHE A CB  1 
ATOM   1462 C  CG  . PHE A 1 202 ? -6.831  9.922   4.350   1.00 27.07  ? 202 PHE A CG  1 
ATOM   1463 C  CD1 . PHE A 1 202 ? -7.345  8.716   4.802   1.00 29.68  ? 202 PHE A CD1 1 
ATOM   1464 C  CD2 . PHE A 1 202 ? -6.340  10.007  3.052   1.00 37.52  ? 202 PHE A CD2 1 
ATOM   1465 C  CE1 . PHE A 1 202 ? -7.384  7.595   3.957   1.00 40.00  ? 202 PHE A CE1 1 
ATOM   1466 C  CE2 . PHE A 1 202 ? -6.370  8.903   2.201   1.00 39.37  ? 202 PHE A CE2 1 
ATOM   1467 C  CZ  . PHE A 1 202 ? -6.898  7.691   2.651   1.00 31.29  ? 202 PHE A CZ  1 
ATOM   1468 N  N   . LYS A 1 203 ? -5.262  13.709  5.924   1.00 29.86  ? 203 LYS A N   1 
ATOM   1469 C  CA  . LYS A 1 203 ? -5.478  15.085  6.273   1.00 35.08  ? 203 LYS A CA  1 
ATOM   1470 C  C   . LYS A 1 203 ? -6.325  15.500  5.068   1.00 38.14  ? 203 LYS A C   1 
ATOM   1471 O  O   . LYS A 1 203 ? -5.897  15.382  3.907   1.00 33.87  ? 203 LYS A O   1 
ATOM   1472 C  CB  . LYS A 1 203 ? -4.179  15.874  6.351   1.00 40.54  ? 203 LYS A CB  1 
ATOM   1473 C  CG  . LYS A 1 203 ? -4.442  17.310  6.810   1.00 53.96  ? 203 LYS A CG  1 
ATOM   1474 C  CD  . LYS A 1 203 ? -3.188  18.155  6.971   1.00 72.85  ? 203 LYS A CD  1 
ATOM   1475 C  CE  . LYS A 1 203 ? -3.561  19.542  7.504   1.00 82.16  ? 203 LYS A CE  1 
ATOM   1476 N  NZ  . LYS A 1 203 ? -2.402  20.461  7.605   1.00 75.86  ? 203 LYS A NZ  1 
ATOM   1477 N  N   . ILE A 1 204 ? -7.553  15.924  5.328   1.00 27.20  ? 204 ILE A N   1 
ATOM   1478 C  CA  . ILE A 1 204 ? -8.416  16.298  4.236   1.00 29.17  ? 204 ILE A CA  1 
ATOM   1479 C  C   . ILE A 1 204 ? -8.942  17.692  4.379   1.00 31.65  ? 204 ILE A C   1 
ATOM   1480 O  O   . ILE A 1 204 ? -9.507  18.062  5.399   1.00 31.92  ? 204 ILE A O   1 
ATOM   1481 C  CB  . ILE A 1 204 ? -9.644  15.366  4.096   1.00 28.18  ? 204 ILE A CB  1 
ATOM   1482 C  CG1 . ILE A 1 204 ? -9.205  13.903  4.025   1.00 36.44  ? 204 ILE A CG1 1 
ATOM   1483 C  CG2 . ILE A 1 204 ? -10.422 15.735  2.834   1.00 25.09  ? 204 ILE A CG2 1 
ATOM   1484 C  CD1 . ILE A 1 204 ? -10.362 12.874  3.893   1.00 36.04  ? 204 ILE A CD1 1 
ATOM   1485 N  N   . HIS A 1 205 ? -8.756  18.460  3.322   1.00 30.18  ? 205 HIS A N   1 
ATOM   1486 C  CA  . HIS A 1 205 ? -9.253  19.797  3.275   1.00 34.64  ? 205 HIS A CA  1 
ATOM   1487 C  C   . HIS A 1 205 ? -10.340 19.796  2.205   1.00 38.97  ? 205 HIS A C   1 
ATOM   1488 O  O   . HIS A 1 205 ? -10.050 19.592  1.024   1.00 38.07  ? 205 HIS A O   1 
ATOM   1489 C  CB  . HIS A 1 205 ? -8.152  20.790  2.896   1.00 23.80  ? 205 HIS A CB  1 
ATOM   1490 C  CG  . HIS A 1 205 ? -8.672  22.175  2.664   1.00 28.21  ? 205 HIS A CG  1 
ATOM   1491 N  ND1 . HIS A 1 205 ? -9.666  22.728  3.445   1.00 29.24  ? 205 HIS A ND1 1 
ATOM   1492 C  CD2 . HIS A 1 205 ? -8.420  23.077  1.682   1.00 20.90  ? 205 HIS A CD2 1 
ATOM   1493 C  CE1 . HIS A 1 205 ? -10.012 23.905  2.952   1.00 22.01  ? 205 HIS A CE1 1 
ATOM   1494 N  NE2 . HIS A 1 205 ? -9.269  24.135  1.882   1.00 32.90  ? 205 HIS A NE2 1 
ATOM   1495 N  N   . LEU A 1 206 ? -11.591 19.987  2.621   1.00 32.17  ? 206 LEU A N   1 
ATOM   1496 C  CA  . LEU A 1 206 ? -12.700 20.025  1.670   1.00 30.73  ? 206 LEU A CA  1 
ATOM   1497 C  C   . LEU A 1 206 ? -12.830 21.461  1.200   1.00 27.13  ? 206 LEU A C   1 
ATOM   1498 O  O   . LEU A 1 206 ? -13.200 22.357  1.969   1.00 29.34  ? 206 LEU A O   1 
ATOM   1499 C  CB  . LEU A 1 206 ? -14.011 19.551  2.338   1.00 40.90  ? 206 LEU A CB  1 
ATOM   1500 C  CG  . LEU A 1 206 ? -15.365 19.784  1.634   1.00 44.53  ? 206 LEU A CG  1 
ATOM   1501 C  CD1 . LEU A 1 206 ? -15.399 19.049  0.320   1.00 38.37  ? 206 LEU A CD1 1 
ATOM   1502 C  CD2 . LEU A 1 206 ? -16.526 19.323  2.514   1.00 30.29  ? 206 LEU A CD2 1 
ATOM   1503 N  N   . ILE A 1 207 ? -12.547 21.667  -0.074  1.00 34.14  ? 207 ILE A N   1 
ATOM   1504 C  CA  . ILE A 1 207 ? -12.591 22.991  -0.679  1.00 38.91  ? 207 ILE A CA  1 
ATOM   1505 C  C   . ILE A 1 207 ? -14.003 23.428  -1.037  1.00 38.71  ? 207 ILE A C   1 
ATOM   1506 O  O   . ILE A 1 207 ? -14.478 24.505  -0.659  1.00 32.91  ? 207 ILE A O   1 
ATOM   1507 C  CB  . ILE A 1 207 ? -11.726 23.009  -1.940  1.00 38.11  ? 207 ILE A CB  1 
ATOM   1508 C  CG1 . ILE A 1 207 ? -10.277 22.720  -1.548  1.00 32.04  ? 207 ILE A CG1 1 
ATOM   1509 C  CG2 . ILE A 1 207 ? -11.857 24.354  -2.665  1.00 30.74  ? 207 ILE A CG2 1 
ATOM   1510 C  CD1 . ILE A 1 207 ? -9.328  22.467  -2.729  1.00 45.76  ? 207 ILE A CD1 1 
ATOM   1511 N  N   . SER A 1 208 ? -14.700 22.578  -1.752  1.00 34.24  ? 208 SER A N   1 
ATOM   1512 C  CA  . SER A 1 208 ? -16.022 22.970  -2.148  1.00 38.81  ? 208 SER A CA  1 
ATOM   1513 C  C   . SER A 1 208 ? -16.872 21.783  -2.459  1.00 34.65  ? 208 SER A C   1 
ATOM   1514 O  O   . SER A 1 208 ? -16.375 20.704  -2.786  1.00 34.99  ? 208 SER A O   1 
ATOM   1515 C  CB  . SER A 1 208 ? -15.933 23.863  -3.383  1.00 36.53  ? 208 SER A CB  1 
ATOM   1516 O  OG  . SER A 1 208 ? -15.234 23.194  -4.425  1.00 42.51  ? 208 SER A OG  1 
ATOM   1517 N  N   . VAL A 1 209 ? -18.175 22.007  -2.381  1.00 43.43  ? 209 VAL A N   1 
ATOM   1518 C  CA  . VAL A 1 209 ? -19.150 20.981  -2.671  1.00 39.76  ? 209 VAL A CA  1 
ATOM   1519 C  C   . VAL A 1 209 ? -19.964 21.370  -3.899  1.00 42.88  ? 209 VAL A C   1 
ATOM   1520 O  O   . VAL A 1 209 ? -20.560 22.444  -3.959  1.00 46.23  ? 209 VAL A O   1 
ATOM   1521 C  CB  . VAL A 1 209 ? -20.118 20.805  -1.501  1.00 44.26  ? 209 VAL A CB  1 
ATOM   1522 C  CG1 . VAL A 1 209 ? -21.140 19.747  -1.853  1.00 43.25  ? 209 VAL A CG1 1 
ATOM   1523 C  CG2 . VAL A 1 209 ? -19.348 20.437  -0.230  1.00 42.00  ? 209 VAL A CG2 1 
ATOM   1524 N  N   . LYS A 1 210 ? -19.990 20.476  -4.872  1.00 47.98  ? 210 LYS A N   1 
ATOM   1525 C  CA  . LYS A 1 210 ? -20.758 20.651  -6.098  1.00 48.48  ? 210 LYS A CA  1 
ATOM   1526 C  C   . LYS A 1 210 ? -21.986 19.748  -5.924  1.00 61.52  ? 210 LYS A C   1 
ATOM   1527 O  O   . LYS A 1 210 ? -21.929 18.523  -6.140  1.00 47.71  ? 210 LYS A O   1 
ATOM   1528 C  CB  . LYS A 1 210 ? -19.918 20.200  -7.293  1.00 58.86  ? 210 LYS A CB  1 
ATOM   1529 C  CG  . LYS A 1 210 ? -20.493 20.511  -8.651  1.00 54.53  ? 210 LYS A CG  1 
ATOM   1530 C  CD  . LYS A 1 210 ? -19.418 20.256  -9.703  1.00 73.64  ? 210 LYS A CD  1 
ATOM   1531 C  CE  . LYS A 1 210 ? -20.012 19.931  -11.075 1.00 83.04  ? 210 LYS A CE  1 
ATOM   1532 N  NZ  . LYS A 1 210 ? -20.531 18.531  -11.168 1.00 90.64  ? 210 LYS A NZ  1 
ATOM   1533 N  N   . LYS A 1 211 ? -23.079 20.357  -5.486  1.00 65.79  ? 211 LYS A N   1 
ATOM   1534 C  CA  . LYS A 1 211 ? -24.313 19.629  -5.253  1.00 76.56  ? 211 LYS A CA  1 
ATOM   1535 C  C   . LYS A 1 211 ? -24.880 19.138  -6.585  1.00 77.46  ? 211 LYS A C   1 
ATOM   1536 O  O   . LYS A 1 211 ? -26.080 19.200  -6.823  1.00 90.36  ? 211 LYS A O   1 
ATOM   1537 C  CB  . LYS A 1 211 ? -25.320 20.537  -4.524  1.00 78.98  ? 211 LYS A CB  1 
ATOM   1538 C  CG  . LYS A 1 211 ? -26.597 19.853  -4.056  1.00 76.18  ? 211 LYS A CG  1 
ATOM   1539 C  CD  . LYS A 1 211 ? -26.330 18.841  -2.943  1.00 95.83  ? 211 LYS A CD  1 
ATOM   1540 C  CE  . LYS A 1 211 ? -27.579 18.016  -2.631  1.00 90.29  ? 211 LYS A CE  1 
ATOM   1541 N  NZ  . LYS A 1 211 ? -27.362 17.020  -1.546  1.00 85.53  ? 211 LYS A NZ  1 
ATOM   1542 N  N   . SER A 1 212 ? -24.001 18.652  -7.453  1.00 80.29  ? 212 SER A N   1 
ATOM   1543 C  CA  . SER A 1 212 ? -24.407 18.140  -8.752  1.00 93.53  ? 212 SER A CA  1 
ATOM   1544 C  C   . SER A 1 212 ? -24.983 16.736  -8.595  1.00 100.38 ? 212 SER A C   1 
ATOM   1545 O  O   . SER A 1 212 ? -25.866 16.372  -9.408  1.00 100.38 ? 212 SER A O   1 
ATOM   1546 C  CB  . SER A 1 212 ? -23.220 18.087  -9.707  1.00 100.34 ? 212 SER A CB  1 
ATOM   1547 O  OG  . SER A 1 212 ? -22.303 17.083  -9.311  1.00 100.38 ? 212 SER A OG  1 
HETATM 1548 ZN ZN  . ZN  B 2 .   ? -4.688  24.685  -0.447  1.00 55.30  ? 401 ZN  A ZN  1 
HETATM 1549 ZN ZN  . ZN  C 2 .   ? -8.779  26.025  0.751   1.00 49.14  ? 402 ZN  A ZN  1 
HETATM 1550 O  O   . HOH D 3 .   ? -11.005 26.927  0.637   1.00 24.58  ? 403 HOH A O   1 
HETATM 1551 O  O   . HOH D 3 .   ? -2.826  24.307  -1.285  1.00 53.76  ? 404 HOH A O   1 
HETATM 1552 O  O   . HOH D 3 .   ? -4.223  25.368  2.071   1.00 37.54  ? 405 HOH A O   1 
HETATM 1553 O  O   . HOH D 3 .   ? -6.568  26.002  -1.189  1.00 32.42  ? 406 HOH A O   1 
HETATM 1554 O  O   . HOH D 3 .   ? -19.534 6.351   11.678  1.00 30.83  ? 407 HOH A O   1 
HETATM 1555 O  O   . HOH D 3 .   ? -9.557  24.656  6.464   1.00 26.42  ? 408 HOH A O   1 
HETATM 1556 O  O   . HOH D 3 .   ? -27.323 9.211   5.913   1.00 46.65  ? 409 HOH A O   1 
HETATM 1557 O  O   . HOH D 3 .   ? -9.158  -2.271  11.721  1.00 32.64  ? 410 HOH A O   1 
HETATM 1558 O  O   . HOH D 3 .   ? -6.699  -0.020  3.914   1.00 38.59  ? 411 HOH A O   1 
HETATM 1559 O  O   . HOH D 3 .   ? -11.278 -0.030  15.621  1.00 52.06  ? 412 HOH A O   1 
HETATM 1560 O  O   . HOH D 3 .   ? -11.957 -3.018  15.531  1.00 54.34  ? 413 HOH A O   1 
HETATM 1561 O  O   . HOH D 3 .   ? -2.944  -1.181  10.015  1.00 39.93  ? 414 HOH A O   1 
HETATM 1562 O  O   . HOH D 3 .   ? -5.691  -1.995  10.577  1.00 34.98  ? 415 HOH A O   1 
HETATM 1563 O  O   . HOH D 3 .   ? -0.743  1.639   8.277   1.00 51.32  ? 416 HOH A O   1 
HETATM 1564 O  O   . HOH D 3 .   ? -12.431 28.143  11.292  1.00 38.47  ? 417 HOH A O   1 
HETATM 1565 O  O   . HOH D 3 .   ? -14.197 18.304  17.312  1.00 40.73  ? 418 HOH A O   1 
HETATM 1566 O  O   . HOH D 3 .   ? -16.600 17.747  15.873  1.00 41.46  ? 419 HOH A O   1 
HETATM 1567 O  O   . HOH D 3 .   ? -10.048 5.356   -2.826  1.00 79.36  ? 420 HOH A O   1 
HETATM 1568 O  O   . HOH D 3 .   ? -12.770 3.555   -3.673  1.00 73.19  ? 421 HOH A O   1 
HETATM 1569 O  O   . HOH D 3 .   ? -11.812 18.029  16.581  1.00 39.78  ? 422 HOH A O   1 
HETATM 1570 O  O   . HOH D 3 .   ? -11.979 3.618   16.321  1.00 32.87  ? 423 HOH A O   1 
HETATM 1571 O  O   . HOH D 3 .   ? -5.878  -2.565  3.504   1.00 36.61  ? 424 HOH A O   1 
HETATM 1572 O  O   . HOH D 3 .   ? -21.016 25.643  0.757   1.00 50.46  ? 425 HOH A O   1 
HETATM 1573 O  O   . HOH D 3 .   ? -18.442 24.494  -2.099  1.00 36.25  ? 426 HOH A O   1 
HETATM 1574 O  O   . HOH D 3 .   ? -16.582 31.121  9.456   1.00 46.34  ? 427 HOH A O   1 
HETATM 1575 O  O   . HOH D 3 .   ? -2.261  8.835   17.063  1.00 45.93  ? 428 HOH A O   1 
HETATM 1576 O  O   . HOH D 3 .   ? -18.909 -0.281  3.298   1.00 32.83  ? 429 HOH A O   1 
HETATM 1577 O  O   . HOH D 3 .   ? -1.116  22.820  1.144   1.00 48.77  ? 430 HOH A O   1 
HETATM 1578 O  O   . HOH D 3 .   ? -19.399 2.849   7.624   1.00 35.23  ? 431 HOH A O   1 
HETATM 1579 O  O   . HOH D 3 .   ? -9.870  7.798   -1.422  1.00 49.44  ? 432 HOH A O   1 
HETATM 1580 O  O   . HOH D 3 .   ? -24.232 15.336  4.300   1.00 39.06  ? 433 HOH A O   1 
HETATM 1581 O  O   . HOH D 3 .   ? -5.797  23.213  5.015   1.00 37.63  ? 434 HOH A O   1 
HETATM 1582 O  O   . HOH D 3 .   ? -2.356  19.961  -2.246  1.00 43.10  ? 435 HOH A O   1 
HETATM 1583 O  O   . HOH D 3 .   ? -4.745  -14.007 7.289   1.00 59.28  ? 436 HOH A O   1 
HETATM 1584 O  O   . HOH D 3 .   ? -19.404 25.011  10.831  1.00 58.38  ? 437 HOH A O   1 
HETATM 1585 O  O   . HOH D 3 .   ? -21.171 14.532  -8.077  1.00 71.25  ? 438 HOH A O   1 
HETATM 1586 O  O   . HOH D 3 .   ? -20.824 10.160  8.950   1.00 31.96  ? 439 HOH A O   1 
HETATM 1587 O  O   . HOH D 3 .   ? -16.563 26.175  -0.813  1.00 29.69  ? 440 HOH A O   1 
HETATM 1588 O  O   . HOH D 3 .   ? -5.702  12.356  -5.897  1.00 55.22  ? 441 HOH A O   1 
HETATM 1589 O  O   . HOH D 3 .   ? -5.928  23.403  14.993  1.00 44.43  ? 442 HOH A O   1 
HETATM 1590 O  O   . HOH D 3 .   ? -21.951 10.527  13.051  1.00 35.66  ? 443 HOH A O   1 
HETATM 1591 O  O   . HOH D 3 .   ? -10.498 20.098  18.051  1.00 53.05  ? 444 HOH A O   1 
HETATM 1592 O  O   . HOH D 3 .   ? -10.671 27.229  -3.226  1.00 41.37  ? 445 HOH A O   1 
HETATM 1593 O  O   . HOH D 3 .   ? 2.570   -0.011  7.165   1.00 59.71  ? 446 HOH A O   1 
HETATM 1594 O  O   . HOH D 3 .   ? -18.474 27.168  0.992   1.00 35.37  ? 447 HOH A O   1 
HETATM 1595 O  O   . HOH D 3 .   ? -20.614 9.157   11.270  1.00 47.15  ? 448 HOH A O   1 
HETATM 1596 O  O   . HOH D 3 .   ? -19.868 17.704  11.546  1.00 62.94  ? 449 HOH A O   1 
HETATM 1597 O  O   . HOH D 3 .   ? -2.584  -2.181  22.283  1.00 59.86  ? 450 HOH A O   1 
HETATM 1598 O  O   . HOH D 3 .   ? -5.873  -14.723 10.701  1.00 71.93  ? 451 HOH A O   1 
HETATM 1599 O  O   . HOH D 3 .   ? -12.515 -2.020  10.107  1.00 53.15  ? 452 HOH A O   1 
HETATM 1600 O  O   . HOH D 3 .   ? 1.212   8.801   10.334  1.00 52.14  ? 453 HOH A O   1 
HETATM 1601 O  O   . HOH D 3 .   ? -2.784  5.758   25.243  1.00 81.18  ? 454 HOH A O   1 
HETATM 1602 O  O   . HOH D 3 .   ? 3.232   -11.758 0.086   1.00 56.14  ? 455 HOH A O   1 
HETATM 1603 O  O   . HOH D 3 .   ? -1.204  10.124  13.871  1.00 53.75  ? 456 HOH A O   1 
HETATM 1604 O  O   . HOH D 3 .   ? -4.612  18.818  19.010  1.00 62.14  ? 457 HOH A O   1 
HETATM 1605 O  O   . HOH D 3 .   ? -21.447 20.595  11.986  1.00 51.67  ? 458 HOH A O   1 
HETATM 1606 O  O   . HOH D 3 .   ? -9.953  -4.959  6.991   1.00 48.70  ? 459 HOH A O   1 
HETATM 1607 O  O   . HOH D 3 .   ? -6.301  20.519  16.101  1.00 40.02  ? 460 HOH A O   1 
HETATM 1608 O  O   . HOH D 3 .   ? 2.557   1.826   8.863   1.00 46.76  ? 461 HOH A O   1 
HETATM 1609 O  O   . HOH D 3 .   ? -23.108 10.897  10.026  1.00 44.73  ? 462 HOH A O   1 
HETATM 1610 O  O   . HOH D 3 .   ? -3.073  1.281   22.161  1.00 55.02  ? 463 HOH A O   1 
HETATM 1611 O  O   . HOH D 3 .   ? -4.994  22.044  2.494   1.00 43.29  ? 464 HOH A O   1 
HETATM 1612 O  O   . HOH D 3 .   ? -3.728  23.635  13.629  1.00 50.25  ? 465 HOH A O   1 
HETATM 1613 O  O   . HOH D 3 .   ? -21.382 10.986  -4.545  1.00 63.97  ? 466 HOH A O   1 
HETATM 1614 O  O   . HOH D 3 .   ? -3.143  6.463   18.334  1.00 58.44  ? 467 HOH A O   1 
HETATM 1615 O  O   . HOH D 3 .   ? -13.596 -4.413  11.539  1.00 40.12  ? 468 HOH A O   1 
HETATM 1616 O  O   . HOH D 3 .   ? -10.235 -8.473  9.216   1.00 48.78  ? 469 HOH A O   1 
HETATM 1617 O  O   . HOH D 3 .   ? -15.603 27.916  -2.696  1.00 49.13  ? 470 HOH A O   1 
HETATM 1618 O  O   . HOH D 3 .   ? -22.742 28.164  2.418   1.00 55.00  ? 471 HOH A O   1 
HETATM 1619 O  O   . HOH D 3 .   ? -25.952 12.365  7.371   1.00 89.19  ? 472 HOH A O   1 
HETATM 1620 O  O   . HOH D 3 .   ? -27.765 17.180  -8.829  1.00 62.89  ? 473 HOH A O   1 
HETATM 1621 O  O   . HOH D 3 .   ? -15.125 20.893  10.970  1.00 59.24  ? 474 HOH A O   1 
HETATM 1622 O  O   . HOH D 3 .   ? 0.434   -0.425  10.195  1.00 60.94  ? 475 HOH A O   1 
HETATM 1623 O  O   . HOH D 3 .   ? -4.576  12.389  17.083  1.00 59.38  ? 476 HOH A O   1 
HETATM 1624 O  O   . HOH D 3 .   ? -11.022 22.393  16.557  1.00 56.11  ? 477 HOH A O   1 
HETATM 1625 O  O   . HOH D 3 .   ? -7.016  20.551  18.685  1.00 72.42  ? 478 HOH A O   1 
HETATM 1626 O  O   . HOH D 3 .   ? -26.855 12.465  2.244   1.00 54.21  ? 479 HOH A O   1 
HETATM 1627 O  O   . HOH D 3 .   ? -10.229 12.348  -8.696  1.00 68.08  ? 480 HOH A O   1 
HETATM 1628 O  O   . HOH D 3 .   ? -14.624 -1.556  3.216   1.00 51.90  ? 481 HOH A O   1 
HETATM 1629 O  O   . HOH D 3 .   ? -23.936 15.413  8.261   1.00 51.67  ? 482 HOH A O   1 
HETATM 1630 O  O   . HOH D 3 .   ? -1.481  12.197  6.275   1.00 55.83  ? 483 HOH A O   1 
HETATM 1631 O  O   . HOH D 3 .   ? -24.023 11.969  11.726  1.00 54.07  ? 484 HOH A O   1 
HETATM 1632 O  O   . HOH D 3 .   ? -13.037 27.463  -3.953  1.00 51.69  ? 485 HOH A O   1 
HETATM 1633 O  O   . HOH D 3 .   ? -26.350 13.676  -2.051  1.00 64.55  ? 486 HOH A O   1 
HETATM 1634 O  O   . HOH D 3 .   ? -21.515 9.294   17.735  1.00 59.43  ? 487 HOH A O   1 
HETATM 1635 O  O   . HOH D 3 .   ? -15.248 10.233  21.060  1.00 68.72  ? 488 HOH A O   1 
HETATM 1636 O  O   . HOH D 3 .   ? -1.225  23.384  3.469   1.00 55.26  ? 489 HOH A O   1 
HETATM 1637 O  O   . HOH D 3 .   ? -22.774 9.756   15.334  1.00 52.37  ? 490 HOH A O   1 
HETATM 1638 O  O   . HOH D 3 .   ? -17.569 -0.474  4.711   1.00 34.68  ? 491 HOH A O   1 
HETATM 1639 O  O   . HOH D 3 .   ? -17.355 -1.265  2.444   1.00 44.92  ? 492 HOH A O   1 
HETATM 1640 O  O   . HOH D 3 .   ? -27.051 9.327   8.268   1.00 44.28  ? 493 HOH A O   1 
HETATM 1641 O  O   . HOH D 3 .   ? -18.618 6.094   18.696  1.00 85.97  ? 494 HOH A O   1 
HETATM 1642 O  O   . HOH D 3 .   ? -22.320 23.204  7.543   1.00 46.49  ? 495 HOH A O   1 
HETATM 1643 O  O   . HOH D 3 .   ? -25.510 13.077  4.461   1.00 45.10  ? 496 HOH A O   1 
HETATM 1644 O  O   . HOH D 3 .   ? -19.335 29.058  2.872   1.00 54.35  ? 497 HOH A O   1 
HETATM 1645 O  O   . HOH D 3 .   ? -2.174  12.465  15.368  1.00 68.14  ? 498 HOH A O   1 
# 
